data_8F24
# 
_entry.id   8F24 
# 
_audit_conform.dict_name       mmcif_pdbx.dic 
_audit_conform.dict_version    5.390 
_audit_conform.dict_location   http://mmcif.pdb.org/dictionaries/ascii/mmcif_pdbx.dic 
# 
loop_
_database_2.database_id 
_database_2.database_code 
_database_2.pdbx_database_accession 
_database_2.pdbx_DOI 
PDB   8F24         pdb_00008f24 10.2210/pdb8f24/pdb 
WWPDB D_1000269878 ?            ?                   
# 
loop_
_pdbx_audit_revision_history.ordinal 
_pdbx_audit_revision_history.data_content_type 
_pdbx_audit_revision_history.major_revision 
_pdbx_audit_revision_history.minor_revision 
_pdbx_audit_revision_history.revision_date 
1 'Structure model' 1 0 2023-04-12 
2 'Structure model' 1 1 2023-06-28 
3 'Structure model' 1 2 2023-10-25 
4 'Structure model' 2 0 2024-04-17 
# 
_pdbx_audit_revision_details.ordinal             1 
_pdbx_audit_revision_details.revision_ordinal    1 
_pdbx_audit_revision_details.data_content_type   'Structure model' 
_pdbx_audit_revision_details.provider            repository 
_pdbx_audit_revision_details.type                'Initial release' 
_pdbx_audit_revision_details.description         ? 
_pdbx_audit_revision_details.details             ? 
# 
loop_
_pdbx_audit_revision_group.ordinal 
_pdbx_audit_revision_group.revision_ordinal 
_pdbx_audit_revision_group.data_content_type 
_pdbx_audit_revision_group.group 
1 2 'Structure model' 'Database references'    
2 3 'Structure model' 'Data collection'        
3 3 'Structure model' 'Refinement description' 
4 4 'Structure model' Advisory                 
5 4 'Structure model' 'Data collection'        
6 4 'Structure model' 'Polymer sequence'       
7 4 'Structure model' 'Structure summary'      
# 
loop_
_pdbx_audit_revision_category.ordinal 
_pdbx_audit_revision_category.revision_ordinal 
_pdbx_audit_revision_category.data_content_type 
_pdbx_audit_revision_category.category 
1 2 'Structure model' citation                      
2 2 'Structure model' citation_author               
3 3 'Structure model' chem_comp_atom                
4 3 'Structure model' chem_comp_bond                
5 3 'Structure model' pdbx_initial_refinement_model 
6 4 'Structure model' entity                        
7 4 'Structure model' entity_poly                   
8 4 'Structure model' pdbx_unobs_or_zero_occ_atoms  
9 4 'Structure model' pdbx_validate_rmsd_angle      
# 
loop_
_pdbx_audit_revision_item.ordinal 
_pdbx_audit_revision_item.revision_ordinal 
_pdbx_audit_revision_item.data_content_type 
_pdbx_audit_revision_item.item 
1 2 'Structure model' '_citation.journal_volume'          
2 2 'Structure model' '_citation.title'                   
3 2 'Structure model' '_citation_author.identifier_ORCID' 
4 4 'Structure model' '_entity.formula_weight'            
5 4 'Structure model' '_entity_poly.type'                 
# 
_pdbx_database_status.status_code                     REL 
_pdbx_database_status.status_code_sf                  REL 
_pdbx_database_status.status_code_mr                  ? 
_pdbx_database_status.entry_id                        8F24 
_pdbx_database_status.recvd_initial_deposition_date   2022-11-07 
_pdbx_database_status.SG_entry                        N 
_pdbx_database_status.deposit_site                    RCSB 
_pdbx_database_status.process_site                    RCSB 
_pdbx_database_status.status_code_cs                  ? 
_pdbx_database_status.status_code_nmr_data            ? 
_pdbx_database_status.methods_development_category    ? 
_pdbx_database_status.pdb_format_compatible           Y 
# 
_pdbx_contact_author.id                 2 
_pdbx_contact_author.email              wz15@iu.edu 
_pdbx_contact_author.name_first         Wen 
_pdbx_contact_author.name_last          Zhang 
_pdbx_contact_author.name_mi            ? 
_pdbx_contact_author.role               'principal investigator/group leader' 
_pdbx_contact_author.identifier_ORCID   0000-0003-4811-4384 
# 
loop_
_audit_author.name 
_audit_author.pdbx_ordinal 
_audit_author.identifier_ORCID 
'Dantsu, Y.' 1 0000-0001-6774-8724 
'Zhang, W.'  2 0000-0003-4811-4384 
# 
_citation.abstract                  ? 
_citation.abstract_id_CAS           ? 
_citation.book_id_ISBN              ? 
_citation.book_publisher            ? 
_citation.book_publisher_city       ? 
_citation.book_title                ? 
_citation.coordinate_linkage        ? 
_citation.country                   GE 
_citation.database_id_Medline       ? 
_citation.details                   ? 
_citation.id                        primary 
_citation.journal_abbrev            Chembiochem 
_citation.journal_id_ASTM           ? 
_citation.journal_id_CSD            ? 
_citation.journal_id_ISSN           1439-7633 
_citation.journal_full              ? 
_citation.journal_issue             ? 
_citation.journal_volume            24 
_citation.language                  ? 
_citation.page_first                e202200764 
_citation.page_last                 e202200764 
_citation.title                     
;Derivatization of Mirror-Image l-Nucleic Acids with 2'-OMe Modification for Thermal and Structural Stabilization.
;
_citation.year                      2023 
_citation.database_id_CSD           ? 
_citation.pdbx_database_id_DOI      10.1002/cbic.202200764 
_citation.pdbx_database_id_PubMed   36892526 
_citation.pdbx_database_id_patent   ? 
_citation.unpublished_flag          ? 
# 
loop_
_citation_author.citation_id 
_citation_author.name 
_citation_author.ordinal 
_citation_author.identifier_ORCID 
primary 'Dantsu, Y.' 1 0000-0001-6774-8724 
primary 'Zhang, W.'  2 0000-0003-4811-4384 
# 
loop_
_entity.id 
_entity.type 
_entity.src_method 
_entity.pdbx_description 
_entity.formula_weight 
_entity.pdbx_number_of_molecules 
_entity.pdbx_ec 
_entity.pdbx_mutation 
_entity.pdbx_fragment 
_entity.details 
1 polymer     syn 'Mirror-image RNA 0G-XEC-0G-0U-0A-0C-0A-0C' 2540.588 6  ? ? ? ? 
2 non-polymer syn 'SULFATE ION'                               96.063   5  ? ? ? ? 
3 water       nat water                                       18.015   19 ? ? ? ? 
# 
_entity_poly.entity_id                      1 
_entity_poly.type                           polyribonucleotide 
_entity_poly.nstd_linkage                   no 
_entity_poly.nstd_monomer                   yes 
_entity_poly.pdbx_seq_one_letter_code       '(0G)(XEC)(0G)(0U)(0A)(0C)(0A)(0C)' 
_entity_poly.pdbx_seq_one_letter_code_can   GXGUXCXC 
_entity_poly.pdbx_strand_id                 C,A,E,D,B,F 
_entity_poly.pdbx_target_identifier         ? 
# 
loop_
_pdbx_entity_nonpoly.entity_id 
_pdbx_entity_nonpoly.name 
_pdbx_entity_nonpoly.comp_id 
2 'SULFATE ION' SO4 
3 water         HOH 
# 
loop_
_entity_poly_seq.entity_id 
_entity_poly_seq.num 
_entity_poly_seq.mon_id 
_entity_poly_seq.hetero 
1 1 0G  n 
1 2 XEC n 
1 3 0G  n 
1 4 0U  n 
1 5 0A  n 
1 6 0C  n 
1 7 0A  n 
1 8 0C  n 
# 
_pdbx_entity_src_syn.entity_id              1 
_pdbx_entity_src_syn.pdbx_src_id            1 
_pdbx_entity_src_syn.pdbx_alt_source_flag   sample 
_pdbx_entity_src_syn.pdbx_beg_seq_num       1 
_pdbx_entity_src_syn.pdbx_end_seq_num       8 
_pdbx_entity_src_syn.organism_scientific    'synthetic construct' 
_pdbx_entity_src_syn.organism_common_name   ? 
_pdbx_entity_src_syn.ncbi_taxonomy_id       32630 
_pdbx_entity_src_syn.details                ? 
# 
loop_
_chem_comp.id 
_chem_comp.type 
_chem_comp.mon_nstd_flag 
_chem_comp.name 
_chem_comp.pdbx_synonyms 
_chem_comp.formula 
_chem_comp.formula_weight 
0A  'L-RNA linking' . "L-ADENOSINE-5'-MONOPHOSPHATE"                                                 ? 'C10 H14 N5 O7 P' 347.221 
0C  'L-RNA linking' . "L-CYTIDINE-5'-MONOPHOSPHATE"                                                  ? 'C9 H14 N3 O8 P'  323.197 
0G  'L-RNA linking' . "L-GUANOSINE-5'-MONOPHOSPHATE"                                                 ? 'C10 H14 N5 O8 P' 363.221 
0U  'L-RNA linking' . "L-URIDINE-5'-MONOPHOSPHATE"                                                   ? 'C9 H13 N2 O9 P'  324.181 
HOH non-polymer     . WATER                                                                          ? 'H2 O'            18.015  
SO4 non-polymer     . 'SULFATE ION'                                                                  ? 'O4 S -2'         96.063  
XEC 'RNA linking'   . '1-(2-O-methyl-5-O-phosphono-beta-L-ribofuranosyl)pyrimidine-2,4(1H,3H)-dione' ? 'C10 H15 N2 O9 P' 338.208 
# 
loop_
_pdbx_poly_seq_scheme.asym_id 
_pdbx_poly_seq_scheme.entity_id 
_pdbx_poly_seq_scheme.seq_id 
_pdbx_poly_seq_scheme.mon_id 
_pdbx_poly_seq_scheme.ndb_seq_num 
_pdbx_poly_seq_scheme.pdb_seq_num 
_pdbx_poly_seq_scheme.auth_seq_num 
_pdbx_poly_seq_scheme.pdb_mon_id 
_pdbx_poly_seq_scheme.auth_mon_id 
_pdbx_poly_seq_scheme.pdb_strand_id 
_pdbx_poly_seq_scheme.pdb_ins_code 
_pdbx_poly_seq_scheme.hetero 
A 1 1 0G  1 1  1 0G  0RG C . n 
A 1 2 XEC 2 2  2 XEC 0MU C . n 
A 1 3 0G  3 3  3 0G  0RG C . n 
A 1 4 0U  4 4  4 0U  0RU C . n 
A 1 5 0A  5 5  5 0A  0RA C . n 
A 1 6 0C  6 6  6 0C  0RC C . n 
A 1 7 0A  7 7  7 0A  0RA C . n 
A 1 8 0C  8 8  8 0C  0RC C . n 
B 1 1 0G  1 9  1 0G  0RG A . n 
B 1 2 XEC 2 10 2 XEC 0MU A . n 
B 1 3 0G  3 11 3 0G  0RG A . n 
B 1 4 0U  4 12 4 0U  0RU A . n 
B 1 5 0A  5 13 5 0A  0RA A . n 
B 1 6 0C  6 14 6 0C  0RC A . n 
B 1 7 0A  7 15 7 0A  0RA A . n 
B 1 8 0C  8 16 8 0C  0RC A . n 
C 1 1 0G  1 17 1 0G  0RG E . n 
C 1 2 XEC 2 18 2 XEC 0RU E . n 
C 1 3 0G  3 19 3 0G  0RG E . n 
C 1 4 0U  4 20 4 0U  0RU E . n 
C 1 5 0A  5 21 5 0A  0RA E . n 
C 1 6 0C  6 22 ? ?   ?   E . n 
C 1 7 0A  7 23 ? ?   ?   E . n 
C 1 8 0C  8 24 ? ?   ?   E . n 
D 1 1 0G  1 1  1 0G  0RG D . n 
D 1 2 XEC 2 2  2 XEC 0MU D . n 
D 1 3 0G  3 3  3 0G  0RG D . n 
D 1 4 0U  4 4  4 0U  0RU D . n 
D 1 5 0A  5 5  5 0A  0RA D . n 
D 1 6 0C  6 6  6 0C  0RC D . n 
D 1 7 0A  7 7  7 0A  0RA D . n 
D 1 8 0C  8 8  8 0C  0RC D . n 
E 1 1 0G  1 9  1 0G  0RG B . n 
E 1 2 XEC 2 10 2 XEC 0MU B . n 
E 1 3 0G  3 11 3 0G  0RG B . n 
E 1 4 0U  4 12 4 0U  0RU B . n 
E 1 5 0A  5 13 5 0A  0RA B . n 
E 1 6 0C  6 14 6 0C  0RC B . n 
E 1 7 0A  7 15 7 0A  0RA B . n 
E 1 8 0C  8 16 8 0C  0RC B . n 
F 1 1 0G  1 15 ? ?   ?   F . n 
F 1 2 XEC 2 16 ? ?   ?   F . n 
F 1 3 0G  3 17 3 0G  0RG F . n 
F 1 4 0U  4 18 4 0U  0RU F . n 
F 1 5 0A  5 19 5 0A  0RA F . n 
F 1 6 0C  6 20 6 0C  0RC F . n 
F 1 7 0A  7 21 7 0A  0RA F . n 
F 1 8 0C  8 22 8 0C  0RC F . n 
# 
loop_
_pdbx_nonpoly_scheme.asym_id 
_pdbx_nonpoly_scheme.entity_id 
_pdbx_nonpoly_scheme.mon_id 
_pdbx_nonpoly_scheme.ndb_seq_num 
_pdbx_nonpoly_scheme.pdb_seq_num 
_pdbx_nonpoly_scheme.auth_seq_num 
_pdbx_nonpoly_scheme.pdb_mon_id 
_pdbx_nonpoly_scheme.auth_mon_id 
_pdbx_nonpoly_scheme.pdb_strand_id 
_pdbx_nonpoly_scheme.pdb_ins_code 
G 2 SO4 1 101 21 SO4 SO4 A . 
H 2 SO4 1 101 19 SO4 SO4 B . 
I 2 SO4 1 101 22 SO4 SO4 F . 
J 2 SO4 1 102 23 SO4 SO4 F . 
K 2 SO4 1 103 24 SO4 SO4 F . 
L 3 HOH 1 101 2  HOH HOH C . 
L 3 HOH 2 102 3  HOH HOH C . 
L 3 HOH 3 103 27 HOH HOH C . 
M 3 HOH 1 201 37 HOH HOH A . 
M 3 HOH 2 202 26 HOH HOH A . 
M 3 HOH 3 203 5  HOH HOH A . 
M 3 HOH 4 204 9  HOH HOH A . 
M 3 HOH 5 205 52 HOH HOH A . 
M 3 HOH 6 206 21 HOH HOH A . 
N 3 HOH 1 101 51 HOH HOH E . 
O 3 HOH 1 101 1  HOH HOH D . 
P 3 HOH 1 201 44 HOH HOH B . 
Q 3 HOH 1 201 16 HOH HOH F . 
Q 3 HOH 2 202 8  HOH HOH F . 
Q 3 HOH 3 203 7  HOH HOH F . 
Q 3 HOH 4 204 50 HOH HOH F . 
Q 3 HOH 5 205 14 HOH HOH F . 
Q 3 HOH 6 206 15 HOH HOH F . 
Q 3 HOH 7 207 25 HOH HOH F . 
# 
loop_
_pdbx_unobs_or_zero_occ_atoms.id 
_pdbx_unobs_or_zero_occ_atoms.PDB_model_num 
_pdbx_unobs_or_zero_occ_atoms.polymer_flag 
_pdbx_unobs_or_zero_occ_atoms.occupancy_flag 
_pdbx_unobs_or_zero_occ_atoms.auth_asym_id 
_pdbx_unobs_or_zero_occ_atoms.auth_comp_id 
_pdbx_unobs_or_zero_occ_atoms.auth_seq_id 
_pdbx_unobs_or_zero_occ_atoms.PDB_ins_code 
_pdbx_unobs_or_zero_occ_atoms.auth_atom_id 
_pdbx_unobs_or_zero_occ_atoms.label_alt_id 
_pdbx_unobs_or_zero_occ_atoms.label_asym_id 
_pdbx_unobs_or_zero_occ_atoms.label_comp_id 
_pdbx_unobs_or_zero_occ_atoms.label_seq_id 
_pdbx_unobs_or_zero_occ_atoms.label_atom_id 
1  1 Y 1 E XEC 18 ? CM2   ? C XEC 2 CM2   
2  1 Y 1 E 0A  21 ? N1    ? C 0A  5 N1    
3  1 Y 1 E 0A  21 ? C2    ? C 0A  5 C2    
4  1 Y 1 E 0A  21 ? N3    ? C 0A  5 N3    
5  1 Y 1 E 0A  21 ? C4    ? C 0A  5 C4    
6  1 Y 1 E 0A  21 ? C5    ? C 0A  5 C5    
7  1 Y 1 E 0A  21 ? C6    ? C 0A  5 C6    
8  1 Y 1 E 0A  21 ? N6    ? C 0A  5 N6    
9  1 Y 1 E 0A  21 ? N7    ? C 0A  5 N7    
10 1 Y 1 E 0A  21 ? C8    ? C 0A  5 C8    
11 1 Y 1 E 0A  21 ? N9    ? C 0A  5 N9    
12 1 Y 1 E 0A  21 ? "C1'" ? C 0A  5 "C1'" 
13 1 Y 1 E 0A  21 ? "C2'" ? C 0A  5 "C2'" 
14 1 Y 1 E 0A  21 ? "O2'" ? C 0A  5 "O2'" 
15 1 Y 1 E 0A  21 ? "C3'" ? C 0A  5 "C3'" 
16 1 Y 1 E 0A  21 ? "O3'" ? C 0A  5 "O3'" 
17 1 Y 1 E 0A  21 ? "C4'" ? C 0A  5 "C4'" 
18 1 Y 1 E 0A  21 ? "O4'" ? C 0A  5 "O4'" 
19 1 Y 1 E 0A  21 ? "C5'" ? C 0A  5 "C5'" 
# 
loop_
_software.citation_id 
_software.classification 
_software.compiler_name 
_software.compiler_version 
_software.contact_author 
_software.contact_author_email 
_software.date 
_software.description 
_software.dependencies 
_software.hardware 
_software.language 
_software.location 
_software.mods 
_software.name 
_software.os 
_software.os_version 
_software.type 
_software.version 
_software.pdbx_ordinal 
? refinement       ? ? ? ? ? ? ? ? ? ? ? REFMAC   ? ? ? 5.8.0267 1 
? 'data reduction' ? ? ? ? ? ? ? ? ? ? ? HKL-2000 ? ? ? .        2 
? 'data scaling'   ? ? ? ? ? ? ? ? ? ? ? HKL-2000 ? ? ? .        3 
? phasing          ? ? ? ? ? ? ? ? ? ? ? PHASER   ? ? ? .        4 
# 
_cell.angle_alpha                  90.00 
_cell.angle_alpha_esd              ? 
_cell.angle_beta                   90.00 
_cell.angle_beta_esd               ? 
_cell.angle_gamma                  120.00 
_cell.angle_gamma_esd              ? 
_cell.entry_id                     8F24 
_cell.details                      ? 
_cell.formula_units_Z              ? 
_cell.length_a                     47.070 
_cell.length_a_esd                 ? 
_cell.length_b                     47.070 
_cell.length_b_esd                 ? 
_cell.length_c                     365.810 
_cell.length_c_esd                 ? 
_cell.volume                       ? 
_cell.volume_esd                   ? 
_cell.Z_PDB                        108 
_cell.reciprocal_angle_alpha       ? 
_cell.reciprocal_angle_beta        ? 
_cell.reciprocal_angle_gamma       ? 
_cell.reciprocal_angle_alpha_esd   ? 
_cell.reciprocal_angle_beta_esd    ? 
_cell.reciprocal_angle_gamma_esd   ? 
_cell.reciprocal_length_a          ? 
_cell.reciprocal_length_b          ? 
_cell.reciprocal_length_c          ? 
_cell.reciprocal_length_a_esd      ? 
_cell.reciprocal_length_b_esd      ? 
_cell.reciprocal_length_c_esd      ? 
_cell.pdbx_unique_axis             ? 
_cell.pdbx_esd_method              ? 
# 
_symmetry.entry_id                         8F24 
_symmetry.cell_setting                     ? 
_symmetry.Int_Tables_number                155 
_symmetry.space_group_name_Hall            ? 
_symmetry.space_group_name_H-M             'H 3 2' 
_symmetry.pdbx_full_space_group_name_H-M   ? 
# 
_exptl.absorpt_coefficient_mu     ? 
_exptl.absorpt_correction_T_max   ? 
_exptl.absorpt_correction_T_min   ? 
_exptl.absorpt_correction_type    ? 
_exptl.absorpt_process_details    ? 
_exptl.entry_id                   8F24 
_exptl.crystals_number            1 
_exptl.details                    ? 
_exptl.method                     'X-RAY DIFFRACTION' 
_exptl.method_details             ? 
# 
_exptl_crystal.colour                       ? 
_exptl_crystal.density_diffrn               ? 
_exptl_crystal.density_Matthews             2.66 
_exptl_crystal.density_method               ? 
_exptl_crystal.density_percent_sol          53.73 
_exptl_crystal.description                  'diamond shape' 
_exptl_crystal.F_000                        ? 
_exptl_crystal.id                           1 
_exptl_crystal.preparation                  ? 
_exptl_crystal.size_max                     ? 
_exptl_crystal.size_mid                     ? 
_exptl_crystal.size_min                     ? 
_exptl_crystal.size_rad                     ? 
_exptl_crystal.colour_lustre                ? 
_exptl_crystal.colour_modifier              ? 
_exptl_crystal.colour_primary               ? 
_exptl_crystal.density_meas                 ? 
_exptl_crystal.density_meas_esd             ? 
_exptl_crystal.density_meas_gt              ? 
_exptl_crystal.density_meas_lt              ? 
_exptl_crystal.density_meas_temp            ? 
_exptl_crystal.density_meas_temp_esd        ? 
_exptl_crystal.density_meas_temp_gt         ? 
_exptl_crystal.density_meas_temp_lt         ? 
_exptl_crystal.pdbx_crystal_image_url       ? 
_exptl_crystal.pdbx_crystal_image_format    ? 
_exptl_crystal.pdbx_mosaicity               ? 
_exptl_crystal.pdbx_mosaicity_esd           ? 
_exptl_crystal.pdbx_mosaic_method           ? 
_exptl_crystal.pdbx_mosaic_block_size       ? 
_exptl_crystal.pdbx_mosaic_block_size_esd   ? 
# 
_exptl_crystal_grow.apparatus       ? 
_exptl_crystal_grow.atmosphere      ? 
_exptl_crystal_grow.crystal_id      1 
_exptl_crystal_grow.details         ? 
_exptl_crystal_grow.method          'VAPOR DIFFUSION, HANGING DROP' 
_exptl_crystal_grow.method_ref      ? 
_exptl_crystal_grow.pH              ? 
_exptl_crystal_grow.pressure        ? 
_exptl_crystal_grow.pressure_esd    ? 
_exptl_crystal_grow.seeding         ? 
_exptl_crystal_grow.seeding_ref     ? 
_exptl_crystal_grow.temp            293 
_exptl_crystal_grow.temp_details    ? 
_exptl_crystal_grow.temp_esd        ? 
_exptl_crystal_grow.time            ? 
_exptl_crystal_grow.pdbx_details    '2.0 M Ammonium sulfate, 0.1 M HEPES sodium pH 7.5, 2% v/v Polyethylene glycol 400' 
_exptl_crystal_grow.pdbx_pH_range   ? 
# 
_diffrn.ambient_environment              ? 
_diffrn.ambient_temp                     99 
_diffrn.ambient_temp_details             ? 
_diffrn.ambient_temp_esd                 ? 
_diffrn.crystal_id                       1 
_diffrn.crystal_support                  ? 
_diffrn.crystal_treatment                ? 
_diffrn.details                          ? 
_diffrn.id                               1 
_diffrn.ambient_pressure                 ? 
_diffrn.ambient_pressure_esd             ? 
_diffrn.ambient_pressure_gt              ? 
_diffrn.ambient_pressure_lt              ? 
_diffrn.ambient_temp_gt                  ? 
_diffrn.ambient_temp_lt                  ? 
_diffrn.pdbx_serial_crystal_experiment   N 
# 
_diffrn_detector.details                      ? 
_diffrn_detector.detector                     CCD 
_diffrn_detector.diffrn_id                    1 
_diffrn_detector.type                         'RAYONIX MX-300' 
_diffrn_detector.area_resol_mean              ? 
_diffrn_detector.dtime                        ? 
_diffrn_detector.pdbx_frames_total            ? 
_diffrn_detector.pdbx_collection_time_total   ? 
_diffrn_detector.pdbx_collection_date         2022-10-15 
_diffrn_detector.pdbx_frequency               ? 
# 
_diffrn_radiation.collimation                      ? 
_diffrn_radiation.diffrn_id                        1 
_diffrn_radiation.filter_edge                      ? 
_diffrn_radiation.inhomogeneity                    ? 
_diffrn_radiation.monochromator                    ? 
_diffrn_radiation.polarisn_norm                    ? 
_diffrn_radiation.polarisn_ratio                   ? 
_diffrn_radiation.probe                            ? 
_diffrn_radiation.type                             ? 
_diffrn_radiation.xray_symbol                      ? 
_diffrn_radiation.wavelength_id                    1 
_diffrn_radiation.pdbx_monochromatic_or_laue_m_l   M 
_diffrn_radiation.pdbx_wavelength_list             ? 
_diffrn_radiation.pdbx_wavelength                  ? 
_diffrn_radiation.pdbx_diffrn_protocol             'SINGLE WAVELENGTH' 
_diffrn_radiation.pdbx_analyzer                    ? 
_diffrn_radiation.pdbx_scattering_type             x-ray 
# 
_diffrn_radiation_wavelength.id           1 
_diffrn_radiation_wavelength.wavelength   0.9787 
_diffrn_radiation_wavelength.wt           1.0 
# 
_diffrn_source.current                     ? 
_diffrn_source.details                     ? 
_diffrn_source.diffrn_id                   1 
_diffrn_source.power                       ? 
_diffrn_source.size                        ? 
_diffrn_source.source                      SYNCHROTRON 
_diffrn_source.target                      ? 
_diffrn_source.type                        'APS BEAMLINE 21-ID-F' 
_diffrn_source.voltage                     ? 
_diffrn_source.take-off_angle              ? 
_diffrn_source.pdbx_wavelength_list        0.9787 
_diffrn_source.pdbx_wavelength             ? 
_diffrn_source.pdbx_synchrotron_beamline   21-ID-F 
_diffrn_source.pdbx_synchrotron_site       APS 
# 
_reflns.B_iso_Wilson_estimate                          ? 
_reflns.entry_id                                       8F24 
_reflns.data_reduction_details                         ? 
_reflns.data_reduction_method                          ? 
_reflns.d_resolution_high                              2.27 
_reflns.d_resolution_low                               30 
_reflns.details                                        ? 
_reflns.limit_h_max                                    ? 
_reflns.limit_h_min                                    ? 
_reflns.limit_k_max                                    ? 
_reflns.limit_k_min                                    ? 
_reflns.limit_l_max                                    ? 
_reflns.limit_l_min                                    ? 
_reflns.number_all                                     ? 
_reflns.number_obs                                     2795 
_reflns.observed_criterion                             ? 
_reflns.observed_criterion_F_max                       ? 
_reflns.observed_criterion_F_min                       ? 
_reflns.observed_criterion_I_max                       ? 
_reflns.observed_criterion_I_min                       ? 
_reflns.observed_criterion_sigma_F                     ? 
_reflns.observed_criterion_sigma_I                     ? 
_reflns.percent_possible_obs                           98.5 
_reflns.R_free_details                                 ? 
_reflns.Rmerge_F_all                                   ? 
_reflns.Rmerge_F_obs                                   ? 
_reflns.Friedel_coverage                               ? 
_reflns.number_gt                                      ? 
_reflns.threshold_expression                           ? 
_reflns.pdbx_redundancy                                8.2 
_reflns.pdbx_Rmerge_I_obs                              0.074 
_reflns.pdbx_Rmerge_I_all                              ? 
_reflns.pdbx_Rsym_value                                0.068 
_reflns.pdbx_netI_over_av_sigmaI                       ? 
_reflns.pdbx_netI_over_sigmaI                          30.1 
_reflns.pdbx_res_netI_over_av_sigmaI_2                 ? 
_reflns.pdbx_res_netI_over_sigmaI_2                    ? 
_reflns.pdbx_chi_squared                               1.185 
_reflns.pdbx_scaling_rejects                           ? 
_reflns.pdbx_d_res_high_opt                            ? 
_reflns.pdbx_d_res_low_opt                             ? 
_reflns.pdbx_d_res_opt_method                          ? 
_reflns.phase_calculation_details                      ? 
_reflns.pdbx_Rrim_I_all                                0.077 
_reflns.pdbx_Rpim_I_all                                0.021 
_reflns.pdbx_d_opt                                     ? 
_reflns.pdbx_number_measured_all                       ? 
_reflns.pdbx_diffrn_id                                 1 
_reflns.pdbx_ordinal                                   1 
_reflns.pdbx_CC_half                                   0.983 
_reflns.pdbx_CC_star                                   0.996 
_reflns.pdbx_R_split                                   ? 
_reflns.pdbx_aniso_diffraction_limit_axis_1_ortho[1]   ? 
_reflns.pdbx_aniso_diffraction_limit_axis_1_ortho[2]   ? 
_reflns.pdbx_aniso_diffraction_limit_axis_1_ortho[3]   ? 
_reflns.pdbx_aniso_diffraction_limit_axis_2_ortho[1]   ? 
_reflns.pdbx_aniso_diffraction_limit_axis_2_ortho[2]   ? 
_reflns.pdbx_aniso_diffraction_limit_axis_2_ortho[3]   ? 
_reflns.pdbx_aniso_diffraction_limit_axis_3_ortho[1]   ? 
_reflns.pdbx_aniso_diffraction_limit_axis_3_ortho[2]   ? 
_reflns.pdbx_aniso_diffraction_limit_axis_3_ortho[3]   ? 
_reflns.pdbx_aniso_diffraction_limit_1                 ? 
_reflns.pdbx_aniso_diffraction_limit_2                 ? 
_reflns.pdbx_aniso_diffraction_limit_3                 ? 
_reflns.pdbx_aniso_B_tensor_eigenvector_1_ortho[1]     ? 
_reflns.pdbx_aniso_B_tensor_eigenvector_1_ortho[2]     ? 
_reflns.pdbx_aniso_B_tensor_eigenvector_1_ortho[3]     ? 
_reflns.pdbx_aniso_B_tensor_eigenvector_2_ortho[1]     ? 
_reflns.pdbx_aniso_B_tensor_eigenvector_2_ortho[2]     ? 
_reflns.pdbx_aniso_B_tensor_eigenvector_2_ortho[3]     ? 
_reflns.pdbx_aniso_B_tensor_eigenvector_3_ortho[1]     ? 
_reflns.pdbx_aniso_B_tensor_eigenvector_3_ortho[2]     ? 
_reflns.pdbx_aniso_B_tensor_eigenvector_3_ortho[3]     ? 
_reflns.pdbx_aniso_B_tensor_eigenvalue_1               ? 
_reflns.pdbx_aniso_B_tensor_eigenvalue_2               ? 
_reflns.pdbx_aniso_B_tensor_eigenvalue_3               ? 
_reflns.pdbx_orthogonalization_convention              ? 
_reflns.pdbx_percent_possible_ellipsoidal              ? 
_reflns.pdbx_percent_possible_spherical                ? 
_reflns.pdbx_percent_possible_ellipsoidal_anomalous    ? 
_reflns.pdbx_percent_possible_spherical_anomalous      ? 
_reflns.pdbx_redundancy_anomalous                      ? 
_reflns.pdbx_CC_half_anomalous                         ? 
_reflns.pdbx_absDiff_over_sigma_anomalous              ? 
_reflns.pdbx_percent_possible_anomalous                ? 
_reflns.pdbx_observed_signal_threshold                 ? 
_reflns.pdbx_signal_type                               ? 
_reflns.pdbx_signal_details                            ? 
_reflns.pdbx_signal_software_id                        ? 
_reflns.pdbx_CC_split_method                           ? 
# 
_reflns_shell.d_res_high                                    2.27 
_reflns_shell.d_res_low                                     2.31 
_reflns_shell.meanI_over_sigI_all                           ? 
_reflns_shell.meanI_over_sigI_obs                           4.2 
_reflns_shell.number_measured_all                           ? 
_reflns_shell.number_measured_obs                           ? 
_reflns_shell.number_possible                               ? 
_reflns_shell.number_unique_all                             ? 
_reflns_shell.number_unique_obs                             709 
_reflns_shell.percent_possible_all                          99.7 
_reflns_shell.percent_possible_obs                          ? 
_reflns_shell.Rmerge_F_all                                  ? 
_reflns_shell.Rmerge_F_obs                                  ? 
_reflns_shell.Rmerge_I_all                                  ? 
_reflns_shell.Rmerge_I_obs                                  0.874 
_reflns_shell.meanI_over_sigI_gt                            ? 
_reflns_shell.meanI_over_uI_all                             ? 
_reflns_shell.meanI_over_uI_gt                              ? 
_reflns_shell.number_measured_gt                            ? 
_reflns_shell.number_unique_gt                              ? 
_reflns_shell.percent_possible_gt                           ? 
_reflns_shell.Rmerge_F_gt                                   ? 
_reflns_shell.Rmerge_I_gt                                   ? 
_reflns_shell.pdbx_redundancy                               8.4 
_reflns_shell.pdbx_Rsym_value                               0.675 
_reflns_shell.pdbx_chi_squared                              1.088 
_reflns_shell.pdbx_netI_over_sigmaI_all                     ? 
_reflns_shell.pdbx_netI_over_sigmaI_obs                     ? 
_reflns_shell.pdbx_Rrim_I_all                               0.903 
_reflns_shell.pdbx_Rpim_I_all                               0.224 
_reflns_shell.pdbx_rejects                                  ? 
_reflns_shell.pdbx_ordinal                                  1 
_reflns_shell.pdbx_diffrn_id                                1 
_reflns_shell.pdbx_CC_half                                  0.935 
_reflns_shell.pdbx_CC_star                                  0.983 
_reflns_shell.pdbx_R_split                                  ? 
_reflns_shell.pdbx_percent_possible_ellipsoidal             ? 
_reflns_shell.pdbx_percent_possible_spherical               ? 
_reflns_shell.pdbx_percent_possible_ellipsoidal_anomalous   ? 
_reflns_shell.pdbx_percent_possible_spherical_anomalous     ? 
_reflns_shell.pdbx_redundancy_anomalous                     ? 
_reflns_shell.pdbx_CC_half_anomalous                        ? 
_reflns_shell.pdbx_absDiff_over_sigma_anomalous             ? 
_reflns_shell.pdbx_percent_possible_anomalous               ? 
# 
_refine.aniso_B[1][1]                            -0.01 
_refine.aniso_B[1][2]                            -0.01 
_refine.aniso_B[1][3]                            -0.00 
_refine.aniso_B[2][2]                            -0.01 
_refine.aniso_B[2][3]                            -0.00 
_refine.aniso_B[3][3]                            0.04 
_refine.B_iso_max                                ? 
_refine.B_iso_mean                               19.063 
_refine.B_iso_min                                ? 
_refine.correlation_coeff_Fo_to_Fc               0.923 
_refine.correlation_coeff_Fo_to_Fc_free          0.835 
_refine.details                                  'HYDROGENS HAVE BEEN ADDED IN THE RIDING POSITIONS' 
_refine.diff_density_max                         ? 
_refine.diff_density_max_esd                     ? 
_refine.diff_density_min                         ? 
_refine.diff_density_min_esd                     ? 
_refine.diff_density_rms                         ? 
_refine.diff_density_rms_esd                     ? 
_refine.entry_id                                 8F24 
_refine.pdbx_refine_id                           'X-RAY DIFFRACTION' 
_refine.ls_abs_structure_details                 ? 
_refine.ls_abs_structure_Flack                   ? 
_refine.ls_abs_structure_Flack_esd               ? 
_refine.ls_abs_structure_Rogers                  ? 
_refine.ls_abs_structure_Rogers_esd              ? 
_refine.ls_d_res_high                            3.20 
_refine.ls_d_res_low                             19.94 
_refine.ls_extinction_coef                       ? 
_refine.ls_extinction_coef_esd                   ? 
_refine.ls_extinction_expression                 ? 
_refine.ls_extinction_method                     ? 
_refine.ls_goodness_of_fit_all                   ? 
_refine.ls_goodness_of_fit_all_esd               ? 
_refine.ls_goodness_of_fit_obs                   ? 
_refine.ls_goodness_of_fit_obs_esd               ? 
_refine.ls_hydrogen_treatment                    ? 
_refine.ls_matrix_type                           ? 
_refine.ls_number_constraints                    ? 
_refine.ls_number_parameters                     ? 
_refine.ls_number_reflns_all                     ? 
_refine.ls_number_reflns_obs                     2534 
_refine.ls_number_reflns_R_free                  277 
_refine.ls_number_reflns_R_work                  ? 
_refine.ls_number_restraints                     ? 
_refine.ls_percent_reflns_obs                    97.50 
_refine.ls_percent_reflns_R_free                 9.9 
_refine.ls_R_factor_all                          ? 
_refine.ls_R_factor_obs                          0.22150 
_refine.ls_R_factor_R_free                       0.29824 
_refine.ls_R_factor_R_free_error                 ? 
_refine.ls_R_factor_R_free_error_details         ? 
_refine.ls_R_factor_R_work                       0.21338 
_refine.ls_R_Fsqd_factor_obs                     ? 
_refine.ls_R_I_factor_obs                        ? 
_refine.ls_redundancy_reflns_all                 ? 
_refine.ls_redundancy_reflns_obs                 ? 
_refine.ls_restrained_S_all                      ? 
_refine.ls_restrained_S_obs                      ? 
_refine.ls_shift_over_esd_max                    ? 
_refine.ls_shift_over_esd_mean                   ? 
_refine.ls_structure_factor_coef                 ? 
_refine.ls_weighting_details                     ? 
_refine.ls_weighting_scheme                      ? 
_refine.ls_wR_factor_all                         ? 
_refine.ls_wR_factor_obs                         ? 
_refine.ls_wR_factor_R_free                      ? 
_refine.ls_wR_factor_R_work                      ? 
_refine.occupancy_max                            ? 
_refine.occupancy_min                            ? 
_refine.solvent_model_details                    MASK 
_refine.solvent_model_param_bsol                 ? 
_refine.solvent_model_param_ksol                 ? 
_refine.pdbx_R_complete                          ? 
_refine.ls_R_factor_gt                           ? 
_refine.ls_goodness_of_fit_gt                    ? 
_refine.ls_goodness_of_fit_ref                   ? 
_refine.ls_shift_over_su_max                     ? 
_refine.ls_shift_over_su_max_lt                  ? 
_refine.ls_shift_over_su_mean                    ? 
_refine.ls_shift_over_su_mean_lt                 ? 
_refine.pdbx_ls_sigma_I                          ? 
_refine.pdbx_ls_sigma_F                          ? 
_refine.pdbx_ls_sigma_Fsqd                       ? 
_refine.pdbx_data_cutoff_high_absF               ? 
_refine.pdbx_data_cutoff_high_rms_absF           ? 
_refine.pdbx_data_cutoff_low_absF                ? 
_refine.pdbx_isotropic_thermal_model             ? 
_refine.pdbx_ls_cross_valid_method               THROUGHOUT 
_refine.pdbx_method_to_determine_struct          'MOLECULAR REPLACEMENT' 
_refine.pdbx_starting_model                      7KW4 
_refine.pdbx_stereochemistry_target_values       'MAXIMUM LIKELIHOOD' 
_refine.pdbx_R_Free_selection_details            RANDOM 
_refine.pdbx_stereochem_target_val_spec_case     ? 
_refine.pdbx_overall_ESU_R                       ? 
_refine.pdbx_overall_ESU_R_Free                  0.598 
_refine.pdbx_solvent_vdw_probe_radii             1.20 
_refine.pdbx_solvent_ion_probe_radii             0.80 
_refine.pdbx_solvent_shrinkage_radii             0.80 
_refine.pdbx_real_space_R                        ? 
_refine.pdbx_density_correlation                 ? 
_refine.pdbx_pd_number_of_powder_patterns        ? 
_refine.pdbx_pd_number_of_points                 ? 
_refine.pdbx_pd_meas_number_of_points            ? 
_refine.pdbx_pd_proc_ls_prof_R_factor            ? 
_refine.pdbx_pd_proc_ls_prof_wR_factor           ? 
_refine.pdbx_pd_Marquardt_correlation_coeff      ? 
_refine.pdbx_pd_Fsqrd_R_factor                   ? 
_refine.pdbx_pd_ls_matrix_band_width             ? 
_refine.pdbx_overall_phase_error                 ? 
_refine.pdbx_overall_SU_R_free_Cruickshank_DPI   ? 
_refine.pdbx_overall_SU_R_free_Blow_DPI          ? 
_refine.pdbx_overall_SU_R_Blow_DPI               ? 
_refine.pdbx_TLS_residual_ADP_flag               ? 
_refine.pdbx_diffrn_id                           1 
_refine.overall_SU_B                             20.470 
_refine.overall_SU_ML                            0.350 
_refine.overall_SU_R_Cruickshank_DPI             ? 
_refine.overall_SU_R_free                        ? 
_refine.overall_FOM_free_R_set                   ? 
_refine.overall_FOM_work_R_set                   ? 
_refine.pdbx_average_fsc_overall                 ? 
_refine.pdbx_average_fsc_work                    ? 
_refine.pdbx_average_fsc_free                    ? 
# 
_refine_hist.pdbx_refine_id                   'X-RAY DIFFRACTION' 
_refine_hist.cycle_id                         1 
_refine_hist.details                          ? 
_refine_hist.d_res_high                       3.20 
_refine_hist.d_res_low                        19.94 
_refine_hist.number_atoms_solvent             19 
_refine_hist.number_atoms_total               908 
_refine_hist.number_reflns_all                ? 
_refine_hist.number_reflns_obs                ? 
_refine_hist.number_reflns_R_free             ? 
_refine_hist.number_reflns_R_work             ? 
_refine_hist.R_factor_all                     ? 
_refine_hist.R_factor_obs                     ? 
_refine_hist.R_factor_R_free                  ? 
_refine_hist.R_factor_R_work                  ? 
_refine_hist.pdbx_number_residues_total       ? 
_refine_hist.pdbx_B_iso_mean_ligand           ? 
_refine_hist.pdbx_B_iso_mean_solvent          ? 
_refine_hist.pdbx_number_atoms_protein        672 
_refine_hist.pdbx_number_atoms_nucleic_acid   0 
_refine_hist.pdbx_number_atoms_ligand         217 
_refine_hist.pdbx_number_atoms_lipid          ? 
_refine_hist.pdbx_number_atoms_carb           ? 
_refine_hist.pdbx_pseudo_atom_details         ? 
# 
loop_
_refine_ls_restr.pdbx_refine_id 
_refine_ls_restr.criterion 
_refine_ls_restr.dev_ideal 
_refine_ls_restr.dev_ideal_target 
_refine_ls_restr.number 
_refine_ls_restr.rejects 
_refine_ls_restr.type 
_refine_ls_restr.weight 
_refine_ls_restr.pdbx_restraint_function 
'X-RAY DIFFRACTION' ? 0.019 0.026  979  ? r_bond_refined_d             ? ? 
'X-RAY DIFFRACTION' ? 0.044 0.030  488  ? r_bond_other_d               ? ? 
'X-RAY DIFFRACTION' ? 2.501 2.874  1510 ? r_angle_refined_deg          ? ? 
'X-RAY DIFFRACTION' ? 3.266 3.560  1135 ? r_angle_other_deg            ? ? 
'X-RAY DIFFRACTION' ? ?     ?      ?    ? r_dihedral_angle_1_deg       ? ? 
'X-RAY DIFFRACTION' ? ?     ?      ?    ? r_dihedral_angle_2_deg       ? ? 
'X-RAY DIFFRACTION' ? ?     ?      ?    ? r_dihedral_angle_3_deg       ? ? 
'X-RAY DIFFRACTION' ? ?     ?      ?    ? r_dihedral_angle_4_deg       ? ? 
'X-RAY DIFFRACTION' ? 0.114 0.200  190  ? r_chiral_restr               ? ? 
'X-RAY DIFFRACTION' ? 0.007 0.021  459  ? r_gen_planes_refined         ? ? 
'X-RAY DIFFRACTION' ? 0.002 0.023  143  ? r_gen_planes_other           ? ? 
'X-RAY DIFFRACTION' ? ?     ?      ?    ? r_nbd_refined                ? ? 
'X-RAY DIFFRACTION' ? ?     ?      ?    ? r_nbd_other                  ? ? 
'X-RAY DIFFRACTION' ? ?     ?      ?    ? r_nbtor_refined              ? ? 
'X-RAY DIFFRACTION' ? ?     ?      ?    ? r_nbtor_other                ? ? 
'X-RAY DIFFRACTION' ? ?     ?      ?    ? r_xyhbond_nbd_refined        ? ? 
'X-RAY DIFFRACTION' ? ?     ?      ?    ? r_xyhbond_nbd_other          ? ? 
'X-RAY DIFFRACTION' ? ?     ?      ?    ? r_metal_ion_refined          ? ? 
'X-RAY DIFFRACTION' ? ?     ?      ?    ? r_metal_ion_other            ? ? 
'X-RAY DIFFRACTION' ? ?     ?      ?    ? r_symmetry_vdw_refined       ? ? 
'X-RAY DIFFRACTION' ? ?     ?      ?    ? r_symmetry_vdw_other         ? ? 
'X-RAY DIFFRACTION' ? ?     ?      ?    ? r_symmetry_hbond_refined     ? ? 
'X-RAY DIFFRACTION' ? ?     ?      ?    ? r_symmetry_hbond_other       ? ? 
'X-RAY DIFFRACTION' ? ?     ?      ?    ? r_symmetry_metal_ion_refined ? ? 
'X-RAY DIFFRACTION' ? ?     ?      ?    ? r_symmetry_metal_ion_other   ? ? 
'X-RAY DIFFRACTION' ? ?     ?      ?    ? r_mcbond_it                  ? ? 
'X-RAY DIFFRACTION' ? ?     ?      ?    ? r_mcbond_other               ? ? 
'X-RAY DIFFRACTION' ? ?     ?      ?    ? r_mcangle_it                 ? ? 
'X-RAY DIFFRACTION' ? ?     ?      ?    ? r_mcangle_other              ? ? 
'X-RAY DIFFRACTION' ? 0.590 2.033  977  ? r_scbond_it                  ? ? 
'X-RAY DIFFRACTION' ? 0.587 2.014  958  ? r_scbond_other               ? ? 
'X-RAY DIFFRACTION' ? ?     ?      ?    ? r_scangle_it                 ? ? 
'X-RAY DIFFRACTION' ? 0.970 3.020  1480 ? r_scangle_other              ? ? 
'X-RAY DIFFRACTION' ? 2.711 20.253 1294 ? r_long_range_B_refined       ? ? 
'X-RAY DIFFRACTION' ? 2.662 20.243 1294 ? r_long_range_B_other         ? ? 
'X-RAY DIFFRACTION' ? ?     ?      ?    ? r_rigid_bond_restr           ? ? 
'X-RAY DIFFRACTION' ? ?     ?      ?    ? r_sphericity_free            ? ? 
'X-RAY DIFFRACTION' ? ?     ?      ?    ? r_sphericity_bonded          ? ? 
# 
_refine_ls_shell.pdbx_refine_id                   'X-RAY DIFFRACTION' 
_refine_ls_shell.d_res_high                       3.200 
_refine_ls_shell.d_res_low                        3.281 
_refine_ls_shell.number_reflns_all                ? 
_refine_ls_shell.number_reflns_obs                ? 
_refine_ls_shell.number_reflns_R_free             18 
_refine_ls_shell.number_reflns_R_work             158 
_refine_ls_shell.percent_reflns_obs               94.62 
_refine_ls_shell.percent_reflns_R_free            ? 
_refine_ls_shell.R_factor_all                     ? 
_refine_ls_shell.R_factor_obs                     ? 
_refine_ls_shell.R_factor_R_free                  0.435 
_refine_ls_shell.R_factor_R_free_error            ? 
_refine_ls_shell.R_factor_R_work                  0.259 
_refine_ls_shell.redundancy_reflns_all            ? 
_refine_ls_shell.redundancy_reflns_obs            ? 
_refine_ls_shell.wR_factor_all                    ? 
_refine_ls_shell.wR_factor_obs                    ? 
_refine_ls_shell.wR_factor_R_free                 ? 
_refine_ls_shell.wR_factor_R_work                 ? 
_refine_ls_shell.pdbx_R_complete                  ? 
_refine_ls_shell.pdbx_total_number_of_bins_used   20 
_refine_ls_shell.pdbx_phase_error                 ? 
_refine_ls_shell.pdbx_fsc_work                    ? 
_refine_ls_shell.pdbx_fsc_free                    ? 
# 
_struct.entry_id                     8F24 
_struct.title                        
;Mirror-image RNA octamer containing 2'-OMe-L-uridine
;
_struct.pdbx_model_details           ? 
_struct.pdbx_formula_weight          ? 
_struct.pdbx_formula_weight_method   ? 
_struct.pdbx_model_type_details      ? 
_struct.pdbx_CASP_flag               N 
# 
_struct_keywords.entry_id        8F24 
_struct_keywords.text            'Mirror-image RNA, RNA' 
_struct_keywords.pdbx_keywords   RNA 
# 
loop_
_struct_asym.id 
_struct_asym.pdbx_blank_PDB_chainid_flag 
_struct_asym.pdbx_modified 
_struct_asym.entity_id 
_struct_asym.details 
A N N 1 ? 
B N N 1 ? 
C N N 1 ? 
D N N 1 ? 
E N N 1 ? 
F N N 1 ? 
G N N 2 ? 
H N N 2 ? 
I N N 2 ? 
J N N 2 ? 
K N N 2 ? 
L N N 3 ? 
M N N 3 ? 
N N N 3 ? 
O N N 3 ? 
P N N 3 ? 
Q N N 3 ? 
# 
_struct_ref.id                         1 
_struct_ref.db_name                    PDB 
_struct_ref.db_code                    8F24 
_struct_ref.pdbx_db_accession          8F24 
_struct_ref.pdbx_db_isoform            ? 
_struct_ref.entity_id                  1 
_struct_ref.pdbx_seq_one_letter_code   ? 
_struct_ref.pdbx_align_begin           1 
# 
loop_
_struct_ref_seq.align_id 
_struct_ref_seq.ref_id 
_struct_ref_seq.pdbx_PDB_id_code 
_struct_ref_seq.pdbx_strand_id 
_struct_ref_seq.seq_align_beg 
_struct_ref_seq.pdbx_seq_align_beg_ins_code 
_struct_ref_seq.seq_align_end 
_struct_ref_seq.pdbx_seq_align_end_ins_code 
_struct_ref_seq.pdbx_db_accession 
_struct_ref_seq.db_align_beg 
_struct_ref_seq.pdbx_db_align_beg_ins_code 
_struct_ref_seq.db_align_end 
_struct_ref_seq.pdbx_db_align_end_ins_code 
_struct_ref_seq.pdbx_auth_seq_align_beg 
_struct_ref_seq.pdbx_auth_seq_align_end 
1 1 8F24 C 1 ? 8 ? 8F24 1  ? 8  ? 1  8  
2 1 8F24 A 1 ? 8 ? 8F24 9  ? 16 ? 9  16 
3 1 8F24 E 1 ? 8 ? 8F24 17 ? 24 ? 17 24 
4 1 8F24 D 1 ? 8 ? 8F24 1  ? 8  ? 1  8  
5 1 8F24 B 1 ? 8 ? 8F24 9  ? 16 ? 9  16 
6 1 8F24 F 1 ? 8 ? 8F24 15 ? 22 ? 15 22 
# 
_pdbx_struct_assembly.id                   1 
_pdbx_struct_assembly.details              author_defined_assembly 
_pdbx_struct_assembly.method_details       ? 
_pdbx_struct_assembly.oligomeric_details   hexameric 
_pdbx_struct_assembly.oligomeric_count     6 
# 
_pdbx_struct_assembly_gen.assembly_id       1 
_pdbx_struct_assembly_gen.oper_expression   1 
_pdbx_struct_assembly_gen.asym_id_list      A,B,C,D,E,F,G,H,I,J,K,L,M,N,O,P,Q 
# 
_pdbx_struct_assembly_auth_evidence.id                     1 
_pdbx_struct_assembly_auth_evidence.assembly_id            1 
_pdbx_struct_assembly_auth_evidence.experimental_support   none 
_pdbx_struct_assembly_auth_evidence.details                ? 
# 
_pdbx_struct_oper_list.id                   1 
_pdbx_struct_oper_list.type                 'identity operation' 
_pdbx_struct_oper_list.name                 1_555 
_pdbx_struct_oper_list.symmetry_operation   x,y,z 
_pdbx_struct_oper_list.matrix[1][1]         1.0000000000 
_pdbx_struct_oper_list.matrix[1][2]         0.0000000000 
_pdbx_struct_oper_list.matrix[1][3]         0.0000000000 
_pdbx_struct_oper_list.vector[1]            0.0000000000 
_pdbx_struct_oper_list.matrix[2][1]         0.0000000000 
_pdbx_struct_oper_list.matrix[2][2]         1.0000000000 
_pdbx_struct_oper_list.matrix[2][3]         0.0000000000 
_pdbx_struct_oper_list.vector[2]            0.0000000000 
_pdbx_struct_oper_list.matrix[3][1]         0.0000000000 
_pdbx_struct_oper_list.matrix[3][2]         0.0000000000 
_pdbx_struct_oper_list.matrix[3][3]         1.0000000000 
_pdbx_struct_oper_list.vector[3]            0.0000000000 
# 
loop_
_struct_conn.id 
_struct_conn.conn_type_id 
_struct_conn.pdbx_leaving_atom_flag 
_struct_conn.pdbx_PDB_id 
_struct_conn.ptnr1_label_asym_id 
_struct_conn.ptnr1_label_comp_id 
_struct_conn.ptnr1_label_seq_id 
_struct_conn.ptnr1_label_atom_id 
_struct_conn.pdbx_ptnr1_label_alt_id 
_struct_conn.pdbx_ptnr1_PDB_ins_code 
_struct_conn.pdbx_ptnr1_standard_comp_id 
_struct_conn.ptnr1_symmetry 
_struct_conn.ptnr2_label_asym_id 
_struct_conn.ptnr2_label_comp_id 
_struct_conn.ptnr2_label_seq_id 
_struct_conn.ptnr2_label_atom_id 
_struct_conn.pdbx_ptnr2_label_alt_id 
_struct_conn.pdbx_ptnr2_PDB_ins_code 
_struct_conn.ptnr1_auth_asym_id 
_struct_conn.ptnr1_auth_comp_id 
_struct_conn.ptnr1_auth_seq_id 
_struct_conn.ptnr2_auth_asym_id 
_struct_conn.ptnr2_auth_comp_id 
_struct_conn.ptnr2_auth_seq_id 
_struct_conn.ptnr2_symmetry 
_struct_conn.pdbx_ptnr3_label_atom_id 
_struct_conn.pdbx_ptnr3_label_seq_id 
_struct_conn.pdbx_ptnr3_label_comp_id 
_struct_conn.pdbx_ptnr3_label_asym_id 
_struct_conn.pdbx_ptnr3_label_alt_id 
_struct_conn.pdbx_ptnr3_PDB_ins_code 
_struct_conn.details 
_struct_conn.pdbx_dist_value 
_struct_conn.pdbx_value_order 
_struct_conn.pdbx_role 
covale1  covale both ? A 0G  1 "O3'" ? ? ? 1_555 A XEC 2 P ? ? C 0G  1  C XEC 2  1_555 ? ? ? ? ? ? ? 1.608 ? ? 
covale2  covale one  ? A XEC 2 "O3'" ? ? ? 1_555 A 0G  3 P ? ? C XEC 2  C 0G  3  1_555 ? ? ? ? ? ? ? 1.617 ? ? 
covale3  covale both ? A 0G  3 "O3'" ? ? ? 1_555 A 0U  4 P ? ? C 0G  3  C 0U  4  1_555 ? ? ? ? ? ? ? 1.625 ? ? 
covale4  covale both ? A 0U  4 "O3'" ? ? ? 1_555 A 0A  5 P ? ? C 0U  4  C 0A  5  1_555 ? ? ? ? ? ? ? 1.632 ? ? 
covale5  covale both ? A 0A  5 "O3'" ? ? ? 1_555 A 0C  6 P ? ? C 0A  5  C 0C  6  1_555 ? ? ? ? ? ? ? 1.598 ? ? 
covale6  covale both ? A 0C  6 "O3'" ? ? ? 1_555 A 0A  7 P ? ? C 0C  6  C 0A  7  1_555 ? ? ? ? ? ? ? 1.615 ? ? 
covale7  covale both ? A 0A  7 "O3'" ? ? ? 1_555 A 0C  8 P ? ? C 0A  7  C 0C  8  1_555 ? ? ? ? ? ? ? 1.607 ? ? 
covale8  covale both ? B 0G  1 "O3'" ? ? ? 1_555 B XEC 2 P ? ? A 0G  9  A XEC 10 1_555 ? ? ? ? ? ? ? 1.591 ? ? 
covale9  covale one  ? B XEC 2 "O3'" ? ? ? 1_555 B 0G  3 P ? ? A XEC 10 A 0G  11 1_555 ? ? ? ? ? ? ? 1.622 ? ? 
covale10 covale both ? B 0G  3 "O3'" ? ? ? 1_555 B 0U  4 P ? ? A 0G  11 A 0U  12 1_555 ? ? ? ? ? ? ? 1.609 ? ? 
covale11 covale both ? B 0U  4 "O3'" ? ? ? 1_555 B 0A  5 P ? ? A 0U  12 A 0A  13 1_555 ? ? ? ? ? ? ? 1.626 ? ? 
covale12 covale both ? B 0A  5 "O3'" ? ? ? 1_555 B 0C  6 P ? ? A 0A  13 A 0C  14 1_555 ? ? ? ? ? ? ? 1.602 ? ? 
covale13 covale both ? B 0C  6 "O3'" ? ? ? 1_555 B 0A  7 P ? ? A 0C  14 A 0A  15 1_555 ? ? ? ? ? ? ? 1.624 ? ? 
covale14 covale both ? B 0A  7 "O3'" ? ? ? 1_555 B 0C  8 P ? ? A 0A  15 A 0C  16 1_555 ? ? ? ? ? ? ? 1.670 ? ? 
covale15 covale both ? C 0G  1 "O3'" ? ? ? 1_555 C XEC 2 P ? ? E 0G  17 E XEC 18 1_555 ? ? ? ? ? ? ? 1.600 ? ? 
covale16 covale one  ? C XEC 2 "O3'" ? ? ? 1_555 C 0G  3 P ? ? E XEC 18 E 0G  19 1_555 ? ? ? ? ? ? ? 1.614 ? ? 
covale17 covale both ? C 0G  3 "O3'" ? ? ? 1_555 C 0U  4 P ? ? E 0G  19 E 0U  20 1_555 ? ? ? ? ? ? ? 1.624 ? ? 
covale18 covale both ? C 0U  4 "O3'" ? ? ? 1_555 C 0A  5 P ? ? E 0U  20 E 0A  21 1_555 ? ? ? ? ? ? ? 1.614 ? ? 
covale19 covale both ? D 0G  1 "O3'" ? ? ? 1_555 D XEC 2 P ? ? D 0G  1  D XEC 2  1_555 ? ? ? ? ? ? ? 1.596 ? ? 
covale20 covale one  ? D XEC 2 "O3'" ? ? ? 1_555 D 0G  3 P ? ? D XEC 2  D 0G  3  1_555 ? ? ? ? ? ? ? 1.617 ? ? 
covale21 covale both ? D 0G  3 "O3'" ? ? ? 1_555 D 0U  4 P ? ? D 0G  3  D 0U  4  1_555 ? ? ? ? ? ? ? 1.612 ? ? 
covale22 covale both ? D 0U  4 "O3'" ? ? ? 1_555 D 0A  5 P ? ? D 0U  4  D 0A  5  1_555 ? ? ? ? ? ? ? 1.619 ? ? 
covale23 covale both ? D 0A  5 "O3'" ? ? ? 1_555 D 0C  6 P ? ? D 0A  5  D 0C  6  1_555 ? ? ? ? ? ? ? 1.631 ? ? 
covale24 covale both ? D 0C  6 "O3'" ? ? ? 1_555 D 0A  7 P ? ? D 0C  6  D 0A  7  1_555 ? ? ? ? ? ? ? 1.580 ? ? 
covale25 covale both ? D 0A  7 "O3'" ? ? ? 1_555 D 0C  8 P ? ? D 0A  7  D 0C  8  1_555 ? ? ? ? ? ? ? 1.614 ? ? 
covale26 covale both ? E 0G  1 "O3'" ? ? ? 1_555 E XEC 2 P ? ? B 0G  9  B XEC 10 1_555 ? ? ? ? ? ? ? 1.594 ? ? 
covale27 covale one  ? E XEC 2 "O3'" ? ? ? 1_555 E 0G  3 P ? ? B XEC 10 B 0G  11 1_555 ? ? ? ? ? ? ? 1.621 ? ? 
covale28 covale both ? E 0G  3 "O3'" ? ? ? 1_555 E 0U  4 P ? ? B 0G  11 B 0U  12 1_555 ? ? ? ? ? ? ? 1.600 ? ? 
covale29 covale both ? E 0U  4 "O3'" ? ? ? 1_555 E 0A  5 P ? ? B 0U  12 B 0A  13 1_555 ? ? ? ? ? ? ? 1.607 ? ? 
covale30 covale both ? E 0A  5 "O3'" ? ? ? 1_555 E 0C  6 P ? ? B 0A  13 B 0C  14 1_555 ? ? ? ? ? ? ? 1.624 ? ? 
covale31 covale both ? E 0C  6 "O3'" ? ? ? 1_555 E 0A  7 P ? ? B 0C  14 B 0A  15 1_555 ? ? ? ? ? ? ? 1.629 ? ? 
covale32 covale both ? E 0A  7 "O3'" ? ? ? 1_555 E 0C  8 P ? ? B 0A  15 B 0C  16 1_555 ? ? ? ? ? ? ? 1.614 ? ? 
covale33 covale one  ? F 0G  3 OP3   ? ? ? 1_555 F 0U  4 P ? ? F 0G  17 F 0U  18 1_555 ? ? ? ? ? ? ? 1.606 ? ? 
covale34 covale both ? F 0U  4 "O3'" ? ? ? 1_555 F 0A  5 P ? ? F 0U  18 F 0A  19 1_555 ? ? ? ? ? ? ? 1.580 ? ? 
covale35 covale both ? F 0A  5 "O3'" ? ? ? 1_555 F 0C  6 P ? ? F 0A  19 F 0C  20 1_555 ? ? ? ? ? ? ? 1.611 ? ? 
covale36 covale both ? F 0C  6 "O3'" ? ? ? 1_555 F 0A  7 P ? ? F 0C  20 F 0A  21 1_555 ? ? ? ? ? ? ? 1.608 ? ? 
covale37 covale both ? F 0A  7 "O3'" ? ? ? 1_555 F 0C  8 P ? ? F 0A  21 F 0C  22 1_555 ? ? ? ? ? ? ? 1.594 ? ? 
# 
_struct_conn_type.id          covale 
_struct_conn_type.criteria    ? 
_struct_conn_type.reference   ? 
# 
loop_
_pdbx_validate_rmsd_bond.id 
_pdbx_validate_rmsd_bond.PDB_model_num 
_pdbx_validate_rmsd_bond.auth_atom_id_1 
_pdbx_validate_rmsd_bond.auth_asym_id_1 
_pdbx_validate_rmsd_bond.auth_comp_id_1 
_pdbx_validate_rmsd_bond.auth_seq_id_1 
_pdbx_validate_rmsd_bond.PDB_ins_code_1 
_pdbx_validate_rmsd_bond.label_alt_id_1 
_pdbx_validate_rmsd_bond.auth_atom_id_2 
_pdbx_validate_rmsd_bond.auth_asym_id_2 
_pdbx_validate_rmsd_bond.auth_comp_id_2 
_pdbx_validate_rmsd_bond.auth_seq_id_2 
_pdbx_validate_rmsd_bond.PDB_ins_code_2 
_pdbx_validate_rmsd_bond.label_alt_id_2 
_pdbx_validate_rmsd_bond.bond_value 
_pdbx_validate_rmsd_bond.bond_target_value 
_pdbx_validate_rmsd_bond.bond_deviation 
_pdbx_validate_rmsd_bond.bond_standard_deviation 
_pdbx_validate_rmsd_bond.linker_flag 
1   1 C5    C 0G 1  ? ? C6    C 0G 1  ? ? 1.328 1.419 -0.091 0.010 N 
2   1 C5    C 0G 1  ? ? N7    C 0G 1  ? ? 1.325 1.388 -0.063 0.006 N 
3   1 C5    C 0G 3  ? ? C6    C 0G 3  ? ? 1.330 1.419 -0.089 0.010 N 
4   1 C5    C 0G 3  ? ? N7    C 0G 3  ? ? 1.327 1.388 -0.061 0.006 N 
5   1 N9    C 0G 3  ? ? C4    C 0G 3  ? ? 1.310 1.375 -0.065 0.008 N 
6   1 "O4'" C 0U 4  ? ? "C1'" C 0U 4  ? ? 1.489 1.415 0.074  0.012 N 
7   1 C5    C 0U 4  ? ? C6    C 0U 4  ? ? 1.397 1.337 0.060  0.009 N 
8   1 C2    C 0A 5  ? ? N3    C 0A 5  ? ? 1.390 1.331 0.059  0.009 N 
9   1 C4    C 0A 5  ? ? C5    C 0A 5  ? ? 1.339 1.383 -0.044 0.007 N 
10  1 C5    C 0A 5  ? ? C6    C 0A 5  ? ? 1.340 1.406 -0.066 0.009 N 
11  1 C5    C 0A 5  ? ? N7    C 0A 5  ? ? 1.334 1.388 -0.054 0.006 N 
12  1 N9    C 0A 5  ? ? C4    C 0A 5  ? ? 1.321 1.374 -0.053 0.006 N 
13  1 N1    C 0C 6  ? ? C2    C 0C 6  ? ? 1.320 1.397 -0.077 0.010 N 
14  1 N1    C 0C 6  ? ? C6    C 0C 6  ? ? 1.413 1.367 0.046  0.006 N 
15  1 N3    C 0C 6  ? ? C4    C 0C 6  ? ? 1.382 1.335 0.047  0.007 N 
16  1 C5    C 0C 6  ? ? C6    C 0C 6  ? ? 1.390 1.339 0.051  0.008 N 
17  1 "C2'" C 0A 7  ? ? "C1'" C 0A 7  ? ? 1.468 1.526 -0.058 0.008 N 
18  1 C2    C 0A 7  ? ? N3    C 0A 7  ? ? 1.397 1.331 0.066  0.009 N 
19  1 C4    C 0A 7  ? ? C5    C 0A 7  ? ? 1.321 1.383 -0.062 0.007 N 
20  1 C5    C 0A 7  ? ? C6    C 0A 7  ? ? 1.315 1.406 -0.091 0.009 N 
21  1 C5    C 0A 7  ? ? N7    C 0A 7  ? ? 1.319 1.388 -0.069 0.006 N 
22  1 C8    C 0A 7  ? ? N9    C 0A 7  ? ? 1.323 1.373 -0.050 0.008 N 
23  1 N9    C 0A 7  ? ? C4    C 0A 7  ? ? 1.317 1.374 -0.057 0.006 N 
24  1 N1    C 0C 8  ? ? C6    C 0C 8  ? ? 1.407 1.367 0.040  0.006 N 
25  1 C2    C 0C 8  ? ? N3    C 0C 8  ? ? 1.406 1.353 0.053  0.008 N 
26  1 C5    C 0C 8  ? ? C6    C 0C 8  ? ? 1.398 1.339 0.059  0.008 N 
27  1 C4    A 0G 9  ? ? C5    A 0G 9  ? ? 1.335 1.379 -0.044 0.007 N 
28  1 C5    A 0G 9  ? ? C6    A 0G 9  ? ? 1.319 1.419 -0.100 0.010 N 
29  1 C5    A 0G 9  ? ? N7    A 0G 9  ? ? 1.333 1.388 -0.055 0.006 N 
30  1 N9    A 0G 9  ? ? C4    A 0G 9  ? ? 1.322 1.375 -0.053 0.008 N 
31  1 C4    A 0G 11 ? ? C5    A 0G 11 ? ? 1.330 1.379 -0.049 0.007 N 
32  1 C5    A 0G 11 ? ? C6    A 0G 11 ? ? 1.342 1.419 -0.077 0.010 N 
33  1 C5    A 0G 11 ? ? N7    A 0G 11 ? ? 1.330 1.388 -0.058 0.006 N 
34  1 C8    A 0G 11 ? ? N9    A 0G 11 ? ? 1.322 1.374 -0.052 0.007 N 
35  1 N9    A 0G 11 ? ? C4    A 0G 11 ? ? 1.311 1.375 -0.064 0.008 N 
36  1 C4    A 0U 12 ? ? C5    A 0U 12 ? ? 1.376 1.431 -0.055 0.009 N 
37  1 N1    A 0A 13 ? ? C2    A 0A 13 ? ? 1.400 1.339 0.061  0.009 N 
38  1 C2    A 0A 13 ? ? N3    A 0A 13 ? ? 1.404 1.331 0.073  0.009 N 
39  1 C5    A 0A 13 ? ? C6    A 0A 13 ? ? 1.350 1.406 -0.056 0.009 N 
40  1 C5    A 0A 13 ? ? N7    A 0A 13 ? ? 1.334 1.388 -0.054 0.006 N 
41  1 N9    A 0A 13 ? ? C4    A 0A 13 ? ? 1.335 1.374 -0.039 0.006 N 
42  1 N1    A 0C 14 ? ? C6    A 0C 14 ? ? 1.421 1.367 0.054  0.006 N 
43  1 N3    A 0C 14 ? ? C4    A 0C 14 ? ? 1.385 1.335 0.050  0.007 N 
44  1 C5    A 0C 14 ? ? C6    A 0C 14 ? ? 1.394 1.339 0.055  0.008 N 
45  1 C2    A 0A 15 ? ? N3    A 0A 15 ? ? 1.393 1.331 0.062  0.009 N 
46  1 C4    A 0A 15 ? ? C5    A 0A 15 ? ? 1.326 1.383 -0.057 0.007 N 
47  1 C5    A 0A 15 ? ? C6    A 0A 15 ? ? 1.321 1.406 -0.085 0.009 N 
48  1 C5    A 0A 15 ? ? N7    A 0A 15 ? ? 1.325 1.388 -0.063 0.006 N 
49  1 N9    A 0A 15 ? ? C4    A 0A 15 ? ? 1.304 1.374 -0.070 0.006 N 
50  1 P     A 0C 16 ? ? OP1   A 0C 16 ? ? 1.635 1.485 0.150  0.017 N 
51  1 N1    A 0C 16 ? ? C6    A 0C 16 ? ? 1.407 1.367 0.040  0.006 N 
52  1 C2    A 0C 16 ? ? N3    A 0C 16 ? ? 1.409 1.353 0.056  0.008 N 
53  1 C5    A 0C 16 ? ? C6    A 0C 16 ? ? 1.400 1.339 0.061  0.008 N 
54  1 C4    E 0G 17 ? ? C5    E 0G 17 ? ? 1.335 1.379 -0.044 0.007 N 
55  1 C5    E 0G 17 ? ? C6    E 0G 17 ? ? 1.342 1.419 -0.077 0.010 N 
56  1 C5    E 0G 17 ? ? N7    E 0G 17 ? ? 1.337 1.388 -0.051 0.006 N 
57  1 C8    E 0G 17 ? ? N9    E 0G 17 ? ? 1.331 1.374 -0.043 0.007 N 
58  1 N9    E 0G 17 ? ? C4    E 0G 17 ? ? 1.325 1.375 -0.050 0.008 N 
59  1 C5    E 0G 19 ? ? C6    E 0G 19 ? ? 1.354 1.419 -0.065 0.010 N 
60  1 C5    E 0G 19 ? ? N7    E 0G 19 ? ? 1.349 1.388 -0.039 0.006 N 
61  1 C5    D 0G 1  ? ? C6    D 0G 1  ? ? 1.334 1.419 -0.085 0.010 N 
62  1 C5    D 0G 1  ? ? N7    D 0G 1  ? ? 1.325 1.388 -0.063 0.006 N 
63  1 C8    D 0G 1  ? ? N9    D 0G 1  ? ? 1.327 1.374 -0.047 0.007 N 
64  1 N9    D 0G 1  ? ? C4    D 0G 1  ? ? 1.323 1.375 -0.052 0.008 N 
65  1 C4    D 0G 3  ? ? C5    D 0G 3  ? ? 1.336 1.379 -0.043 0.007 N 
66  1 C5    D 0G 3  ? ? C6    D 0G 3  ? ? 1.354 1.419 -0.065 0.010 N 
67  1 C5    D 0G 3  ? ? N7    D 0G 3  ? ? 1.326 1.388 -0.062 0.006 N 
68  1 C8    D 0G 3  ? ? N9    D 0G 3  ? ? 1.321 1.374 -0.053 0.007 N 
69  1 N9    D 0G 3  ? ? C4    D 0G 3  ? ? 1.324 1.375 -0.051 0.008 N 
70  1 C5    D 0U 4  ? ? C6    D 0U 4  ? ? 1.391 1.337 0.054  0.009 N 
71  1 N1    D 0A 5  ? ? C2    D 0A 5  ? ? 1.395 1.339 0.056  0.009 N 
72  1 C4    D 0A 5  ? ? C5    D 0A 5  ? ? 1.327 1.383 -0.056 0.007 N 
73  1 C5    D 0A 5  ? ? C6    D 0A 5  ? ? 1.311 1.406 -0.095 0.009 N 
74  1 C5    D 0A 5  ? ? N7    D 0A 5  ? ? 1.324 1.388 -0.064 0.006 N 
75  1 N9    D 0A 5  ? ? C4    D 0A 5  ? ? 1.317 1.374 -0.057 0.006 N 
76  1 N1    D 0C 6  ? ? C2    D 0C 6  ? ? 1.324 1.397 -0.073 0.010 N 
77  1 C4    D 0C 6  ? ? C5    D 0C 6  ? ? 1.371 1.425 -0.054 0.008 N 
78  1 N1    D 0A 7  ? ? C2    D 0A 7  ? ? 1.407 1.339 0.068  0.009 N 
79  1 C2    D 0A 7  ? ? N3    D 0A 7  ? ? 1.393 1.331 0.062  0.009 N 
80  1 C5    D 0A 7  ? ? C6    D 0A 7  ? ? 1.334 1.406 -0.072 0.009 N 
81  1 C5    D 0A 7  ? ? N7    D 0A 7  ? ? 1.337 1.388 -0.051 0.006 N 
82  1 N9    D 0A 7  ? ? C4    D 0A 7  ? ? 1.314 1.374 -0.060 0.006 N 
83  1 N1    D 0C 8  ? ? C2    D 0C 8  ? ? 1.328 1.397 -0.069 0.010 N 
84  1 N1    D 0C 8  ? ? C6    D 0C 8  ? ? 1.415 1.367 0.048  0.006 N 
85  1 C5    D 0C 8  ? ? C6    D 0C 8  ? ? 1.394 1.339 0.055  0.008 N 
86  1 C5    B 0G 9  ? ? C6    B 0G 9  ? ? 1.332 1.419 -0.087 0.010 N 
87  1 C5    B 0G 9  ? ? N7    B 0G 9  ? ? 1.322 1.388 -0.066 0.006 N 
88  1 N9    B 0G 9  ? ? C4    B 0G 9  ? ? 1.318 1.375 -0.057 0.008 N 
89  1 "C2'" B 0G 11 ? ? "C1'" B 0G 11 ? ? 1.470 1.526 -0.056 0.008 N 
90  1 C4    B 0G 11 ? ? C5    B 0G 11 ? ? 1.336 1.379 -0.043 0.007 N 
91  1 C5    B 0G 11 ? ? C6    B 0G 11 ? ? 1.332 1.419 -0.087 0.010 N 
92  1 C5    B 0G 11 ? ? N7    B 0G 11 ? ? 1.330 1.388 -0.058 0.006 N 
93  1 N9    B 0G 11 ? ? C4    B 0G 11 ? ? 1.324 1.375 -0.051 0.008 N 
94  1 C4    B 0U 12 ? ? C5    B 0U 12 ? ? 1.372 1.431 -0.059 0.009 N 
95  1 C4    B 0A 13 ? ? C5    B 0A 13 ? ? 1.330 1.383 -0.053 0.007 N 
96  1 C5    B 0A 13 ? ? C6    B 0A 13 ? ? 1.320 1.406 -0.086 0.009 N 
97  1 C5    B 0A 13 ? ? N7    B 0A 13 ? ? 1.327 1.388 -0.061 0.006 N 
98  1 N9    B 0A 13 ? ? C4    B 0A 13 ? ? 1.320 1.374 -0.054 0.006 N 
99  1 P     B 0C 14 ? ? "O5'" B 0C 14 ? ? 1.661 1.593 0.068  0.010 N 
100 1 N1    B 0C 14 ? ? C6    B 0C 14 ? ? 1.409 1.367 0.042  0.006 N 
101 1 C2    B 0C 14 ? ? N3    B 0C 14 ? ? 1.414 1.353 0.061  0.008 N 
102 1 N3    B 0C 14 ? ? C4    B 0C 14 ? ? 1.388 1.335 0.053  0.007 N 
103 1 C5    B 0C 14 ? ? C6    B 0C 14 ? ? 1.392 1.339 0.053  0.008 N 
104 1 N1    B 0A 15 ? ? C2    B 0A 15 ? ? 1.402 1.339 0.063  0.009 N 
105 1 C2    B 0A 15 ? ? N3    B 0A 15 ? ? 1.397 1.331 0.066  0.009 N 
106 1 C4    B 0A 15 ? ? C5    B 0A 15 ? ? 1.340 1.383 -0.043 0.007 N 
107 1 C5    B 0A 15 ? ? C6    B 0A 15 ? ? 1.338 1.406 -0.068 0.009 N 
108 1 C5    B 0A 15 ? ? N7    B 0A 15 ? ? 1.335 1.388 -0.053 0.006 N 
109 1 N9    B 0A 15 ? ? C4    B 0A 15 ? ? 1.326 1.374 -0.048 0.006 N 
110 1 N1    B 0C 16 ? ? C2    B 0C 16 ? ? 1.335 1.397 -0.062 0.010 N 
111 1 N1    B 0C 16 ? ? C6    B 0C 16 ? ? 1.414 1.367 0.047  0.006 N 
112 1 C5    F 0U 18 ? ? C6    F 0U 18 ? ? 1.393 1.337 0.056  0.009 N 
113 1 P     F 0A 19 ? ? OP1   F 0A 19 ? ? 1.370 1.485 -0.115 0.017 N 
114 1 P     F 0A 19 ? ? OP2   F 0A 19 ? ? 1.363 1.485 -0.122 0.017 N 
115 1 C2    F 0A 19 ? ? N3    F 0A 19 ? ? 1.395 1.331 0.064  0.009 N 
116 1 C4    F 0A 19 ? ? C5    F 0A 19 ? ? 1.336 1.383 -0.047 0.007 N 
117 1 C5    F 0A 19 ? ? C6    F 0A 19 ? ? 1.331 1.406 -0.075 0.009 N 
118 1 C5    F 0A 19 ? ? N7    F 0A 19 ? ? 1.330 1.388 -0.058 0.006 N 
119 1 N1    F 0C 20 ? ? C6    F 0C 20 ? ? 1.418 1.367 0.051  0.006 N 
120 1 C2    F 0C 20 ? ? N3    F 0C 20 ? ? 1.410 1.353 0.057  0.008 N 
121 1 N3    F 0C 20 ? ? C4    F 0C 20 ? ? 1.397 1.335 0.062  0.007 N 
122 1 C5    F 0C 20 ? ? C6    F 0C 20 ? ? 1.397 1.339 0.058  0.008 N 
123 1 N1    F 0A 21 ? ? C2    F 0A 21 ? ? 1.398 1.339 0.059  0.009 N 
124 1 C2    F 0A 21 ? ? N3    F 0A 21 ? ? 1.395 1.331 0.064  0.009 N 
125 1 C4    F 0A 21 ? ? C5    F 0A 21 ? ? 1.339 1.383 -0.044 0.007 N 
126 1 C5    F 0A 21 ? ? C6    F 0A 21 ? ? 1.342 1.406 -0.064 0.009 N 
127 1 C5    F 0A 21 ? ? N7    F 0A 21 ? ? 1.333 1.388 -0.055 0.006 N 
128 1 N9    F 0A 21 ? ? C4    F 0A 21 ? ? 1.335 1.374 -0.039 0.006 N 
129 1 N1    F 0C 22 ? ? C2    F 0C 22 ? ? 1.334 1.397 -0.063 0.010 N 
130 1 C2    F 0C 22 ? ? N3    F 0C 22 ? ? 1.408 1.353 0.055  0.008 N 
131 1 N3    F 0C 22 ? ? C4    F 0C 22 ? ? 1.402 1.335 0.067  0.007 N 
132 1 C5    F 0C 22 ? ? C6    F 0C 22 ? ? 1.388 1.339 0.049  0.008 N 
# 
loop_
_pdbx_validate_rmsd_angle.id 
_pdbx_validate_rmsd_angle.PDB_model_num 
_pdbx_validate_rmsd_angle.auth_atom_id_1 
_pdbx_validate_rmsd_angle.auth_asym_id_1 
_pdbx_validate_rmsd_angle.auth_comp_id_1 
_pdbx_validate_rmsd_angle.auth_seq_id_1 
_pdbx_validate_rmsd_angle.PDB_ins_code_1 
_pdbx_validate_rmsd_angle.label_alt_id_1 
_pdbx_validate_rmsd_angle.auth_atom_id_2 
_pdbx_validate_rmsd_angle.auth_asym_id_2 
_pdbx_validate_rmsd_angle.auth_comp_id_2 
_pdbx_validate_rmsd_angle.auth_seq_id_2 
_pdbx_validate_rmsd_angle.PDB_ins_code_2 
_pdbx_validate_rmsd_angle.label_alt_id_2 
_pdbx_validate_rmsd_angle.auth_atom_id_3 
_pdbx_validate_rmsd_angle.auth_asym_id_3 
_pdbx_validate_rmsd_angle.auth_comp_id_3 
_pdbx_validate_rmsd_angle.auth_seq_id_3 
_pdbx_validate_rmsd_angle.PDB_ins_code_3 
_pdbx_validate_rmsd_angle.label_alt_id_3 
_pdbx_validate_rmsd_angle.angle_value 
_pdbx_validate_rmsd_angle.angle_target_value 
_pdbx_validate_rmsd_angle.angle_deviation 
_pdbx_validate_rmsd_angle.angle_standard_deviation 
_pdbx_validate_rmsd_angle.linker_flag 
1   1 "O5'" C 0G 1  ? ? "C5'" C 0G 1  ? ? "C4'" C 0G 1  ? ? 101.89 109.40 -7.51  0.80 N 
2   1 "C5'" C 0G 1  ? ? "C4'" C 0G 1  ? ? "O4'" C 0G 1  ? ? 115.56 109.80 5.76   0.90 N 
3   1 N1    C 0G 1  ? ? C2    C 0G 1  ? ? N3    C 0G 1  ? ? 119.79 123.90 -4.11  0.60 N 
4   1 C2    C 0G 1  ? ? N3    C 0G 1  ? ? C4    C 0G 1  ? ? 117.39 111.90 5.49   0.50 N 
5   1 N3    C 0G 1  ? ? C4    C 0G 1  ? ? C5    C 0G 1  ? ? 122.91 128.60 -5.69  0.50 N 
6   1 C5    C 0G 1  ? ? C6    C 0G 1  ? ? N1    C 0G 1  ? ? 116.41 111.50 4.91   0.50 N 
7   1 C5    C 0G 1  ? ? N7    C 0G 1  ? ? C8    C 0G 1  ? ? 107.32 104.30 3.02   0.50 N 
8   1 N7    C 0G 1  ? ? C8    C 0G 1  ? ? N9    C 0G 1  ? ? 109.02 113.10 -4.08  0.50 N 
9   1 N3    C 0G 1  ? ? C4    C 0G 1  ? ? N9    C 0G 1  ? ? 129.96 126.00 3.96   0.60 N 
10  1 C5    C 0G 1  ? ? C6    C 0G 1  ? ? O6    C 0G 1  ? ? 123.65 128.60 -4.95  0.60 N 
11  1 C6    C 0G 3  ? ? N1    C 0G 3  ? ? C2    C 0G 3  ? ? 121.38 125.10 -3.72  0.60 N 
12  1 N1    C 0G 3  ? ? C2    C 0G 3  ? ? N3    C 0G 3  ? ? 119.22 123.90 -4.68  0.60 N 
13  1 C2    C 0G 3  ? ? N3    C 0G 3  ? ? C4    C 0G 3  ? ? 118.89 111.90 6.99   0.50 N 
14  1 N3    C 0G 3  ? ? C4    C 0G 3  ? ? C5    C 0G 3  ? ? 124.13 128.60 -4.47  0.50 N 
15  1 C5    C 0G 3  ? ? C6    C 0G 3  ? ? N1    C 0G 3  ? ? 116.22 111.50 4.72   0.50 N 
16  1 C4    C 0G 3  ? ? C5    C 0G 3  ? ? N7    C 0G 3  ? ? 107.88 110.80 -2.92  0.40 N 
17  1 C5    C 0G 3  ? ? N7    C 0G 3  ? ? C8    C 0G 3  ? ? 108.04 104.30 3.74   0.50 N 
18  1 N7    C 0G 3  ? ? C8    C 0G 3  ? ? N9    C 0G 3  ? ? 107.48 113.10 -5.62  0.50 N 
19  1 N9    C 0G 3  ? ? C4    C 0G 3  ? ? C5    C 0G 3  ? ? 107.87 105.40 2.47   0.40 N 
20  1 C5    C 0G 3  ? ? C6    C 0G 3  ? ? O6    C 0G 3  ? ? 121.57 128.60 -7.03  0.60 N 
21  1 C4    C 0G 3  ? ? N9    C 0G 3  ? ? "C1'" C 0G 3  ? ? 117.68 126.50 -8.82  1.30 N 
22  1 "O4'" C 0U 4  ? ? "C1'" C 0U 4  ? ? N1    C 0U 4  ? ? 115.78 108.50 7.28   0.70 N 
23  1 N1    C 0U 4  ? ? C2    C 0U 4  ? ? N3    C 0U 4  ? ? 123.18 114.90 8.28   0.60 N 
24  1 C2    C 0U 4  ? ? N3    C 0U 4  ? ? C4    C 0U 4  ? ? 119.36 127.00 -7.64  0.60 N 
25  1 N1    C 0U 4  ? ? C2    C 0U 4  ? ? O2    C 0U 4  ? ? 118.15 122.80 -4.65  0.70 N 
26  1 C5    C 0U 4  ? ? C4    C 0U 4  ? ? O4    C 0U 4  ? ? 121.38 125.90 -4.52  0.60 N 
27  1 P     C 0A 5  ? ? "O5'" C 0A 5  ? ? "C5'" C 0A 5  ? ? 111.01 120.90 -9.89  1.60 N 
28  1 "C5'" C 0A 5  ? ? "C4'" C 0A 5  ? ? "C3'" C 0A 5  ? ? 106.69 115.20 -8.51  1.40 N 
29  1 "C5'" C 0A 5  ? ? "C4'" C 0A 5  ? ? "O4'" C 0A 5  ? ? 115.43 109.80 5.63   0.90 N 
30  1 N1    C 0A 5  ? ? C2    C 0A 5  ? ? N3    C 0A 5  ? ? 119.29 129.30 -10.01 0.50 N 
31  1 C2    C 0A 5  ? ? N3    C 0A 5  ? ? C4    C 0A 5  ? ? 118.79 110.60 8.19   0.50 N 
32  1 N3    C 0A 5  ? ? C4    C 0A 5  ? ? C5    C 0A 5  ? ? 121.53 126.80 -5.27  0.70 N 
33  1 C4    C 0A 5  ? ? C5    C 0A 5  ? ? C6    C 0A 5  ? ? 120.56 117.00 3.56   0.50 N 
34  1 C5    C 0A 5  ? ? C6    C 0A 5  ? ? N1    C 0A 5  ? ? 120.97 117.70 3.27   0.50 N 
35  1 C4    C 0A 5  ? ? C5    C 0A 5  ? ? N7    C 0A 5  ? ? 107.37 110.70 -3.33  0.50 N 
36  1 C5    C 0A 5  ? ? N7    C 0A 5  ? ? C8    C 0A 5  ? ? 107.89 103.90 3.99   0.50 N 
37  1 N7    C 0A 5  ? ? C8    C 0A 5  ? ? N9    C 0A 5  ? ? 108.23 113.80 -5.57  0.50 N 
38  1 N9    C 0A 5  ? ? C4    C 0A 5  ? ? C5    C 0A 5  ? ? 108.98 105.80 3.18   0.40 N 
39  1 C5    C 0A 5  ? ? C6    C 0A 5  ? ? N6    C 0A 5  ? ? 118.60 123.70 -5.10  0.80 N 
40  1 N1    C 0C 6  ? ? "C1'" C 0C 6  ? ? "C2'" C 0C 6  ? ? 103.81 112.00 -8.19  1.10 N 
41  1 "O4'" C 0C 6  ? ? "C1'" C 0C 6  ? ? N1    C 0C 6  ? ? 114.62 108.50 6.12   0.70 N 
42  1 N3    C 0C 6  ? ? C4    C 0C 6  ? ? C5    C 0C 6  ? ? 118.96 121.90 -2.94  0.40 N 
43  1 N1    C 0A 7  ? ? C2    C 0A 7  ? ? N3    C 0A 7  ? ? 117.73 129.30 -11.57 0.50 N 
44  1 C2    C 0A 7  ? ? N3    C 0A 7  ? ? C4    C 0A 7  ? ? 119.61 110.60 9.01   0.50 N 
45  1 N3    C 0A 7  ? ? C4    C 0A 7  ? ? C5    C 0A 7  ? ? 120.80 126.80 -6.00  0.70 N 
46  1 C4    C 0A 7  ? ? C5    C 0A 7  ? ? C6    C 0A 7  ? ? 120.49 117.00 3.49   0.50 N 
47  1 C5    C 0A 7  ? ? C6    C 0A 7  ? ? N1    C 0A 7  ? ? 122.75 117.70 5.05   0.50 N 
48  1 C4    C 0A 7  ? ? C5    C 0A 7  ? ? N7    C 0A 7  ? ? 107.47 110.70 -3.23  0.50 N 
49  1 C5    C 0A 7  ? ? N7    C 0A 7  ? ? C8    C 0A 7  ? ? 108.17 103.90 4.27   0.50 N 
50  1 N7    C 0A 7  ? ? C8    C 0A 7  ? ? N9    C 0A 7  ? ? 107.75 113.80 -6.05  0.50 N 
51  1 N9    C 0A 7  ? ? C4    C 0A 7  ? ? C5    C 0A 7  ? ? 108.95 105.80 3.15   0.40 N 
52  1 C5    C 0A 7  ? ? C6    C 0A 7  ? ? N6    C 0A 7  ? ? 117.46 123.70 -6.24  0.80 N 
53  1 "O5'" C 0C 8  ? ? "C5'" C 0C 8  ? ? "C4'" C 0C 8  ? ? 103.10 109.40 -6.30  0.80 N 
54  1 "C5'" C 0C 8  ? ? "C4'" C 0C 8  ? ? "O4'" C 0C 8  ? ? 116.34 109.80 6.54   0.90 N 
55  1 N3    C 0C 8  ? ? C4    C 0C 8  ? ? C5    C 0C 8  ? ? 118.20 121.90 -3.70  0.40 N 
56  1 C6    A 0G 9  ? ? N1    A 0G 9  ? ? C2    A 0G 9  ? ? 120.02 125.10 -5.08  0.60 N 
57  1 N1    A 0G 9  ? ? C2    A 0G 9  ? ? N3    A 0G 9  ? ? 118.74 123.90 -5.16  0.60 N 
58  1 C2    A 0G 9  ? ? N3    A 0G 9  ? ? C4    A 0G 9  ? ? 119.97 111.90 8.07   0.50 N 
59  1 N3    A 0G 9  ? ? C4    A 0G 9  ? ? C5    A 0G 9  ? ? 122.11 128.60 -6.49  0.50 N 
60  1 C5    A 0G 9  ? ? C6    A 0G 9  ? ? N1    A 0G 9  ? ? 120.17 111.50 8.67   0.50 N 
61  1 N7    A 0G 9  ? ? C8    A 0G 9  ? ? N9    A 0G 9  ? ? 108.91 113.10 -4.19  0.50 N 
62  1 N3    A 0G 9  ? ? C4    A 0G 9  ? ? N9    A 0G 9  ? ? 130.57 126.00 4.57   0.60 N 
63  1 C5    A 0G 9  ? ? C6    A 0G 9  ? ? O6    A 0G 9  ? ? 121.04 128.60 -7.56  0.60 N 
64  1 C6    A 0G 11 ? ? N1    A 0G 11 ? ? C2    A 0G 11 ? ? 119.99 125.10 -5.11  0.60 N 
65  1 N1    A 0G 11 ? ? C2    A 0G 11 ? ? N3    A 0G 11 ? ? 119.43 123.90 -4.47  0.60 N 
66  1 C2    A 0G 11 ? ? N3    A 0G 11 ? ? C4    A 0G 11 ? ? 119.87 111.90 7.97   0.50 N 
67  1 N3    A 0G 11 ? ? C4    A 0G 11 ? ? C5    A 0G 11 ? ? 122.06 128.60 -6.54  0.50 N 
68  1 C5    A 0G 11 ? ? C6    A 0G 11 ? ? N1    A 0G 11 ? ? 118.99 111.50 7.49   0.50 N 
69  1 C4    A 0G 11 ? ? C5    A 0G 11 ? ? N7    A 0G 11 ? ? 107.26 110.80 -3.54  0.40 N 
70  1 C5    A 0G 11 ? ? N7    A 0G 11 ? ? C8    A 0G 11 ? ? 107.92 104.30 3.62   0.50 N 
71  1 N7    A 0G 11 ? ? C8    A 0G 11 ? ? N9    A 0G 11 ? ? 108.17 113.10 -4.93  0.50 N 
72  1 N9    A 0G 11 ? ? C4    A 0G 11 ? ? C5    A 0G 11 ? ? 108.55 105.40 3.15   0.40 N 
73  1 C5    A 0G 11 ? ? C6    A 0G 11 ? ? O6    A 0G 11 ? ? 122.95 128.60 -5.65  0.60 N 
74  1 "O4'" A 0U 12 ? ? "C1'" A 0U 12 ? ? N1    A 0U 12 ? ? 114.74 108.50 6.24   0.70 N 
75  1 N1    A 0U 12 ? ? C2    A 0U 12 ? ? N3    A 0U 12 ? ? 120.60 114.90 5.70   0.60 N 
76  1 C2    A 0U 12 ? ? N3    A 0U 12 ? ? C4    A 0U 12 ? ? 120.69 127.00 -6.31  0.60 N 
77  1 N3    A 0U 12 ? ? C4    A 0U 12 ? ? C5    A 0U 12 ? ? 119.28 114.60 4.68   0.60 N 
78  1 N3    A 0U 12 ? ? C2    A 0U 12 ? ? O2    A 0U 12 ? ? 117.46 122.20 -4.74  0.70 N 
79  1 C5    A 0U 12 ? ? C4    A 0U 12 ? ? O4    A 0U 12 ? ? 120.29 125.90 -5.61  0.60 N 
80  1 N1    A 0A 13 ? ? C2    A 0A 13 ? ? N3    A 0A 13 ? ? 118.00 129.30 -11.30 0.50 N 
81  1 C2    A 0A 13 ? ? N3    A 0A 13 ? ? C4    A 0A 13 ? ? 120.50 110.60 9.90   0.50 N 
82  1 N3    A 0A 13 ? ? C4    A 0A 13 ? ? C5    A 0A 13 ? ? 120.31 126.80 -6.49  0.70 N 
83  1 C4    A 0A 13 ? ? C5    A 0A 13 ? ? C6    A 0A 13 ? ? 120.17 117.00 3.17   0.50 N 
84  1 C5    A 0A 13 ? ? C6    A 0A 13 ? ? N1    A 0A 13 ? ? 122.47 117.70 4.77   0.50 N 
85  1 C4    A 0A 13 ? ? C5    A 0A 13 ? ? N7    A 0A 13 ? ? 107.08 110.70 -3.62  0.50 N 
86  1 C5    A 0A 13 ? ? N7    A 0A 13 ? ? C8    A 0A 13 ? ? 108.29 103.90 4.39   0.50 N 
87  1 N7    A 0A 13 ? ? C8    A 0A 13 ? ? N9    A 0A 13 ? ? 108.52 113.80 -5.28  0.50 N 
88  1 N9    A 0A 13 ? ? C4    A 0A 13 ? ? C5    A 0A 13 ? ? 108.99 105.80 3.19   0.40 N 
89  1 C5    A 0A 13 ? ? C6    A 0A 13 ? ? N6    A 0A 13 ? ? 117.49 123.70 -6.21  0.80 N 
90  1 N1    A 0C 14 ? ? "C1'" A 0C 14 ? ? "C2'" A 0C 14 ? ? 104.15 112.00 -7.85  1.10 N 
91  1 "O4'" A 0C 14 ? ? "C1'" A 0C 14 ? ? N1    A 0C 14 ? ? 115.67 108.50 7.17   0.70 N 
92  1 N3    A 0C 14 ? ? C4    A 0C 14 ? ? C5    A 0C 14 ? ? 119.50 121.90 -2.40  0.40 N 
93  1 "C5'" A 0A 15 ? ? "C4'" A 0A 15 ? ? "O4'" A 0A 15 ? ? 115.35 109.80 5.55   0.90 N 
94  1 N1    A 0A 15 ? ? C2    A 0A 15 ? ? N3    A 0A 15 ? ? 118.87 129.30 -10.43 0.50 N 
95  1 C2    A 0A 15 ? ? N3    A 0A 15 ? ? C4    A 0A 15 ? ? 118.45 110.60 7.85   0.50 N 
96  1 N3    A 0A 15 ? ? C4    A 0A 15 ? ? C5    A 0A 15 ? ? 121.97 126.80 -4.83  0.70 N 
97  1 C4    A 0A 15 ? ? C5    A 0A 15 ? ? C6    A 0A 15 ? ? 120.08 117.00 3.08   0.50 N 
98  1 C5    A 0A 15 ? ? C6    A 0A 15 ? ? N1    A 0A 15 ? ? 122.49 117.70 4.79   0.50 N 
99  1 C5    A 0A 15 ? ? N7    A 0A 15 ? ? C8    A 0A 15 ? ? 106.91 103.90 3.01   0.50 N 
100 1 N7    A 0A 15 ? ? C8    A 0A 15 ? ? N9    A 0A 15 ? ? 108.20 113.80 -5.60  0.50 N 
101 1 C8    A 0A 15 ? ? N9    A 0A 15 ? ? C4    A 0A 15 ? ? 108.22 105.80 2.42   0.40 N 
102 1 C5    A 0A 15 ? ? C6    A 0A 15 ? ? N6    A 0A 15 ? ? 116.49 123.70 -7.21  0.80 N 
103 1 "C3'" A 0A 15 ? ? "O3'" A 0A 15 ? ? P     A 0C 16 ? ? 107.74 119.70 -11.96 1.20 Y 
104 1 "O3'" A 0A 15 ? ? P     A 0C 16 ? ? "O5'" A 0C 16 ? ? 139.66 104.00 35.66  1.90 Y 
105 1 "O5'" A 0C 16 ? ? P     A 0C 16 ? ? OP1   A 0C 16 ? ? 96.46  105.70 -9.24  0.90 N 
106 1 P     A 0C 16 ? ? "O5'" A 0C 16 ? ? "C5'" A 0C 16 ? ? 105.24 120.90 -15.66 1.60 N 
107 1 "C5'" A 0C 16 ? ? "C4'" A 0C 16 ? ? "O4'" A 0C 16 ? ? 115.30 109.80 5.50   0.90 N 
108 1 "O4'" A 0C 16 ? ? "C1'" A 0C 16 ? ? N1    A 0C 16 ? ? 114.59 108.50 6.09   0.70 N 
109 1 N3    A 0C 16 ? ? C4    A 0C 16 ? ? C5    A 0C 16 ? ? 117.75 121.90 -4.15  0.40 N 
110 1 C6    E 0G 17 ? ? N1    E 0G 17 ? ? C2    E 0G 17 ? ? 117.29 125.10 -7.81  0.60 N 
111 1 N1    E 0G 17 ? ? C2    E 0G 17 ? ? N3    E 0G 17 ? ? 119.89 123.90 -4.01  0.60 N 
112 1 C2    E 0G 17 ? ? N3    E 0G 17 ? ? C4    E 0G 17 ? ? 121.12 111.90 9.22   0.50 N 
113 1 N3    E 0G 17 ? ? C4    E 0G 17 ? ? C5    E 0G 17 ? ? 120.76 128.60 -7.84  0.50 N 
114 1 C5    E 0G 17 ? ? C6    E 0G 17 ? ? N1    E 0G 17 ? ? 120.50 111.50 9.00   0.50 N 
115 1 C4    E 0G 17 ? ? C5    E 0G 17 ? ? N7    E 0G 17 ? ? 107.35 110.80 -3.45  0.40 N 
116 1 C5    E 0G 17 ? ? N7    E 0G 17 ? ? C8    E 0G 17 ? ? 108.21 104.30 3.91   0.50 N 
117 1 N7    E 0G 17 ? ? C8    E 0G 17 ? ? N9    E 0G 17 ? ? 107.89 113.10 -5.21  0.50 N 
118 1 N9    E 0G 17 ? ? C4    E 0G 17 ? ? C5    E 0G 17 ? ? 108.40 105.40 3.00   0.40 N 
119 1 N3    E 0G 17 ? ? C4    E 0G 17 ? ? N9    E 0G 17 ? ? 130.83 126.00 4.83   0.60 N 
120 1 C5    E 0G 17 ? ? C6    E 0G 17 ? ? O6    E 0G 17 ? ? 120.44 128.60 -8.16  0.60 N 
121 1 C6    E 0G 19 ? ? N1    E 0G 19 ? ? C2    E 0G 19 ? ? 119.37 125.10 -5.73  0.60 N 
122 1 N1    E 0G 19 ? ? C2    E 0G 19 ? ? N3    E 0G 19 ? ? 118.48 123.90 -5.42  0.60 N 
123 1 C2    E 0G 19 ? ? N3    E 0G 19 ? ? C4    E 0G 19 ? ? 121.61 111.90 9.71   0.50 N 
124 1 N3    E 0G 19 ? ? C4    E 0G 19 ? ? C5    E 0G 19 ? ? 121.85 128.60 -6.75  0.50 N 
125 1 C5    E 0G 19 ? ? C6    E 0G 19 ? ? N1    E 0G 19 ? ? 120.11 111.50 8.61   0.50 N 
126 1 C4    E 0G 19 ? ? C5    E 0G 19 ? ? N7    E 0G 19 ? ? 107.52 110.80 -3.28  0.40 N 
127 1 C5    E 0G 19 ? ? N7    E 0G 19 ? ? C8    E 0G 19 ? ? 108.37 104.30 4.07   0.50 N 
128 1 N7    E 0G 19 ? ? C8    E 0G 19 ? ? N9    E 0G 19 ? ? 107.58 113.10 -5.52  0.50 N 
129 1 N9    E 0G 19 ? ? C4    E 0G 19 ? ? C5    E 0G 19 ? ? 107.93 105.40 2.53   0.40 N 
130 1 N3    E 0G 19 ? ? C4    E 0G 19 ? ? N9    E 0G 19 ? ? 130.21 126.00 4.21   0.60 N 
131 1 C5    E 0G 19 ? ? C6    E 0G 19 ? ? O6    E 0G 19 ? ? 122.48 128.60 -6.12  0.60 N 
132 1 C4    E 0G 19 ? ? N9    E 0G 19 ? ? "C1'" E 0G 19 ? ? 118.10 126.50 -8.40  1.30 N 
133 1 "C4'" E 0U 20 ? ? "C3'" E 0U 20 ? ? "C2'" E 0U 20 ? ? 96.35  102.60 -6.25  1.00 N 
134 1 N1    E 0U 20 ? ? "C1'" E 0U 20 ? ? "C2'" E 0U 20 ? ? 104.94 112.00 -7.06  1.10 N 
135 1 N1    E 0U 20 ? ? C2    E 0U 20 ? ? N3    E 0U 20 ? ? 119.87 114.90 4.97   0.60 N 
136 1 C2    E 0U 20 ? ? N3    E 0U 20 ? ? C4    E 0U 20 ? ? 119.67 127.00 -7.33  0.60 N 
137 1 N3    E 0U 20 ? ? C4    E 0U 20 ? ? C5    E 0U 20 ? ? 119.88 114.60 5.28   0.60 N 
138 1 C5    E 0U 20 ? ? C6    E 0U 20 ? ? N1    E 0U 20 ? ? 119.67 122.70 -3.03  0.50 N 
139 1 C5    E 0U 20 ? ? C4    E 0U 20 ? ? O4    E 0U 20 ? ? 119.93 125.90 -5.97  0.60 N 
140 1 C6    D 0G 1  ? ? N1    D 0G 1  ? ? C2    D 0G 1  ? ? 121.12 125.10 -3.98  0.60 N 
141 1 N1    D 0G 1  ? ? C2    D 0G 1  ? ? N3    D 0G 1  ? ? 118.48 123.90 -5.42  0.60 N 
142 1 C2    D 0G 1  ? ? N3    D 0G 1  ? ? C4    D 0G 1  ? ? 120.23 111.90 8.33   0.50 N 
143 1 N3    D 0G 1  ? ? C4    D 0G 1  ? ? C5    D 0G 1  ? ? 121.46 128.60 -7.14  0.50 N 
144 1 C5    D 0G 1  ? ? C6    D 0G 1  ? ? N1    D 0G 1  ? ? 118.81 111.50 7.31   0.50 N 
145 1 C4    D 0G 1  ? ? C5    D 0G 1  ? ? N7    D 0G 1  ? ? 107.47 110.80 -3.33  0.40 N 
146 1 C5    D 0G 1  ? ? N7    D 0G 1  ? ? C8    D 0G 1  ? ? 107.61 104.30 3.31   0.50 N 
147 1 N7    D 0G 1  ? ? C8    D 0G 1  ? ? N9    D 0G 1  ? ? 109.10 113.10 -4.00  0.50 N 
148 1 N9    D 0G 1  ? ? C4    D 0G 1  ? ? C5    D 0G 1  ? ? 108.87 105.40 3.47   0.40 N 
149 1 N3    D 0G 1  ? ? C4    D 0G 1  ? ? N9    D 0G 1  ? ? 129.67 126.00 3.67   0.60 N 
150 1 C5    D 0G 1  ? ? C6    D 0G 1  ? ? O6    D 0G 1  ? ? 123.50 128.60 -5.10  0.60 N 
151 1 C6    D 0G 3  ? ? N1    D 0G 3  ? ? C2    D 0G 3  ? ? 119.05 125.10 -6.05  0.60 N 
152 1 C2    D 0G 3  ? ? N3    D 0G 3  ? ? C4    D 0G 3  ? ? 119.86 111.90 7.96   0.50 N 
153 1 N3    D 0G 3  ? ? C4    D 0G 3  ? ? C5    D 0G 3  ? ? 120.44 128.60 -8.16  0.50 N 
154 1 C5    D 0G 3  ? ? C6    D 0G 3  ? ? N1    D 0G 3  ? ? 117.65 111.50 6.15   0.50 N 
155 1 C4    D 0G 3  ? ? C5    D 0G 3  ? ? N7    D 0G 3  ? ? 106.52 110.80 -4.28  0.40 N 
156 1 C5    D 0G 3  ? ? N7    D 0G 3  ? ? C8    D 0G 3  ? ? 109.04 104.30 4.74   0.50 N 
157 1 N7    D 0G 3  ? ? C8    D 0G 3  ? ? N9    D 0G 3  ? ? 108.29 113.10 -4.81  0.50 N 
158 1 N9    D 0G 3  ? ? C4    D 0G 3  ? ? C5    D 0G 3  ? ? 108.56 105.40 3.16   0.40 N 
159 1 N3    D 0G 3  ? ? C4    D 0G 3  ? ? N9    D 0G 3  ? ? 131.00 126.00 5.00   0.60 N 
160 1 C5    D 0G 3  ? ? C6    D 0G 3  ? ? O6    D 0G 3  ? ? 124.52 128.60 -4.08  0.60 N 
161 1 "O4'" D 0U 4  ? ? "C1'" D 0U 4  ? ? N1    D 0U 4  ? ? 113.23 108.50 4.73   0.70 N 
162 1 N1    D 0U 4  ? ? C2    D 0U 4  ? ? N3    D 0U 4  ? ? 122.18 114.90 7.28   0.60 N 
163 1 C2    D 0U 4  ? ? N3    D 0U 4  ? ? C4    D 0U 4  ? ? 121.00 127.00 -6.00  0.60 N 
164 1 "O5'" D 0A 5  ? ? "C5'" D 0A 5  ? ? "C4'" D 0A 5  ? ? 104.28 109.40 -5.12  0.80 N 
165 1 "C1'" D 0A 5  ? ? "O4'" D 0A 5  ? ? "C4'" D 0A 5  ? ? 105.23 109.70 -4.47  0.70 N 
166 1 N1    D 0A 5  ? ? C2    D 0A 5  ? ? N3    D 0A 5  ? ? 119.71 129.30 -9.59  0.50 N 
167 1 C2    D 0A 5  ? ? N3    D 0A 5  ? ? C4    D 0A 5  ? ? 117.91 110.60 7.31   0.50 N 
168 1 N3    D 0A 5  ? ? C4    D 0A 5  ? ? C5    D 0A 5  ? ? 122.15 126.80 -4.65  0.70 N 
169 1 C4    D 0A 5  ? ? C5    D 0A 5  ? ? C6    D 0A 5  ? ? 120.43 117.00 3.43   0.50 N 
170 1 C5    D 0A 5  ? ? C6    D 0A 5  ? ? N1    D 0A 5  ? ? 121.90 117.70 4.20   0.50 N 
171 1 C5    D 0A 5  ? ? N7    D 0A 5  ? ? C8    D 0A 5  ? ? 107.20 103.90 3.30   0.50 N 
172 1 N7    D 0A 5  ? ? C8    D 0A 5  ? ? N9    D 0A 5  ? ? 108.08 113.80 -5.72  0.50 N 
173 1 C5    D 0A 5  ? ? C6    D 0A 5  ? ? N6    D 0A 5  ? ? 116.76 123.70 -6.94  0.80 N 
174 1 "O4'" D 0C 6  ? ? "C1'" D 0C 6  ? ? N1    D 0C 6  ? ? 101.95 108.20 -6.25  0.80 N 
175 1 "O4'" D 0A 7  ? ? "C1'" D 0A 7  ? ? N9    D 0A 7  ? ? 100.58 108.20 -7.62  0.80 N 
176 1 N1    D 0A 7  ? ? C2    D 0A 7  ? ? N3    D 0A 7  ? ? 119.26 129.30 -10.04 0.50 N 
177 1 C2    D 0A 7  ? ? N3    D 0A 7  ? ? C4    D 0A 7  ? ? 117.33 110.60 6.73   0.50 N 
178 1 C4    D 0A 7  ? ? C5    D 0A 7  ? ? C6    D 0A 7  ? ? 120.14 117.00 3.14   0.50 N 
179 1 C5    D 0A 7  ? ? C6    D 0A 7  ? ? N1    D 0A 7  ? ? 121.31 117.70 3.61   0.50 N 
180 1 C4    D 0A 7  ? ? C5    D 0A 7  ? ? N7    D 0A 7  ? ? 107.47 110.70 -3.23  0.50 N 
181 1 C5    D 0A 7  ? ? N7    D 0A 7  ? ? C8    D 0A 7  ? ? 108.30 103.90 4.40   0.50 N 
182 1 N7    D 0A 7  ? ? C8    D 0A 7  ? ? N9    D 0A 7  ? ? 107.31 113.80 -6.49  0.50 N 
183 1 C8    D 0A 7  ? ? N9    D 0A 7  ? ? C4    D 0A 7  ? ? 109.03 105.80 3.23   0.40 N 
184 1 C5    D 0A 7  ? ? C6    D 0A 7  ? ? N6    D 0A 7  ? ? 118.55 123.70 -5.15  0.80 N 
185 1 "O5'" D 0C 8  ? ? "C5'" D 0C 8  ? ? "C4'" D 0C 8  ? ? 104.20 109.40 -5.20  0.80 N 
186 1 "O4'" D 0C 8  ? ? "C1'" D 0C 8  ? ? N1    D 0C 8  ? ? 114.63 108.50 6.13   0.70 N 
187 1 C2    D 0C 8  ? ? N3    D 0C 8  ? ? C4    D 0C 8  ? ? 122.99 119.90 3.09   0.50 N 
188 1 N3    D 0C 8  ? ? C4    D 0C 8  ? ? C5    D 0C 8  ? ? 118.93 121.90 -2.97  0.40 N 
189 1 "O4'" B 0G 9  ? ? "C1'" B 0G 9  ? ? N9    B 0G 9  ? ? 120.99 108.50 12.49  0.70 N 
190 1 C6    B 0G 9  ? ? N1    B 0G 9  ? ? C2    B 0G 9  ? ? 120.56 125.10 -4.54  0.60 N 
191 1 N1    B 0G 9  ? ? C2    B 0G 9  ? ? N3    B 0G 9  ? ? 118.81 123.90 -5.09  0.60 N 
192 1 C2    B 0G 9  ? ? N3    B 0G 9  ? ? C4    B 0G 9  ? ? 119.66 111.90 7.76   0.50 N 
193 1 N3    B 0G 9  ? ? C4    B 0G 9  ? ? C5    B 0G 9  ? ? 123.03 128.60 -5.57  0.50 N 
194 1 C5    B 0G 9  ? ? C6    B 0G 9  ? ? N1    B 0G 9  ? ? 117.17 111.50 5.67   0.50 N 
195 1 C4    B 0G 9  ? ? C5    B 0G 9  ? ? N7    B 0G 9  ? ? 107.33 110.80 -3.47  0.40 N 
196 1 C5    B 0G 9  ? ? N7    B 0G 9  ? ? C8    B 0G 9  ? ? 107.32 104.30 3.02   0.50 N 
197 1 N7    B 0G 9  ? ? C8    B 0G 9  ? ? N9    B 0G 9  ? ? 109.59 113.10 -3.51  0.50 N 
198 1 N9    B 0G 9  ? ? C4    B 0G 9  ? ? C5    B 0G 9  ? ? 109.90 105.40 4.50   0.40 N 
199 1 N1    B 0G 9  ? ? C2    B 0G 9  ? ? N2    B 0G 9  ? ? 122.30 116.20 6.10   0.90 N 
200 1 C5    B 0G 9  ? ? C6    B 0G 9  ? ? O6    B 0G 9  ? ? 121.59 128.60 -7.01  0.60 N 
201 1 C8    B 0G 9  ? ? N9    B 0G 9  ? ? "C1'" B 0G 9  ? ? 138.25 127.00 11.25  1.30 N 
202 1 C4    B 0G 9  ? ? N9    B 0G 9  ? ? "C1'" B 0G 9  ? ? 115.86 126.50 -10.64 1.30 N 
203 1 "C5'" B 0G 11 ? ? "C4'" B 0G 11 ? ? "O4'" B 0G 11 ? ? 115.42 109.80 5.62   0.90 N 
204 1 C6    B 0G 11 ? ? N1    B 0G 11 ? ? C2    B 0G 11 ? ? 120.32 125.10 -4.78  0.60 N 
205 1 N1    B 0G 11 ? ? C2    B 0G 11 ? ? N3    B 0G 11 ? ? 118.81 123.90 -5.09  0.60 N 
206 1 C2    B 0G 11 ? ? N3    B 0G 11 ? ? C4    B 0G 11 ? ? 120.07 111.90 8.17   0.50 N 
207 1 N3    B 0G 11 ? ? C4    B 0G 11 ? ? C5    B 0G 11 ? ? 121.52 128.60 -7.08  0.50 N 
208 1 C5    B 0G 11 ? ? C6    B 0G 11 ? ? N1    B 0G 11 ? ? 118.60 111.50 7.10   0.50 N 
209 1 C4    B 0G 11 ? ? C5    B 0G 11 ? ? N7    B 0G 11 ? ? 107.42 110.80 -3.38  0.40 N 
210 1 C5    B 0G 11 ? ? N7    B 0G 11 ? ? C8    B 0G 11 ? ? 108.18 104.30 3.88   0.50 N 
211 1 N7    B 0G 11 ? ? C8    B 0G 11 ? ? N9    B 0G 11 ? ? 108.20 113.10 -4.90  0.50 N 
212 1 N9    B 0G 11 ? ? C4    B 0G 11 ? ? C5    B 0G 11 ? ? 108.55 105.40 3.15   0.40 N 
213 1 N3    B 0G 11 ? ? C4    B 0G 11 ? ? N9    B 0G 11 ? ? 129.93 126.00 3.93   0.60 N 
214 1 C5    B 0G 11 ? ? C6    B 0G 11 ? ? O6    B 0G 11 ? ? 123.47 128.60 -5.13  0.60 N 
215 1 N1    B 0U 12 ? ? C2    B 0U 12 ? ? N3    B 0U 12 ? ? 119.63 114.90 4.73   0.60 N 
216 1 C2    B 0U 12 ? ? N3    B 0U 12 ? ? C4    B 0U 12 ? ? 120.80 127.00 -6.20  0.60 N 
217 1 N3    B 0U 12 ? ? C4    B 0U 12 ? ? C5    B 0U 12 ? ? 119.75 114.60 5.15   0.60 N 
218 1 C5    B 0U 12 ? ? C4    B 0U 12 ? ? O4    B 0U 12 ? ? 120.48 125.90 -5.42  0.60 N 
219 1 N1    B 0A 13 ? ? C2    B 0A 13 ? ? N3    B 0A 13 ? ? 119.07 129.30 -10.23 0.50 N 
220 1 C2    B 0A 13 ? ? N3    B 0A 13 ? ? C4    B 0A 13 ? ? 118.49 110.60 7.89   0.50 N 
221 1 N3    B 0A 13 ? ? C4    B 0A 13 ? ? C5    B 0A 13 ? ? 121.43 126.80 -5.37  0.70 N 
222 1 C4    B 0A 13 ? ? C5    B 0A 13 ? ? C6    B 0A 13 ? ? 120.90 117.00 3.90   0.50 N 
223 1 C5    B 0A 13 ? ? C6    B 0A 13 ? ? N1    B 0A 13 ? ? 121.13 117.70 3.43   0.50 N 
224 1 C4    B 0A 13 ? ? C5    B 0A 13 ? ? N7    B 0A 13 ? ? 107.54 110.70 -3.16  0.50 N 
225 1 C5    B 0A 13 ? ? N7    B 0A 13 ? ? C8    B 0A 13 ? ? 107.62 103.90 3.72   0.50 N 
226 1 N7    B 0A 13 ? ? C8    B 0A 13 ? ? N9    B 0A 13 ? ? 108.61 113.80 -5.19  0.50 N 
227 1 N9    B 0A 13 ? ? C4    B 0A 13 ? ? C5    B 0A 13 ? ? 109.31 105.80 3.51   0.40 N 
228 1 C5    B 0A 13 ? ? C6    B 0A 13 ? ? N6    B 0A 13 ? ? 118.33 123.70 -5.37  0.80 N 
229 1 "C1'" B 0C 14 ? ? "O4'" B 0C 14 ? ? "C4'" B 0C 14 ? ? 105.46 109.70 -4.24  0.70 N 
230 1 N3    B 0C 14 ? ? C4    B 0C 14 ? ? C5    B 0C 14 ? ? 117.84 121.90 -4.06  0.40 N 
231 1 N1    B 0A 15 ? ? C2    B 0A 15 ? ? N3    B 0A 15 ? ? 119.27 129.30 -10.03 0.50 N 
232 1 C2    B 0A 15 ? ? N3    B 0A 15 ? ? C4    B 0A 15 ? ? 118.64 110.60 8.04   0.50 N 
233 1 N3    B 0A 15 ? ? C4    B 0A 15 ? ? C5    B 0A 15 ? ? 121.21 126.80 -5.59  0.70 N 
234 1 C4    B 0A 15 ? ? C5    B 0A 15 ? ? C6    B 0A 15 ? ? 120.57 117.00 3.57   0.50 N 
235 1 C5    B 0A 15 ? ? C6    B 0A 15 ? ? N1    B 0A 15 ? ? 122.03 117.70 4.33   0.50 N 
236 1 C4    B 0A 15 ? ? C5    B 0A 15 ? ? N7    B 0A 15 ? ? 107.51 110.70 -3.19  0.50 N 
237 1 C5    B 0A 15 ? ? N7    B 0A 15 ? ? C8    B 0A 15 ? ? 107.99 103.90 4.09   0.50 N 
238 1 N7    B 0A 15 ? ? C8    B 0A 15 ? ? N9    B 0A 15 ? ? 108.49 113.80 -5.31  0.50 N 
239 1 N9    B 0A 15 ? ? C4    B 0A 15 ? ? C5    B 0A 15 ? ? 108.55 105.80 2.75   0.40 N 
240 1 C5    B 0A 15 ? ? C6    B 0A 15 ? ? N6    B 0A 15 ? ? 118.34 123.70 -5.36  0.80 N 
241 1 "C5'" B 0C 16 ? ? "C4'" B 0C 16 ? ? "C3'" B 0C 16 ? ? 105.78 115.20 -9.42  1.40 N 
242 1 "C5'" B 0C 16 ? ? "C4'" B 0C 16 ? ? "O4'" B 0C 16 ? ? 115.70 109.80 5.90   0.90 N 
243 1 N3    B 0C 16 ? ? C4    B 0C 16 ? ? C5    B 0C 16 ? ? 119.26 121.90 -2.64  0.40 N 
244 1 N1    B 0C 16 ? ? C2    B 0C 16 ? ? O2    B 0C 16 ? ? 122.53 118.90 3.63   0.60 N 
245 1 "O5'" F 0U 18 ? ? "C5'" F 0U 18 ? ? "C4'" F 0U 18 ? ? 103.62 109.40 -5.78  0.80 N 
246 1 N1    F 0U 18 ? ? C2    F 0U 18 ? ? N3    F 0U 18 ? ? 120.03 114.90 5.13   0.60 N 
247 1 C2    F 0U 18 ? ? N3    F 0U 18 ? ? C4    F 0U 18 ? ? 119.79 127.00 -7.21  0.60 N 
248 1 N3    F 0U 18 ? ? C4    F 0U 18 ? ? C5    F 0U 18 ? ? 119.31 114.60 4.71   0.60 N 
249 1 C5    F 0U 18 ? ? C4    F 0U 18 ? ? O4    F 0U 18 ? ? 120.18 125.90 -5.72  0.60 N 
250 1 "C4'" F 0A 19 ? ? "C3'" F 0A 19 ? ? "C2'" F 0A 19 ? ? 95.37  102.60 -7.23  1.00 N 
251 1 N1    F 0A 19 ? ? C2    F 0A 19 ? ? N3    F 0A 19 ? ? 118.79 129.30 -10.51 0.50 N 
252 1 C2    F 0A 19 ? ? N3    F 0A 19 ? ? C4    F 0A 19 ? ? 119.94 110.60 9.34   0.50 N 
253 1 N3    F 0A 19 ? ? C4    F 0A 19 ? ? C5    F 0A 19 ? ? 119.52 126.80 -7.28  0.70 N 
254 1 C4    F 0A 19 ? ? C5    F 0A 19 ? ? C6    F 0A 19 ? ? 121.30 117.00 4.30   0.50 N 
255 1 C5    F 0A 19 ? ? C6    F 0A 19 ? ? N1    F 0A 19 ? ? 122.25 117.70 4.55   0.50 N 
256 1 C4    F 0A 19 ? ? C5    F 0A 19 ? ? N7    F 0A 19 ? ? 107.41 110.70 -3.29  0.50 N 
257 1 C5    F 0A 19 ? ? N7    F 0A 19 ? ? C8    F 0A 19 ? ? 108.51 103.90 4.61   0.50 N 
258 1 N7    F 0A 19 ? ? C8    F 0A 19 ? ? N9    F 0A 19 ? ? 108.24 113.80 -5.56  0.50 N 
259 1 N9    F 0A 19 ? ? C4    F 0A 19 ? ? C5    F 0A 19 ? ? 108.36 105.80 2.56   0.40 N 
260 1 C5    F 0A 19 ? ? C6    F 0A 19 ? ? N6    F 0A 19 ? ? 116.64 123.70 -7.06  0.80 N 
261 1 N3    F 0C 20 ? ? C4    F 0C 20 ? ? C5    F 0C 20 ? ? 118.94 121.90 -2.96  0.40 N 
262 1 "O5'" F 0A 21 ? ? "C5'" F 0A 21 ? ? "C4'" F 0A 21 ? ? 101.29 109.40 -8.11  0.80 N 
263 1 "C5'" F 0A 21 ? ? "C4'" F 0A 21 ? ? "C3'" F 0A 21 ? ? 106.71 115.20 -8.49  1.40 N 
264 1 "C5'" F 0A 21 ? ? "C4'" F 0A 21 ? ? "O4'" F 0A 21 ? ? 117.58 109.80 7.78   0.90 N 
265 1 "C1'" F 0A 21 ? ? "O4'" F 0A 21 ? ? "C4'" F 0A 21 ? ? 105.01 109.70 -4.69  0.70 N 
266 1 "O4'" F 0A 21 ? ? "C1'" F 0A 21 ? ? "C2'" F 0A 21 ? ? 99.59  105.80 -6.21  1.00 N 
267 1 "O4'" F 0A 21 ? ? "C1'" F 0A 21 ? ? N9    F 0A 21 ? ? 115.58 108.50 7.08   0.70 N 
268 1 N1    F 0A 21 ? ? C2    F 0A 21 ? ? N3    F 0A 21 ? ? 118.02 129.30 -11.28 0.50 N 
269 1 C2    F 0A 21 ? ? N3    F 0A 21 ? ? C4    F 0A 21 ? ? 119.92 110.60 9.32   0.50 N 
270 1 N3    F 0A 21 ? ? C4    F 0A 21 ? ? C5    F 0A 21 ? ? 120.95 126.80 -5.85  0.70 N 
271 1 C4    F 0A 21 ? ? C5    F 0A 21 ? ? C6    F 0A 21 ? ? 120.12 117.00 3.12   0.50 N 
272 1 C5    F 0A 21 ? ? C6    F 0A 21 ? ? N1    F 0A 21 ? ? 121.96 117.70 4.26   0.50 N 
273 1 C4    F 0A 21 ? ? C5    F 0A 21 ? ? N7    F 0A 21 ? ? 107.52 110.70 -3.18  0.50 N 
274 1 C5    F 0A 21 ? ? N7    F 0A 21 ? ? C8    F 0A 21 ? ? 108.31 103.90 4.41   0.50 N 
275 1 N7    F 0A 21 ? ? C8    F 0A 21 ? ? N9    F 0A 21 ? ? 108.20 113.80 -5.60  0.50 N 
276 1 C5    F 0A 21 ? ? C6    F 0A 21 ? ? N6    F 0A 21 ? ? 117.06 123.70 -6.64  0.80 N 
277 1 N3    F 0C 22 ? ? C4    F 0C 22 ? ? C5    F 0C 22 ? ? 119.18 121.90 -2.72  0.40 N 
# 
loop_
_pdbx_struct_special_symmetry.id 
_pdbx_struct_special_symmetry.PDB_model_num 
_pdbx_struct_special_symmetry.auth_asym_id 
_pdbx_struct_special_symmetry.auth_comp_id 
_pdbx_struct_special_symmetry.auth_seq_id 
_pdbx_struct_special_symmetry.PDB_ins_code 
_pdbx_struct_special_symmetry.label_asym_id 
_pdbx_struct_special_symmetry.label_comp_id 
_pdbx_struct_special_symmetry.label_seq_id 
1 1 B SO4 101 ? H SO4 . 
2 1 B SO4 101 ? H SO4 . 
3 1 C HOH 103 ? L HOH . 
4 1 A HOH 204 ? M HOH . 
5 1 A HOH 205 ? M HOH . 
6 1 A HOH 206 ? M HOH . 
7 1 D HOH 101 ? O HOH . 
8 1 F HOH 202 ? Q HOH . 
9 1 F HOH 206 ? Q HOH . 
# 
_pdbx_entry_details.entry_id                 8F24 
_pdbx_entry_details.has_ligand_of_interest   Y 
_pdbx_entry_details.compound_details         ? 
_pdbx_entry_details.source_details           ? 
_pdbx_entry_details.nonpolymer_details       ? 
_pdbx_entry_details.sequence_details         ? 
# 
loop_
_pdbx_distant_solvent_atoms.id 
_pdbx_distant_solvent_atoms.PDB_model_num 
_pdbx_distant_solvent_atoms.auth_atom_id 
_pdbx_distant_solvent_atoms.label_alt_id 
_pdbx_distant_solvent_atoms.auth_asym_id 
_pdbx_distant_solvent_atoms.auth_comp_id 
_pdbx_distant_solvent_atoms.auth_seq_id 
_pdbx_distant_solvent_atoms.PDB_ins_code 
_pdbx_distant_solvent_atoms.neighbor_macromolecule_distance 
_pdbx_distant_solvent_atoms.neighbor_ligand_distance 
1 1 O ? A HOH 206 ? 9.41  . 
2 1 O ? D HOH 101 ? 6.06  . 
3 1 O ? F HOH 206 ? 10.18 . 
4 1 O ? F HOH 207 ? 13.02 . 
# 
loop_
_pdbx_unobs_or_zero_occ_residues.id 
_pdbx_unobs_or_zero_occ_residues.PDB_model_num 
_pdbx_unobs_or_zero_occ_residues.polymer_flag 
_pdbx_unobs_or_zero_occ_residues.occupancy_flag 
_pdbx_unobs_or_zero_occ_residues.auth_asym_id 
_pdbx_unobs_or_zero_occ_residues.auth_comp_id 
_pdbx_unobs_or_zero_occ_residues.auth_seq_id 
_pdbx_unobs_or_zero_occ_residues.PDB_ins_code 
_pdbx_unobs_or_zero_occ_residues.label_asym_id 
_pdbx_unobs_or_zero_occ_residues.label_comp_id 
_pdbx_unobs_or_zero_occ_residues.label_seq_id 
1 1 Y 1 E 0C  22 ? C 0C  6 
2 1 Y 1 E 0A  23 ? C 0A  7 
3 1 Y 1 E 0C  24 ? C 0C  8 
4 1 Y 1 F 0G  15 ? F 0G  1 
5 1 Y 1 F XEC 16 ? F XEC 2 
# 
loop_
_chem_comp_atom.comp_id 
_chem_comp_atom.atom_id 
_chem_comp_atom.type_symbol 
_chem_comp_atom.pdbx_aromatic_flag 
_chem_comp_atom.pdbx_stereo_config 
_chem_comp_atom.pdbx_ordinal 
0A  P      P N N 1   
0A  N1     N Y N 2   
0A  C2     C Y N 3   
0A  N3     N Y N 4   
0A  C4     C Y N 5   
0A  C5     C Y N 6   
0A  C6     C Y N 7   
0A  N6     N N N 8   
0A  N7     N Y N 9   
0A  C8     C Y N 10  
0A  N9     N Y N 11  
0A  "C1'"  C N S 12  
0A  "C2'"  C N S 13  
0A  "O2'"  O N N 14  
0A  "C3'"  C N R 15  
0A  "O3'"  O N N 16  
0A  "C4'"  C N S 17  
0A  "O4'"  O N N 18  
0A  "C5'"  C N N 19  
0A  "O5'"  O N N 20  
0A  OP1    O N N 21  
0A  OP2    O N N 22  
0A  OP3    O N N 23  
0A  H2     H N N 24  
0A  HN6    H N N 25  
0A  HN6A   H N N 26  
0A  H8     H N N 27  
0A  "H1'"  H N N 28  
0A  "H2'"  H N N 29  
0A  "HO2'" H N N 30  
0A  "H3'"  H N N 31  
0A  "HO3'" H N N 32  
0A  "H4'"  H N N 33  
0A  "H5'"  H N N 34  
0A  "H5'A" H N N 35  
0A  HOP2   H N N 36  
0A  HOP3   H N N 37  
0C  OP3    O N N 38  
0C  P      P N N 39  
0C  OP1    O N N 40  
0C  OP2    O N N 41  
0C  "O5'"  O N N 42  
0C  "C5'"  C N N 43  
0C  "C4'"  C N S 44  
0C  "O4'"  O N N 45  
0C  "C3'"  C N R 46  
0C  "O3'"  O N N 47  
0C  "C2'"  C N S 48  
0C  "O2'"  O N N 49  
0C  "C1'"  C N S 50  
0C  N1     N N N 51  
0C  C2     C N N 52  
0C  O2     O N N 53  
0C  N3     N N N 54  
0C  C4     C N N 55  
0C  N4     N N N 56  
0C  C5     C N N 57  
0C  C6     C N N 58  
0C  HOP3   H N N 59  
0C  HOP2   H N N 60  
0C  "H5'"  H N N 61  
0C  "H5''" H N N 62  
0C  "H4'"  H N N 63  
0C  "H3'"  H N N 64  
0C  "HO3'" H N N 65  
0C  "H2'"  H N N 66  
0C  "HO2'" H N N 67  
0C  "H1'"  H N N 68  
0C  H41    H N N 69  
0C  H42    H N N 70  
0C  H5     H N N 71  
0C  H6     H N N 72  
0G  OP3    O N N 73  
0G  P      P N N 74  
0G  OP1    O N N 75  
0G  OP2    O N N 76  
0G  "O5'"  O N N 77  
0G  "C5'"  C N N 78  
0G  "C4'"  C N S 79  
0G  "O4'"  O N N 80  
0G  "C3'"  C N R 81  
0G  "O3'"  O N N 82  
0G  "C2'"  C N S 83  
0G  "O2'"  O N N 84  
0G  "C1'"  C N S 85  
0G  N9     N Y N 86  
0G  C8     C Y N 87  
0G  N7     N Y N 88  
0G  C6     C N N 89  
0G  O6     O N N 90  
0G  C5     C Y N 91  
0G  N1     N N N 92  
0G  C2     C N N 93  
0G  N2     N N N 94  
0G  N3     N N N 95  
0G  C4     C Y N 96  
0G  HOP3   H N N 97  
0G  HOP2   H N N 98  
0G  "H5'"  H N N 99  
0G  "H5''" H N N 100 
0G  "H4'"  H N N 101 
0G  "H3'"  H N N 102 
0G  "HO3'" H N N 103 
0G  "H2'"  H N N 104 
0G  "HO2'" H N N 105 
0G  "H1'"  H N N 106 
0G  H8     H N N 107 
0G  H1     H N N 108 
0G  H21    H N N 109 
0G  H22    H N N 110 
0U  OP3    O N N 111 
0U  P      P N N 112 
0U  OP1    O N N 113 
0U  OP2    O N N 114 
0U  "O5'"  O N N 115 
0U  "C5'"  C N N 116 
0U  "C4'"  C N S 117 
0U  "O4'"  O N N 118 
0U  "C3'"  C N R 119 
0U  "O3'"  O N N 120 
0U  "C2'"  C N S 121 
0U  "O2'"  O N N 122 
0U  "C1'"  C N S 123 
0U  N1     N N N 124 
0U  C2     C N N 125 
0U  O2     O N N 126 
0U  N3     N N N 127 
0U  C4     C N N 128 
0U  O4     O N N 129 
0U  C5     C N N 130 
0U  C6     C N N 131 
0U  HOP3   H N N 132 
0U  HOP2   H N N 133 
0U  "H5'"  H N N 134 
0U  "H5''" H N N 135 
0U  "H4'"  H N N 136 
0U  "H3'"  H N N 137 
0U  "HO3'" H N N 138 
0U  "H2'"  H N N 139 
0U  "HO2'" H N N 140 
0U  "H1'"  H N N 141 
0U  H3     H N N 142 
0U  H5     H N N 143 
0U  H6     H N N 144 
HOH O      O N N 145 
HOH H1     H N N 146 
HOH H2     H N N 147 
SO4 S      S N N 148 
SO4 O1     O N N 149 
SO4 O2     O N N 150 
SO4 O3     O N N 151 
SO4 O4     O N N 152 
XEC N1     N N N 153 
XEC C2     C N N 154 
XEC N3     N N N 155 
XEC C4     C N N 156 
XEC C5     C N N 157 
XEC C6     C N N 158 
XEC O2     O N N 159 
XEC O4     O N N 160 
XEC "C1'"  C N S 161 
XEC "C2'"  C N S 162 
XEC "O2'"  O N N 163 
XEC CM2    C N N 164 
XEC "C3'"  C N S 165 
XEC "C4'"  C N S 166 
XEC "O3'"  O N N 167 
XEC "O4'"  O N N 168 
XEC "C5'"  C N N 169 
XEC "O5'"  O N N 170 
XEC P      P N N 171 
XEC OP1    O N N 172 
XEC OP2    O N N 173 
XEC H1     H N N 174 
XEC H2     H N N 175 
XEC H3     H N N 176 
XEC H4     H N N 177 
XEC H5     H N N 178 
XEC H6     H N N 179 
XEC H7     H N N 180 
XEC H8     H N N 181 
XEC H9     H N N 182 
XEC H10    H N N 183 
XEC H11    H N N 184 
XEC H12    H N N 185 
XEC H13    H N N 186 
XEC H15    H N N 187 
XEC OP3    O N N 188 
XEC H14    H N N 189 
# 
loop_
_chem_comp_bond.comp_id 
_chem_comp_bond.atom_id_1 
_chem_comp_bond.atom_id_2 
_chem_comp_bond.value_order 
_chem_comp_bond.pdbx_aromatic_flag 
_chem_comp_bond.pdbx_stereo_config 
_chem_comp_bond.pdbx_ordinal 
0A  OP1   P      doub N N 1   
0A  OP2   P      sing N N 2   
0A  P     "O5'"  sing N N 3   
0A  P     OP3    sing N N 4   
0A  C6    N1     doub Y N 5   
0A  N1    C2     sing Y N 6   
0A  N3    C2     doub Y N 7   
0A  C2    H2     sing N N 8   
0A  C4    N3     sing Y N 9   
0A  N9    C4     sing Y N 10  
0A  C5    C4     doub Y N 11  
0A  N7    C5     sing Y N 12  
0A  C5    C6     sing Y N 13  
0A  N6    C6     sing N N 14  
0A  N6    HN6    sing N N 15  
0A  N6    HN6A   sing N N 16  
0A  C8    N7     doub Y N 17  
0A  C8    N9     sing Y N 18  
0A  C8    H8     sing N N 19  
0A  N9    "C1'"  sing N N 20  
0A  "C2'" "C1'"  sing N N 21  
0A  "C1'" "O4'"  sing N N 22  
0A  "C1'" "H1'"  sing N N 23  
0A  "C3'" "C2'"  sing N N 24  
0A  "C2'" "O2'"  sing N N 25  
0A  "C2'" "H2'"  sing N N 26  
0A  "O2'" "HO2'" sing N N 27  
0A  "O3'" "C3'"  sing N N 28  
0A  "C3'" "C4'"  sing N N 29  
0A  "C3'" "H3'"  sing N N 30  
0A  "O3'" "HO3'" sing N N 31  
0A  "C5'" "C4'"  sing N N 32  
0A  "C4'" "O4'"  sing N N 33  
0A  "C4'" "H4'"  sing N N 34  
0A  "O5'" "C5'"  sing N N 35  
0A  "C5'" "H5'"  sing N N 36  
0A  "C5'" "H5'A" sing N N 37  
0A  OP2   HOP2   sing N N 38  
0A  OP3   HOP3   sing N N 39  
0C  OP3   P      sing N N 40  
0C  OP3   HOP3   sing N N 41  
0C  P     OP1    doub N N 42  
0C  P     OP2    sing N N 43  
0C  P     "O5'"  sing N N 44  
0C  OP2   HOP2   sing N N 45  
0C  "O5'" "C5'"  sing N N 46  
0C  "C5'" "C4'"  sing N N 47  
0C  "C5'" "H5'"  sing N N 48  
0C  "C5'" "H5''" sing N N 49  
0C  "C4'" "O4'"  sing N N 50  
0C  "C4'" "C3'"  sing N N 51  
0C  "C4'" "H4'"  sing N N 52  
0C  "O4'" "C1'"  sing N N 53  
0C  "C3'" "O3'"  sing N N 54  
0C  "C3'" "C2'"  sing N N 55  
0C  "C3'" "H3'"  sing N N 56  
0C  "O3'" "HO3'" sing N N 57  
0C  "C2'" "O2'"  sing N N 58  
0C  "C2'" "C1'"  sing N N 59  
0C  "C2'" "H2'"  sing N N 60  
0C  "O2'" "HO2'" sing N N 61  
0C  "C1'" N1     sing N N 62  
0C  "C1'" "H1'"  sing N N 63  
0C  N1    C2     sing N N 64  
0C  N1    C6     sing N N 65  
0C  C2    O2     doub N N 66  
0C  C2    N3     sing N N 67  
0C  N3    C4     doub N N 68  
0C  C4    N4     sing N N 69  
0C  C4    C5     sing N N 70  
0C  N4    H41    sing N N 71  
0C  N4    H42    sing N N 72  
0C  C5    C6     doub N N 73  
0C  C5    H5     sing N N 74  
0C  C6    H6     sing N N 75  
0G  OP3   P      sing N N 76  
0G  OP3   HOP3   sing N N 77  
0G  P     OP1    doub N N 78  
0G  P     OP2    sing N N 79  
0G  P     "O5'"  sing N N 80  
0G  OP2   HOP2   sing N N 81  
0G  "O5'" "C5'"  sing N N 82  
0G  "C5'" "C4'"  sing N N 83  
0G  "C5'" "H5'"  sing N N 84  
0G  "C5'" "H5''" sing N N 85  
0G  "C4'" "O4'"  sing N N 86  
0G  "C4'" "C3'"  sing N N 87  
0G  "C4'" "H4'"  sing N N 88  
0G  "O4'" "C1'"  sing N N 89  
0G  "C3'" "O3'"  sing N N 90  
0G  "C3'" "C2'"  sing N N 91  
0G  "C3'" "H3'"  sing N N 92  
0G  "O3'" "HO3'" sing N N 93  
0G  "C2'" "O2'"  sing N N 94  
0G  "C2'" "C1'"  sing N N 95  
0G  "C2'" "H2'"  sing N N 96  
0G  "O2'" "HO2'" sing N N 97  
0G  "C1'" N9     sing N N 98  
0G  "C1'" "H1'"  sing N N 99  
0G  N9    C8     sing Y N 100 
0G  N9    C4     sing Y N 101 
0G  C8    N7     doub Y N 102 
0G  C8    H8     sing N N 103 
0G  N7    C5     sing Y N 104 
0G  C6    O6     doub N N 105 
0G  C6    C5     sing N N 106 
0G  C6    N1     sing N N 107 
0G  C5    C4     doub Y N 108 
0G  N1    C2     sing N N 109 
0G  N1    H1     sing N N 110 
0G  C2    N2     sing N N 111 
0G  C2    N3     doub N N 112 
0G  N2    H21    sing N N 113 
0G  N2    H22    sing N N 114 
0G  N3    C4     sing N N 115 
0U  OP3   P      sing N N 116 
0U  OP3   HOP3   sing N N 117 
0U  P     OP1    doub N N 118 
0U  P     OP2    sing N N 119 
0U  P     "O5'"  sing N N 120 
0U  OP2   HOP2   sing N N 121 
0U  "O5'" "C5'"  sing N N 122 
0U  "C5'" "C4'"  sing N N 123 
0U  "C5'" "H5'"  sing N N 124 
0U  "C5'" "H5''" sing N N 125 
0U  "C4'" "O4'"  sing N N 126 
0U  "C4'" "C3'"  sing N N 127 
0U  "C4'" "H4'"  sing N N 128 
0U  "O4'" "C1'"  sing N N 129 
0U  "C3'" "O3'"  sing N N 130 
0U  "C3'" "C2'"  sing N N 131 
0U  "C3'" "H3'"  sing N N 132 
0U  "O3'" "HO3'" sing N N 133 
0U  "C2'" "O2'"  sing N N 134 
0U  "C2'" "C1'"  sing N N 135 
0U  "C2'" "H2'"  sing N N 136 
0U  "O2'" "HO2'" sing N N 137 
0U  "C1'" N1     sing N N 138 
0U  "C1'" "H1'"  sing N N 139 
0U  N1    C2     sing N N 140 
0U  N1    C6     sing N N 141 
0U  C2    O2     doub N N 142 
0U  C2    N3     sing N N 143 
0U  N3    C4     sing N N 144 
0U  N3    H3     sing N N 145 
0U  C4    O4     doub N N 146 
0U  C4    C5     sing N N 147 
0U  C5    C6     doub N N 148 
0U  C5    H5     sing N N 149 
0U  C6    H6     sing N N 150 
HOH O     H1     sing N N 151 
HOH O     H2     sing N N 152 
SO4 S     O1     doub N N 153 
SO4 S     O2     doub N N 154 
SO4 S     O3     sing N N 155 
SO4 S     O4     sing N N 156 
XEC OP2   P      sing N N 157 
XEC "C5'" "C4'"  sing N N 158 
XEC "C5'" "O5'"  sing N N 159 
XEC P     "O5'"  sing N N 160 
XEC P     OP1    doub N N 161 
XEC "C4'" "O4'"  sing N N 162 
XEC "C4'" "C3'"  sing N N 163 
XEC "O4'" "C1'"  sing N N 164 
XEC "O2'" CM2    sing N N 165 
XEC "O2'" "C2'"  sing N N 166 
XEC "C1'" "C2'"  sing N N 167 
XEC "C1'" N1     sing N N 168 
XEC "C3'" "O3'"  sing N N 169 
XEC "C3'" "C2'"  sing N N 170 
XEC N1    C6     sing N N 171 
XEC N1    C2     sing N N 172 
XEC C6    C5     doub N N 173 
XEC O2    C2     doub N N 174 
XEC C2    N3     sing N N 175 
XEC C5    C4     sing N N 176 
XEC N3    C4     sing N N 177 
XEC C4    O4     doub N N 178 
XEC N3    H1     sing N N 179 
XEC C5    H2     sing N N 180 
XEC C6    H3     sing N N 181 
XEC "C1'" H4     sing N N 182 
XEC "C2'" H5     sing N N 183 
XEC CM2   H6     sing N N 184 
XEC CM2   H7     sing N N 185 
XEC CM2   H8     sing N N 186 
XEC "C3'" H9     sing N N 187 
XEC "C4'" H10    sing N N 188 
XEC "O3'" H11    sing N N 189 
XEC "C5'" H12    sing N N 190 
XEC "C5'" H13    sing N N 191 
XEC OP2   H15    sing N N 192 
XEC P     OP3    sing N N 193 
XEC OP3   H14    sing N N 194 
# 
_pdbx_audit_support.funding_organization   'Not funded' 
_pdbx_audit_support.country                ? 
_pdbx_audit_support.grant_number           ? 
_pdbx_audit_support.ordinal                1 
# 
loop_
_pdbx_entity_instance_feature.ordinal 
_pdbx_entity_instance_feature.comp_id 
_pdbx_entity_instance_feature.asym_id 
_pdbx_entity_instance_feature.seq_num 
_pdbx_entity_instance_feature.auth_comp_id 
_pdbx_entity_instance_feature.auth_asym_id 
_pdbx_entity_instance_feature.auth_seq_num 
_pdbx_entity_instance_feature.feature_type 
_pdbx_entity_instance_feature.details 
1 0U  ? ? 0U  ? ? 'SUBJECT OF INVESTIGATION' ? 
2 0G  ? ? 0G  ? ? 'SUBJECT OF INVESTIGATION' ? 
3 0C  ? ? 0C  ? ? 'SUBJECT OF INVESTIGATION' ? 
4 0A  ? ? 0A  ? ? 'SUBJECT OF INVESTIGATION' ? 
5 XEC ? ? XEC ? ? 'SUBJECT OF INVESTIGATION' ? 
# 
_pdbx_initial_refinement_model.id               1 
_pdbx_initial_refinement_model.entity_id_list   ? 
_pdbx_initial_refinement_model.type             'experimental model' 
_pdbx_initial_refinement_model.source_name      PDB 
_pdbx_initial_refinement_model.accession_code   7KW4 
_pdbx_initial_refinement_model.details          ? 
# 
_atom_sites.entry_id                    8F24 
_atom_sites.Cartn_transf_matrix[1][1]   ? 
_atom_sites.Cartn_transf_matrix[1][2]   ? 
_atom_sites.Cartn_transf_matrix[1][3]   ? 
_atom_sites.Cartn_transf_matrix[2][1]   ? 
_atom_sites.Cartn_transf_matrix[2][2]   ? 
_atom_sites.Cartn_transf_matrix[2][3]   ? 
_atom_sites.Cartn_transf_matrix[3][1]   ? 
_atom_sites.Cartn_transf_matrix[3][2]   ? 
_atom_sites.Cartn_transf_matrix[3][3]   ? 
_atom_sites.Cartn_transf_vector[1]      ? 
_atom_sites.Cartn_transf_vector[2]      ? 
_atom_sites.Cartn_transf_vector[3]      ? 
_atom_sites.fract_transf_matrix[1][1]   -0.00334253 
_atom_sites.fract_transf_matrix[1][2]   0.01007334 
_atom_sites.fract_transf_matrix[1][3]   0.02211697 
_atom_sites.fract_transf_matrix[2][1]   0.01740229 
_atom_sites.fract_transf_matrix[2][2]   0.01429826 
_atom_sites.fract_transf_matrix[2][3]   0.00972312 
_atom_sites.fract_transf_matrix[3][1]   -0.00114510 
_atom_sites.fract_transf_matrix[3][2]   0.00218951 
_atom_sites.fract_transf_matrix[3][3]   -0.00117029 
_atom_sites.fract_transf_vector[1]      -0.062194 
_atom_sites.fract_transf_vector[2]      -0.363152 
_atom_sites.fract_transf_vector[3]      -0.072425 
_atom_sites.solution_primary            ? 
_atom_sites.solution_secondary          ? 
_atom_sites.solution_hydrogens          ? 
_atom_sites.special_details             ? 
# 
loop_
_atom_type.symbol 
C 
N 
O 
P 
S 
# 
loop_
_atom_site.group_PDB 
_atom_site.id 
_atom_site.type_symbol 
_atom_site.label_atom_id 
_atom_site.label_alt_id 
_atom_site.label_comp_id 
_atom_site.label_asym_id 
_atom_site.label_entity_id 
_atom_site.label_seq_id 
_atom_site.pdbx_PDB_ins_code 
_atom_site.Cartn_x 
_atom_site.Cartn_y 
_atom_site.Cartn_z 
_atom_site.occupancy 
_atom_site.B_iso_or_equiv 
_atom_site.pdbx_formal_charge 
_atom_site.auth_seq_id 
_atom_site.auth_comp_id 
_atom_site.auth_asym_id 
_atom_site.auth_atom_id 
_atom_site.pdbx_PDB_model_num 
HETATM 1   O "O5'" . 0G  A 1 1 ? -7.672  20.889  -3.154  1.00 20.35 ? 1   0G  C "O5'" 1 
HETATM 2   C "C5'" . 0G  A 1 1 ? -6.633  21.510  -2.406  1.00 20.21 ? 1   0G  C "C5'" 1 
HETATM 3   C "C4'" . 0G  A 1 1 ? -6.030  22.451  -3.431  1.00 20.75 ? 1   0G  C "C4'" 1 
HETATM 4   O "O4'" . 0G  A 1 1 ? -6.983  23.221  -4.213  1.00 20.79 ? 1   0G  C "O4'" 1 
HETATM 5   C "C3'" . 0G  A 1 1 ? -5.307  21.638  -4.476  1.00 21.02 ? 1   0G  C "C3'" 1 
HETATM 6   O "O3'" . 0G  A 1 1 ? -4.047  21.159  -3.905  1.00 20.92 ? 1   0G  C "O3'" 1 
HETATM 7   C "C2'" . 0G  A 1 1 ? -5.162  22.652  -5.631  1.00 21.08 ? 1   0G  C "C2'" 1 
HETATM 8   O "O2'" . 0G  A 1 1 ? -4.135  23.630  -5.440  1.00 21.15 ? 1   0G  C "O2'" 1 
HETATM 9   C "C1'" . 0G  A 1 1 ? -6.494  23.334  -5.590  1.00 20.90 ? 1   0G  C "C1'" 1 
HETATM 10  N N9    . 0G  A 1 1 ? -7.470  22.691  -6.514  1.00 21.35 ? 1   0G  C N9    1 
HETATM 11  C C8    . 0G  A 1 1 ? -8.633  22.130  -6.165  1.00 21.54 ? 1   0G  C C8    1 
HETATM 12  N N7    . 0G  A 1 1 ? -9.254  21.699  -7.263  1.00 21.27 ? 1   0G  C N7    1 
HETATM 13  C C6    . 0G  A 1 1 ? -8.651  21.754  -9.591  1.00 20.82 ? 1   0G  C C6    1 
HETATM 14  O O6    . 0G  A 1 1 ? -9.644  21.180  -10.056 1.00 20.75 ? 1   0G  C O6    1 
HETATM 15  C C5    . 0G  A 1 1 ? -8.476  21.988  -8.295  1.00 21.02 ? 1   0G  C C5    1 
HETATM 16  N N1    . 0G  A 1 1 ? -7.654  22.182  -10.428 1.00 20.71 ? 1   0G  C N1    1 
HETATM 17  C C2    . 0G  A 1 1 ? -6.524  22.825  -9.962  1.00 20.22 ? 1   0G  C C2    1 
HETATM 18  N N2    . 0G  A 1 1 ? -5.629  23.196  -10.851 1.00 20.19 ? 1   0G  C N2    1 
HETATM 19  N N3    . 0G  A 1 1 ? -6.379  23.048  -8.656  1.00 20.16 ? 1   0G  C N3    1 
HETATM 20  C C4    . 0G  A 1 1 ? -7.365  22.619  -7.840  1.00 21.10 ? 1   0G  C C4    1 
HETATM 21  N N1    . XEC A 1 2 ? -4.088  20.182  -9.038  1.00 19.63 ? 2   XEC C N1    1 
HETATM 22  C C2    . XEC A 1 2 ? -4.602  19.971  -10.266 1.00 19.44 ? 2   XEC C C2    1 
HETATM 23  N N3    . XEC A 1 2 ? -5.857  19.424  -10.411 1.00 19.49 ? 2   XEC C N3    1 
HETATM 24  C C4    . XEC A 1 2 ? -6.616  19.095  -9.302  1.00 19.62 ? 2   XEC C C4    1 
HETATM 25  C C5    . XEC A 1 2 ? -6.117  19.319  -8.040  1.00 19.46 ? 2   XEC C C5    1 
HETATM 26  C C6    . XEC A 1 2 ? -4.855  19.862  -7.915  1.00 19.43 ? 2   XEC C C6    1 
HETATM 27  O O2    . XEC A 1 2 ? -3.991  20.242  -11.297 1.00 19.67 ? 2   XEC C O2    1 
HETATM 28  O O4    . XEC A 1 2 ? -7.739  18.620  -9.440  1.00 20.28 ? 2   XEC C O4    1 
HETATM 29  C "C1'" . XEC A 1 2 ? -2.737  20.817  -8.840  1.00 20.01 ? 2   XEC C "C1'" 1 
HETATM 30  C "C2'" . XEC A 1 2 ? -1.544  19.896  -9.080  1.00 19.99 ? 2   XEC C "C2'" 1 
HETATM 31  O "O2'" . XEC A 1 2 ? -0.385  20.639  -9.512  1.00 19.69 ? 2   XEC C "O2'" 1 
HETATM 32  C CM2   . XEC A 1 2 ? -0.426  20.914  -10.918 1.00 19.66 ? 2   XEC C CM2   1 
HETATM 33  C "C3'" . XEC A 1 2 ? -1.328  19.395  -7.703  1.00 20.23 ? 2   XEC C "C3'" 1 
HETATM 34  C "C4'" . XEC A 1 2 ? -1.462  20.672  -6.908  1.00 19.79 ? 2   XEC C "C4'" 1 
HETATM 35  O "O3'" . XEC A 1 2 ? 0.009   18.836  -7.540  1.00 20.84 ? 2   XEC C "O3'" 1 
HETATM 36  O "O4'" . XEC A 1 2 ? -2.621  21.304  -7.459  1.00 19.89 ? 2   XEC C "O4'" 1 
HETATM 37  C "C5'" . XEC A 1 2 ? -1.612  20.328  -5.463  1.00 19.61 ? 2   XEC C "C5'" 1 
HETATM 38  O "O5'" . XEC A 1 2 ? -2.822  19.586  -5.373  1.00 19.63 ? 2   XEC C "O5'" 1 
HETATM 39  P P     . XEC A 1 2 ? -3.646  19.605  -4.006  1.00 21.05 ? 2   XEC C P     1 
HETATM 40  O OP1   . XEC A 1 2 ? -4.891  18.801  -4.144  1.00 21.83 ? 2   XEC C OP1   1 
HETATM 41  O OP2   . XEC A 1 2 ? -2.817  19.272  -2.812  1.00 21.69 ? 2   XEC C OP2   1 
HETATM 42  P P     . 0G  A 1 3 ? 0.249   17.240  -7.629  1.00 21.29 ? 3   0G  C P     1 
HETATM 43  O OP1   . 0G  A 1 3 ? -0.731  16.552  -6.755  1.00 20.53 ? 3   0G  C OP1   1 
HETATM 44  O OP2   . 0G  A 1 3 ? 1.685   17.008  -7.395  1.00 21.73 ? 3   0G  C OP2   1 
HETATM 45  O "O5'" . 0G  A 1 3 ? -0.100  16.925  -9.160  1.00 20.88 ? 3   0G  C "O5'" 1 
HETATM 46  C "C5'" . 0G  A 1 3 ? 0.977   17.202  -10.058 1.00 20.56 ? 3   0G  C "C5'" 1 
HETATM 47  C "C4'" . 0G  A 1 3 ? 0.412   17.073  -11.442 1.00 20.52 ? 3   0G  C "C4'" 1 
HETATM 48  O "O4'" . 0G  A 1 3 ? -0.780  17.872  -11.626 1.00 20.46 ? 3   0G  C "O4'" 1 
HETATM 49  C "C3'" . 0G  A 1 3 ? -0.053  15.650  -11.719 1.00 20.34 ? 3   0G  C "C3'" 1 
HETATM 50  O "O3'" . 0G  A 1 3 ? 1.068   14.744  -11.946 1.00 20.57 ? 3   0G  C "O3'" 1 
HETATM 51  C "C2'" . 0G  A 1 3 ? -0.828  15.908  -12.991 1.00 19.99 ? 3   0G  C "C2'" 1 
HETATM 52  O "O2'" . 0G  A 1 3 ? 0.026   16.202  -14.095 1.00 19.54 ? 3   0G  C "O2'" 1 
HETATM 53  C "C1'" . 0G  A 1 3 ? -1.594  17.143  -12.579 1.00 19.74 ? 3   0G  C "C1'" 1 
HETATM 54  N N9    . 0G  A 1 3 ? -2.855  16.807  -11.861 1.00 18.98 ? 3   0G  C N9    1 
HETATM 55  C C8    . 0G  A 1 3 ? -3.241  16.899  -10.587 1.00 18.59 ? 3   0G  C C8    1 
HETATM 56  N N7    . 0G  A 1 3 ? -4.501  16.479  -10.520 1.00 18.33 ? 3   0G  C N7    1 
HETATM 57  C C6    . 0G  A 1 3 ? -6.035  15.663  -12.213 1.00 17.89 ? 3   0G  C C6    1 
HETATM 58  O O6    . 0G  A 1 3 ? -7.003  15.459  -11.471 1.00 17.03 ? 3   0G  C O6    1 
HETATM 59  C C5    . 0G  A 1 3 ? -4.884  16.133  -11.742 1.00 17.99 ? 3   0G  C C5    1 
HETATM 60  N N1    . 0G  A 1 3 ? -6.082  15.401  -13.605 1.00 17.54 ? 3   0G  C N1    1 
HETATM 61  C C2    . 0G  A 1 3 ? -4.993  15.627  -14.412 1.00 17.10 ? 3   0G  C C2    1 
HETATM 62  N N2    . 0G  A 1 3 ? -5.057  15.384  -15.698 1.00 17.25 ? 3   0G  C N2    1 
HETATM 63  N N3    . 0G  A 1 3 ? -3.885  16.097  -13.880 1.00 17.08 ? 3   0G  C N3    1 
HETATM 64  C C4    . 0G  A 1 3 ? -3.852  16.338  -12.570 1.00 17.92 ? 3   0G  C C4    1 
HETATM 65  P P     . 0U  A 1 4 ? 1.072   13.243  -11.321 1.00 20.70 ? 4   0U  C P     1 
HETATM 66  O OP1   . 0U  A 1 4 ? 0.246   13.232  -10.088 1.00 19.79 ? 4   0U  C OP1   1 
HETATM 67  O OP2   . 0U  A 1 4 ? 2.488   12.817  -11.251 1.00 20.47 ? 4   0U  C OP2   1 
HETATM 68  O "O5'" . 0U  A 1 4 ? 0.254   12.388  -12.437 1.00 20.82 ? 4   0U  C "O5'" 1 
HETATM 69  C "C5'" . 0U  A 1 4 ? 0.798   12.148  -13.741 1.00 21.54 ? 4   0U  C "C5'" 1 
HETATM 70  C "C4'" . 0U  A 1 4 ? -0.395  12.054  -14.687 1.00 22.30 ? 4   0U  C "C4'" 1 
HETATM 71  O "O4'" . 0U  A 1 4 ? -1.332  13.131  -14.490 1.00 22.50 ? 4   0U  C "O4'" 1 
HETATM 72  C "C3'" . 0U  A 1 4 ? -1.267  10.804  -14.449 1.00 23.01 ? 4   0U  C "C3'" 1 
HETATM 73  O "O3'" . 0U  A 1 4 ? -0.713  9.575   -15.061 1.00 24.40 ? 4   0U  C "O3'" 1 
HETATM 74  C "C2'" . 0U  A 1 4 ? -2.535  11.217  -15.167 1.00 22.09 ? 4   0U  C "C2'" 1 
HETATM 75  O "O2'" . 0U  A 1 4 ? -2.367  11.337  -16.590 1.00 20.83 ? 4   0U  C "O2'" 1 
HETATM 76  C "C1'" . 0U  A 1 4 ? -2.716  12.592  -14.597 1.00 21.81 ? 4   0U  C "C1'" 1 
HETATM 77  N N1    . 0U  A 1 4 ? -3.523  12.598  -13.323 1.00 21.01 ? 4   0U  C N1    1 
HETATM 78  C C2    . 0U  A 1 4 ? -4.822  12.274  -13.369 1.00 20.81 ? 4   0U  C C2    1 
HETATM 79  O O2    . 0U  A 1 4 ? -5.298  11.954  -14.446 1.00 21.43 ? 4   0U  C O2    1 
HETATM 80  N N3    . 0U  A 1 4 ? -5.659  12.281  -12.235 1.00 20.39 ? 4   0U  C N3    1 
HETATM 81  C C4    . 0U  A 1 4 ? -5.137  12.647  -11.012 1.00 20.29 ? 4   0U  C C4    1 
HETATM 82  O O4    . 0U  A 1 4 ? -5.844  12.657  -10.012 1.00 19.54 ? 4   0U  C O4    1 
HETATM 83  C C5    . 0U  A 1 4 ? -3.793  13.003  -10.953 1.00 20.72 ? 4   0U  C C5    1 
HETATM 84  C C6    . 0U  A 1 4 ? -2.985  12.982  -12.092 1.00 20.70 ? 4   0U  C C6    1 
HETATM 85  P P     . 0A  A 1 5 ? -0.377  8.261   -14.153 1.00 26.39 ? 5   0A  C P     1 
HETATM 86  N N1    . 0A  A 1 5 ? -8.778  8.618   -10.978 1.00 20.91 ? 5   0A  C N1    1 
HETATM 87  C C2    . 0A  A 1 5 ? -8.982  7.928   -12.167 1.00 21.09 ? 5   0A  C C2    1 
HETATM 88  N N3    . 0A  A 1 5 ? -7.909  7.721   -13.026 1.00 21.17 ? 5   0A  C N3    1 
HETATM 89  C C4    . 0A  A 1 5 ? -6.719  8.202   -12.689 1.00 21.67 ? 5   0A  C C4    1 
HETATM 90  C C5    . 0A  A 1 5 ? -6.532  8.872   -11.545 1.00 21.54 ? 5   0A  C C5    1 
HETATM 91  C C6    . 0A  A 1 5 ? -7.553  9.073   -10.699 1.00 21.02 ? 5   0A  C C6    1 
HETATM 92  N N6    . 0A  A 1 5 ? -7.321  9.740   -9.566  1.00 20.41 ? 5   0A  C N6    1 
HETATM 93  N N7    . 0A  A 1 5 ? -5.247  9.226   -11.495 1.00 22.23 ? 5   0A  C N7    1 
HETATM 94  C C8    . 0A  A 1 5 ? -4.655  8.780   -12.607 1.00 22.75 ? 5   0A  C C8    1 
HETATM 95  N N9    . 0A  A 1 5 ? -5.570  8.129   -13.336 1.00 23.01 ? 5   0A  C N9    1 
HETATM 96  C "C1'" . 0A  A 1 5 ? -5.441  7.501   -14.725 1.00 24.26 ? 5   0A  C "C1'" 1 
HETATM 97  C "C2'" . 0A  A 1 5 ? -5.547  6.012   -14.846 1.00 24.87 ? 5   0A  C "C2'" 1 
HETATM 98  O "O2'" . 0A  A 1 5 ? -6.114  5.714   -16.157 1.00 24.84 ? 5   0A  C "O2'" 1 
HETATM 99  C "C3'" . 0A  A 1 5 ? -4.083  5.628   -14.762 1.00 24.54 ? 5   0A  C "C3'" 1 
HETATM 100 O "O3'" . 0A  A 1 5 ? -3.788  4.337   -15.354 1.00 23.54 ? 5   0A  C "O3'" 1 
HETATM 101 C "C4'" . 0A  A 1 5 ? -3.449  6.649   -15.629 1.00 24.83 ? 5   0A  C "C4'" 1 
HETATM 102 O "O4'" . 0A  A 1 5 ? -4.169  7.859   -15.376 1.00 24.76 ? 5   0A  C "O4'" 1 
HETATM 103 C "C5'" . 0A  A 1 5 ? -1.967  6.678   -15.261 1.00 25.52 ? 5   0A  C "C5'" 1 
HETATM 104 O "O5'" . 0A  A 1 5 ? -1.792  7.457   -14.106 1.00 25.33 ? 5   0A  C "O5'" 1 
HETATM 105 O OP1   . 0A  A 1 5 ? -0.132  8.673   -12.743 1.00 25.80 ? 5   0A  C OP1   1 
HETATM 106 O OP2   . 0A  A 1 5 ? 0.685   7.523   -14.875 1.00 26.09 ? 5   0A  C OP2   1 
HETATM 107 P P     . 0C  A 1 6 ? -3.196  3.161   -14.449 1.00 23.19 ? 6   0C  C P     1 
HETATM 108 O OP1   . 0C  A 1 6 ? -2.241  3.747   -13.482 1.00 23.91 ? 6   0C  C OP1   1 
HETATM 109 O OP2   . 0C  A 1 6 ? -2.749  2.090   -15.363 1.00 23.65 ? 6   0C  C OP2   1 
HETATM 110 O "O5'" . 0C  A 1 6 ? -4.470  2.701   -13.587 1.00 22.14 ? 6   0C  C "O5'" 1 
HETATM 111 C "C5'" . 0C  A 1 6 ? -5.395  1.828   -14.246 1.00 21.70 ? 6   0C  C "C5'" 1 
HETATM 112 C "C4'" . 0C  A 1 6 ? -6.707  1.955   -13.535 1.00 21.04 ? 6   0C  C "C4'" 1 
HETATM 113 O "O4'" . 0C  A 1 6 ? -7.112  3.315   -13.475 1.00 21.17 ? 6   0C  C "O4'" 1 
HETATM 114 C "C3'" . 0C  A 1 6 ? -6.576  1.582   -12.099 1.00 20.86 ? 6   0C  C "C3'" 1 
HETATM 115 O "O3'" . 0C  A 1 6 ? -6.506  0.139   -11.973 1.00 21.17 ? 6   0C  C "O3'" 1 
HETATM 116 C "C2'" . 0C  A 1 6 ? -7.880  2.132   -11.614 1.00 20.69 ? 6   0C  C "C2'" 1 
HETATM 117 O "O2'" . 0C  A 1 6 ? -8.978  1.350   -12.052 1.00 21.29 ? 6   0C  C "O2'" 1 
HETATM 118 C "C1'" . 0C  A 1 6 ? -7.910  3.476   -12.307 1.00 20.43 ? 6   0C  C "C1'" 1 
HETATM 119 N N1    . 0C  A 1 6 ? -7.353  4.397   -11.309 1.00 19.74 ? 6   0C  C N1    1 
HETATM 120 C C2    . 0C  A 1 6 ? -8.222  4.916   -10.460 1.00 19.07 ? 6   0C  C C2    1 
HETATM 121 O O2    . 0C  A 1 6 ? -9.417  4.656   -10.562 1.00 18.48 ? 6   0C  C O2    1 
HETATM 122 N N3    . 0C  A 1 6 ? -7.776  5.747   -9.467  1.00 19.04 ? 6   0C  C N3    1 
HETATM 123 C C4    . 0C  A 1 6 ? -6.439  6.056   -9.302  1.00 19.00 ? 6   0C  C C4    1 
HETATM 124 N N4    . 0C  A 1 6 ? -6.095  6.862   -8.312  1.00 18.76 ? 6   0C  C N4    1 
HETATM 125 C C5    . 0C  A 1 6 ? -5.514  5.516   -10.176 1.00 19.18 ? 6   0C  C C5    1 
HETATM 126 C C6    . 0C  A 1 6 ? -5.973  4.675   -11.183 1.00 19.55 ? 6   0C  C C6    1 
HETATM 127 P P     . 0A  A 1 7 ? -5.701  -0.543  -10.750 1.00 20.99 ? 7   0A  C P     1 
HETATM 128 N N1    . 0A  A 1 7 ? -8.305  5.585   -4.508  1.00 17.73 ? 7   0A  C N1    1 
HETATM 129 C C2    . 0A  A 1 7 ? -9.438  4.787   -4.507  1.00 18.08 ? 7   0A  C C2    1 
HETATM 130 N N3    . 0A  A 1 7 ? -9.464  3.694   -5.376  1.00 18.22 ? 7   0A  C N3    1 
HETATM 131 C C4    . 0A  A 1 7 ? -8.418  3.457   -6.167  1.00 17.61 ? 7   0A  C C4    1 
HETATM 132 C C5    . 0A  A 1 7 ? -7.355  4.240   -6.135  1.00 17.37 ? 7   0A  C C5    1 
HETATM 133 C C6    . 0A  A 1 7 ? -7.313  5.276   -5.325  1.00 17.36 ? 7   0A  C C6    1 
HETATM 134 N N6    . 0A  A 1 7 ? -6.233  6.006   -5.339  1.00 17.57 ? 7   0A  C N6    1 
HETATM 135 N N7    . 0A  A 1 7 ? -6.488  3.766   -7.007  1.00 17.69 ? 7   0A  C N7    1 
HETATM 136 C C8    . 0A  A 1 7 ? -7.022  2.689   -7.581  1.00 17.70 ? 7   0A  C C8    1 
HETATM 137 N N9    . 0A  A 1 7 ? -8.217  2.499   -7.047  1.00 17.64 ? 7   0A  C N9    1 
HETATM 138 C "C1'" . 0A  A 1 7 ? -9.228  1.495   -7.343  1.00 17.71 ? 7   0A  C "C1'" 1 
HETATM 139 C "C2'" . 0A  A 1 7 ? -9.210  0.369   -6.402  1.00 17.95 ? 7   0A  C "C2'" 1 
HETATM 140 O "O2'" . 0A  A 1 7 ? -10.504 -0.155  -6.336  1.00 17.32 ? 7   0A  C "O2'" 1 
HETATM 141 C "C3'" . 0A  A 1 7 ? -8.316  -0.590  -7.086  1.00 18.62 ? 7   0A  C "C3'" 1 
HETATM 142 O "O3'" . 0A  A 1 7 ? -8.547  -1.948  -6.586  1.00 19.90 ? 7   0A  C "O3'" 1 
HETATM 143 C "C4'" . 0A  A 1 7 ? -8.843  -0.449  -8.475  1.00 18.81 ? 7   0A  C "C4'" 1 
HETATM 144 O "O4'" . 0A  A 1 7 ? -8.915  0.960   -8.624  1.00 18.11 ? 7   0A  C "O4'" 1 
HETATM 145 C "C5'" . 0A  A 1 7 ? -7.907  -1.107  -9.498  1.00 19.47 ? 7   0A  C "C5'" 1 
HETATM 146 O "O5'" . 0A  A 1 7 ? -6.714  -0.364  -9.502  1.00 20.39 ? 7   0A  C "O5'" 1 
HETATM 147 O OP1   . 0A  A 1 7 ? -4.487  0.280   -10.460 1.00 21.12 ? 7   0A  C OP1   1 
HETATM 148 O OP2   . 0A  A 1 7 ? -5.567  -1.982  -11.060 1.00 20.96 ? 7   0A  C OP2   1 
HETATM 149 P P     . 0C  A 1 8 ? -7.804  -2.457  -5.256  1.00 20.38 ? 8   0C  C P     1 
HETATM 150 O OP1   . 0C  A 1 8 ? -6.390  -2.000  -5.327  1.00 20.33 ? 8   0C  C OP1   1 
HETATM 151 O OP2   . 0C  A 1 8 ? -8.098  -3.889  -5.079  1.00 20.01 ? 8   0C  C OP2   1 
HETATM 152 O "O5'" . 0C  A 1 8 ? -8.541  -1.618  -4.117  1.00 20.72 ? 8   0C  C "O5'" 1 
HETATM 153 C "C5'" . 0C  A 1 8 ? -9.851  -1.878  -3.656  1.00 21.37 ? 8   0C  C "C5'" 1 
HETATM 154 C "C4'" . 0C  A 1 8 ? -10.111 -0.728  -2.683  1.00 22.28 ? 8   0C  C "C4'" 1 
HETATM 155 O "O4'" . 0C  A 1 8 ? -9.902  0.604   -3.196  1.00 22.83 ? 8   0C  C "O4'" 1 
HETATM 156 C "C3'" . 0C  A 1 8 ? -9.118  -0.804  -1.545  1.00 22.77 ? 8   0C  C "C3'" 1 
HETATM 157 O "O3'" . 0C  A 1 8 ? -9.500  -1.859  -0.647  1.00 23.62 ? 8   0C  C "O3'" 1 
HETATM 158 C "C2'" . 0C  A 1 8 ? -9.249  0.555   -0.906  1.00 22.77 ? 8   0C  C "C2'" 1 
HETATM 159 O "O2'" . 0C  A 1 8 ? -10.467 0.711   -0.185  1.00 22.50 ? 8   0C  C "O2'" 1 
HETATM 160 C "C1'" . 0C  A 1 8 ? -9.366  1.415   -2.106  1.00 23.12 ? 8   0C  C "C1'" 1 
HETATM 161 N N1    . 0C  A 1 8 ? -8.062  1.983   -2.495  1.00 23.68 ? 8   0C  C N1    1 
HETATM 162 C C2    . 0C  A 1 8 ? -7.665  3.154   -1.965  1.00 23.92 ? 8   0C  C C2    1 
HETATM 163 O O2    . 0C  A 1 8 ? -8.361  3.741   -1.136  1.00 23.79 ? 8   0C  C O2    1 
HETATM 164 N N3    . 0C  A 1 8 ? -6.439  3.720   -2.359  1.00 23.74 ? 8   0C  C N3    1 
HETATM 165 C C4    . 0C  A 1 8 ? -5.621  3.125   -3.277  1.00 23.95 ? 8   0C  C C4    1 
HETATM 166 N N4    . 0C  A 1 8 ? -4.470  3.702   -3.583  1.00 23.71 ? 8   0C  C N4    1 
HETATM 167 C C5    . 0C  A 1 8 ? -6.022  1.915   -3.828  1.00 24.60 ? 8   0C  C C5    1 
HETATM 168 C C6    . 0C  A 1 8 ? -7.237  1.343   -3.439  1.00 24.19 ? 8   0C  C C6    1 
HETATM 169 O "O5'" . 0G  B 1 1 ? -3.812  -0.359  -0.676  1.00 18.56 ? 9   0G  A "O5'" 1 
HETATM 170 C "C5'" . 0G  B 1 1 ? -4.843  -1.145  -0.048  1.00 18.09 ? 9   0G  A "C5'" 1 
HETATM 171 C "C4'" . 0G  B 1 1 ? -5.775  -0.192  0.704   1.00 17.47 ? 9   0G  A "C4'" 1 
HETATM 172 O "O4'" . 0G  B 1 1 ? -6.133  0.979   -0.041  1.00 17.04 ? 9   0G  A "O4'" 1 
HETATM 173 C "C3'" . 0G  B 1 1 ? -5.120  0.286   1.988   1.00 17.04 ? 9   0G  A "C3'" 1 
HETATM 174 O "O3'" . 0G  B 1 1 ? -5.561  -0.533  3.065   1.00 17.51 ? 9   0G  A "O3'" 1 
HETATM 175 C "C2'" . 0G  B 1 1 ? -5.746  1.588   2.189   1.00 16.69 ? 9   0G  A "C2'" 1 
HETATM 176 O "O2'" . 0G  B 1 1 ? -7.026  1.385   2.731   1.00 16.32 ? 9   0G  A "O2'" 1 
HETATM 177 C "C1'" . 0G  B 1 1 ? -5.886  2.115   0.794   1.00 16.95 ? 9   0G  A "C1'" 1 
HETATM 178 N N9    . 0G  B 1 1 ? -4.672  2.838   0.342   1.00 17.31 ? 9   0G  A N9    1 
HETATM 179 C C8    . 0G  B 1 1 ? -3.867  2.653   -0.713  1.00 17.44 ? 9   0G  A C8    1 
HETATM 180 N N7    . 0G  B 1 1 ? -2.921  3.586   -0.701  1.00 17.39 ? 9   0G  A N7    1 
HETATM 181 C C6    . 0G  B 1 1 ? -2.527  5.404   0.845   1.00 17.85 ? 9   0G  A C6    1 
HETATM 182 O O6    . 0G  B 1 1 ? -1.534  5.848   0.293   1.00 18.63 ? 9   0G  A O6    1 
HETATM 183 C C5    . 0G  B 1 1 ? -3.155  4.347   0.368   1.00 17.64 ? 9   0G  A C5    1 
HETATM 184 N N1    . 0G  B 1 1 ? -2.983  6.023   1.986   1.00 17.66 ? 9   0G  A N1    1 
HETATM 185 C C2    . 0G  B 1 1 ? -4.092  5.553   2.617   1.00 17.48 ? 9   0G  A C2    1 
HETATM 186 N N2    . 0G  B 1 1 ? -4.521  6.168   3.700   1.00 17.75 ? 9   0G  A N2    1 
HETATM 187 N N3    . 0G  B 1 1 ? -4.707  4.483   2.119   1.00 17.34 ? 9   0G  A N3    1 
HETATM 188 C C4    . 0G  B 1 1 ? -4.237  3.895   1.006   1.00 17.47 ? 9   0G  A C4    1 
HETATM 189 N N1    . XEC B 1 2 ? -3.120  3.263   5.090   1.00 17.69 ? 10  XEC A N1    1 
HETATM 190 C C2    . XEC B 1 2 ? -2.308  4.318   5.199   1.00 17.62 ? 10  XEC A C2    1 
HETATM 191 N N3    . XEC B 1 2 ? -1.265  4.530   4.269   1.00 17.71 ? 10  XEC A N3    1 
HETATM 192 C C4    . XEC B 1 2 ? -1.021  3.622   3.215   1.00 17.47 ? 10  XEC A C4    1 
HETATM 193 C C5    . XEC B 1 2 ? -1.859  2.525   3.108   1.00 17.57 ? 10  XEC A C5    1 
HETATM 194 C C6    . XEC B 1 2 ? -2.885  2.354   4.032   1.00 17.77 ? 10  XEC A C6    1 
HETATM 195 O O2    . XEC B 1 2 ? -2.493  5.119   6.109   1.00 17.83 ? 10  XEC A O2    1 
HETATM 196 O O4    . XEC B 1 2 ? -0.107  3.783   2.402   1.00 16.52 ? 10  XEC A O4    1 
HETATM 197 C "C1'" . XEC B 1 2 ? -4.257  3.061   6.053   1.00 17.82 ? 10  XEC A "C1'" 1 
HETATM 198 C "C2'" . XEC B 1 2 ? -3.732  2.586   7.383   1.00 18.18 ? 10  XEC A "C2'" 1 
HETATM 199 O "O2'" . XEC B 1 2 ? -4.362  3.199   8.515   1.00 17.78 ? 10  XEC A "O2'" 1 
HETATM 200 C CM2   . XEC B 1 2 ? -5.745  2.979   8.787   1.00 18.08 ? 10  XEC A CM2   1 
HETATM 201 C "C3'" . XEC B 1 2 ? -3.945  1.080   7.291   1.00 18.70 ? 10  XEC A "C3'" 1 
HETATM 202 C "C4'" . XEC B 1 2 ? -5.265  0.945   6.535   1.00 17.96 ? 10  XEC A "C4'" 1 
HETATM 203 O "O3'" . XEC B 1 2 ? -3.971  0.435   8.608   1.00 19.96 ? 10  XEC A "O3'" 1 
HETATM 204 O "O4'" . XEC B 1 2 ? -5.191  2.015   5.542   1.00 17.96 ? 10  XEC A "O4'" 1 
HETATM 205 C "C5'" . XEC B 1 2 ? -5.359  -0.448  6.024   1.00 17.34 ? 10  XEC A "C5'" 1 
HETATM 206 O "O5'" . XEC B 1 2 ? -4.255  -0.611  5.154   1.00 17.23 ? 10  XEC A "O5'" 1 
HETATM 207 P P     . XEC B 1 2 ? -4.543  -1.464  3.856   1.00 17.83 ? 10  XEC A P     1 
HETATM 208 O OP1   . XEC B 1 2 ? -3.379  -1.737  2.975   1.00 17.84 ? 10  XEC A OP1   1 
HETATM 209 O OP2   . XEC B 1 2 ? -5.299  -2.617  4.352   1.00 18.53 ? 10  XEC A OP2   1 
HETATM 210 P P     . 0G  B 1 3 ? -2.655  -0.331  9.168   1.00 21.43 ? 11  0G  A P     1 
HETATM 211 O OP1   . 0G  B 1 3 ? -2.067  -1.126  8.059   1.00 20.82 ? 11  0G  A OP1   1 
HETATM 212 O OP2   . 0G  B 1 3 ? -3.055  -1.034  10.412  1.00 21.77 ? 11  0G  A OP2   1 
HETATM 213 O "O5'" . 0G  B 1 3 ? -1.653  0.896   9.536   1.00 21.36 ? 11  0G  A "O5'" 1 
HETATM 214 C "C5'" . 0G  B 1 3 ? -1.895  1.563   10.786  1.00 22.26 ? 11  0G  A "C5'" 1 
HETATM 215 C "C4'" . 0G  B 1 3 ? -1.105  2.864   10.776  1.00 22.90 ? 11  0G  A "C4'" 1 
HETATM 216 O "O4'" . 0G  B 1 3 ? -1.316  3.658   9.592   1.00 23.11 ? 11  0G  A "O4'" 1 
HETATM 217 C "C3'" . 0G  B 1 3 ? 0.386   2.581   10.738  1.00 23.09 ? 11  0G  A "C3'" 1 
HETATM 218 O "O3'" . 0G  B 1 3 ? 0.836   2.112   12.036  1.00 24.11 ? 11  0G  A "O3'" 1 
HETATM 219 C "C2'" . 0G  B 1 3 ? 0.946   3.934   10.375  1.00 22.17 ? 11  0G  A "C2'" 1 
HETATM 220 O "O2'" . 0G  B 1 3 ? 0.889   4.847   11.469  1.00 20.59 ? 11  0G  A "O2'" 1 
HETATM 221 C "C1'" . 0G  B 1 3 ? -0.037  4.293   9.266   1.00 22.19 ? 11  0G  A "C1'" 1 
HETATM 222 N N9    . 0G  B 1 3 ? 0.387   3.798   7.915   1.00 21.03 ? 11  0G  A N9    1 
HETATM 223 C C8    . 0G  B 1 3 ? -0.010  2.778   7.174   1.00 20.57 ? 11  0G  A C8    1 
HETATM 224 N N7    . 0G  B 1 3 ? 0.672   2.801   6.040   1.00 20.63 ? 11  0G  A N7    1 
HETATM 225 C C6    . 0G  B 1 3 ? 2.403   4.328   5.218   1.00 21.24 ? 11  0G  A C6    1 
HETATM 226 O O6    . 0G  B 1 3 ? 2.631   3.811   4.127   1.00 21.62 ? 11  0G  A O6    1 
HETATM 227 C C5    . 0G  B 1 3 ? 1.498   3.842   6.081   1.00 20.98 ? 11  0G  A C5    1 
HETATM 228 N N1    . 0G  B 1 3 ? 3.104   5.464   5.556   1.00 21.00 ? 11  0G  A N1    1 
HETATM 229 C C2    . 0G  B 1 3 ? 2.887   6.064   6.755   1.00 21.60 ? 11  0G  A C2    1 
HETATM 230 N N2    . 0G  B 1 3 ? 3.583   7.149   7.056   1.00 22.48 ? 11  0G  A N2    1 
HETATM 231 N N3    . 0G  B 1 3 ? 1.983   5.551   7.591   1.00 21.14 ? 11  0G  A N3    1 
HETATM 232 C C4    . 0G  B 1 3 ? 1.304   4.454   7.246   1.00 20.83 ? 11  0G  A C4    1 
HETATM 233 P P     . 0U  B 1 4 ? 2.018   1.024   12.128  1.00 24.95 ? 12  0U  A P     1 
HETATM 234 O OP1   . 0U  B 1 4 ? 1.804   0.000   11.069  1.00 24.06 ? 12  0U  A OP1   1 
HETATM 235 O OP2   . 0U  B 1 4 ? 2.077   0.546   13.525  1.00 26.06 ? 12  0U  A OP2   1 
HETATM 236 O "O5'" . 0U  B 1 4 ? 3.342   1.948   11.793  1.00 24.58 ? 12  0U  A "O5'" 1 
HETATM 237 C "C5'" . 0U  B 1 4 ? 3.705   3.020   12.686  1.00 23.96 ? 12  0U  A "C5'" 1 
HETATM 238 C "C4'" . 0U  B 1 4 ? 4.680   3.931   11.955  1.00 23.65 ? 12  0U  A "C4'" 1 
HETATM 239 O "O4'" . 0U  B 1 4 ? 4.116   4.452   10.723  1.00 24.11 ? 12  0U  A "O4'" 1 
HETATM 240 C "C3'" . 0U  B 1 4 ? 5.966   3.230   11.509  1.00 23.05 ? 12  0U  A "C3'" 1 
HETATM 241 O "O3'" . 0U  B 1 4 ? 6.961   3.168   12.604  1.00 23.02 ? 12  0U  A "O3'" 1 
HETATM 242 C "C2'" . 0U  B 1 4 ? 6.414   4.188   10.451  1.00 22.70 ? 12  0U  A "C2'" 1 
HETATM 243 O "O2'" . 0U  B 1 4 ? 6.745   5.436   11.011  1.00 22.19 ? 12  0U  A "O2'" 1 
HETATM 244 C "C1'" . 0U  B 1 4 ? 5.168   4.475   9.695   1.00 23.17 ? 12  0U  A "C1'" 1 
HETATM 245 N N1    . 0U  B 1 4 ? 4.925   3.567   8.525   1.00 22.78 ? 12  0U  A N1    1 
HETATM 246 C C2    . 0U  B 1 4 ? 5.683   3.640   7.418   1.00 22.46 ? 12  0U  A C2    1 
HETATM 247 O O2    . 0U  B 1 4 ? 6.631   4.416   7.331   1.00 22.92 ? 12  0U  A O2    1 
HETATM 248 N N3    . 0U  B 1 4 ? 5.429   2.823   6.339   1.00 22.22 ? 12  0U  A N3    1 
HETATM 249 C C4    . 0U  B 1 4 ? 4.394   1.933   6.367   1.00 22.48 ? 12  0U  A C4    1 
HETATM 250 O O4    . 0U  B 1 4 ? 4.172   1.209   5.404   1.00 23.38 ? 12  0U  A O4    1 
HETATM 251 C C5    . 0U  B 1 4 ? 3.599   1.860   7.488   1.00 22.72 ? 12  0U  A C5    1 
HETATM 252 C C6    . 0U  B 1 4 ? 3.862   2.676   8.564   1.00 22.38 ? 12  0U  A C6    1 
HETATM 253 P P     . 0A  B 1 5 ? 7.911   1.861   12.785  1.00 23.14 ? 13  0A  A P     1 
HETATM 254 N N1    . 0A  B 1 5 ? 9.080   0.893   4.018   1.00 22.12 ? 13  0A  A N1    1 
HETATM 255 C C2    . 0A  B 1 5 ? 10.212  1.688   4.234   1.00 22.58 ? 13  0A  A C2    1 
HETATM 256 N N3    . 0A  B 1 5 ? 10.428  2.191   5.526   1.00 22.89 ? 13  0A  A N3    1 
HETATM 257 C C4    . 0A  B 1 5 ? 9.556   1.920   6.520   1.00 22.70 ? 13  0A  A C4    1 
HETATM 258 C C5    . 0A  B 1 5 ? 8.482   1.147   6.288   1.00 22.59 ? 13  0A  A C5    1 
HETATM 259 C C6    . 0A  B 1 5 ? 8.260   0.648   5.054   1.00 22.10 ? 13  0A  A C6    1 
HETATM 260 N N6    . 0A  B 1 5 ? 7.188   -0.108  4.886   1.00 21.55 ? 13  0A  A N6    1 
HETATM 261 N N7    . 0A  B 1 5 ? 7.821   1.040   7.442   1.00 22.49 ? 13  0A  A N7    1 
HETATM 262 C C8    . 0A  B 1 5 ? 8.478   1.743   8.370   1.00 22.57 ? 13  0A  A C8    1 
HETATM 263 N N9    . 0A  B 1 5 ? 9.562   2.282   7.805   1.00 22.61 ? 13  0A  A N9    1 
HETATM 264 C "C1'" . 0A  B 1 5 ? 10.621  3.210   8.396   1.00 22.52 ? 13  0A  A "C1'" 1 
HETATM 265 C "C2'" . 0A  B 1 5 ? 11.877  2.590   8.994   1.00 22.49 ? 13  0A  A "C2'" 1 
HETATM 266 O "O2'" . 0A  B 1 5 ? 12.951  3.586   9.162   1.00 21.83 ? 13  0A  A "O2'" 1 
HETATM 267 C "C3'" . 0A  B 1 5 ? 11.422  2.204   10.330  1.00 22.23 ? 13  0A  A "C3'" 1 
HETATM 268 O "O3'" . 0A  B 1 5 ? 12.620  2.006   11.144  1.00 21.62 ? 13  0A  A "O3'" 1 
HETATM 269 C "C4'" . 0A  B 1 5 ? 10.678  3.510   10.687  1.00 22.45 ? 13  0A  A "C4'" 1 
HETATM 270 O "O4'" . 0A  B 1 5 ? 9.997   3.907   9.478   1.00 22.51 ? 13  0A  A "O4'" 1 
HETATM 271 C "C5'" . 0A  B 1 5 ? 9.688   3.362   11.848  1.00 22.47 ? 13  0A  A "C5'" 1 
HETATM 272 O "O5'" . 0A  B 1 5 ? 9.069   2.107   11.721  1.00 22.58 ? 13  0A  A "O5'" 1 
HETATM 273 O OP1   . 0A  B 1 5 ? 7.129   0.647   12.406  1.00 21.76 ? 13  0A  A OP1   1 
HETATM 274 O OP2   . 0A  B 1 5 ? 8.533   1.960   14.111  1.00 22.88 ? 13  0A  A OP2   1 
HETATM 275 P P     . 0C  B 1 6 ? 13.190  0.534   11.419  1.00 20.99 ? 14  0C  A P     1 
HETATM 276 O OP1   . 0C  B 1 6 ? 12.061  -0.340  11.784  1.00 21.06 ? 14  0C  A OP1   1 
HETATM 277 O OP2   . 0C  B 1 6 ? 14.313  0.671   12.354  1.00 21.17 ? 14  0C  A OP2   1 
HETATM 278 O "O5'" . 0C  B 1 6 ? 13.690  0.071   9.984   1.00 20.54 ? 14  0C  A "O5'" 1 
HETATM 279 C "C5'" . 0C  B 1 6 ? 14.947  0.543   9.519   1.00 20.47 ? 14  0C  A "C5'" 1 
HETATM 280 C "C4'" . 0C  B 1 6 ? 15.087  0.047   8.101   1.00 20.37 ? 14  0C  A "C4'" 1 
HETATM 281 O "O4'" . 0C  B 1 6 ? 14.008  0.568   7.293   1.00 20.60 ? 14  0C  A "O4'" 1 
HETATM 282 C "C3'" . 0C  B 1 6 ? 14.962  -1.481  7.975   1.00 20.01 ? 14  0C  A "C3'" 1 
HETATM 283 O "O3'" . 0C  B 1 6 ? 16.187  -2.219  8.394   1.00 19.54 ? 14  0C  A "O3'" 1 
HETATM 284 C "C2'" . 0C  B 1 6 ? 14.755  -1.549  6.484   1.00 20.15 ? 14  0C  A "C2'" 1 
HETATM 285 O "O2'" . 0C  B 1 6 ? 15.972  -1.424  5.741   1.00 20.06 ? 14  0C  A "O2'" 1 
HETATM 286 C "C1'" . 0C  B 1 6 ? 13.830  -0.343  6.196   1.00 20.58 ? 14  0C  A "C1'" 1 
HETATM 287 N N1    . 0C  B 1 6 ? 12.481  -0.943  6.073   1.00 21.17 ? 14  0C  A N1    1 
HETATM 288 C C2    . 0C  B 1 6 ? 12.189  -1.549  4.907   1.00 21.50 ? 14  0C  A C2    1 
HETATM 289 O O2    . 0C  B 1 6 ? 13.002  -1.552  3.965   1.00 21.87 ? 14  0C  A O2    1 
HETATM 290 N N3    . 0C  B 1 6 ? 10.949  -2.177  4.776   1.00 20.61 ? 14  0C  A N3    1 
HETATM 291 C C4    . 0C  B 1 6 ? 10.015  -2.200  5.799   1.00 20.01 ? 14  0C  A C4    1 
HETATM 292 N N4    . 0C  B 1 6 ? 8.862   -2.802  5.596   1.00 19.89 ? 14  0C  A N4    1 
HETATM 293 C C5    . 0C  B 1 6 ? 10.310  -1.594  7.003   1.00 20.23 ? 14  0C  A C5    1 
HETATM 294 C C6    . 0C  B 1 6 ? 11.550  -0.974  7.146   1.00 20.82 ? 14  0C  A C6    1 
HETATM 295 P P     . 0A  B 1 7 ? 16.107  -3.778  8.841   1.00 19.40 ? 15  0A  A P     1 
HETATM 296 N N1    . 0A  B 1 7 ? 9.345   -6.485  3.089   1.00 21.32 ? 15  0A  A N1    1 
HETATM 297 C C2    . 0A  B 1 7 ? 10.438  -6.466  2.227   1.00 21.60 ? 15  0A  A C2    1 
HETATM 298 N N3    . 0A  B 1 7 ? 11.668  -6.028  2.711   1.00 20.99 ? 15  0A  A N3    1 
HETATM 299 C C4    . 0A  B 1 7 ? 11.750  -5.649  3.980   1.00 20.34 ? 15  0A  A C4    1 
HETATM 300 C C5    . 0A  B 1 7 ? 10.699  -5.670  4.788   1.00 20.68 ? 15  0A  A C5    1 
HETATM 301 C C6    . 0A  B 1 7 ? 9.526   -6.078  4.338   1.00 21.19 ? 15  0A  A C6    1 
HETATM 302 N N6    . 0A  B 1 7 ? 8.532   -6.072  5.201   1.00 22.02 ? 15  0A  A N6    1 
HETATM 303 N N7    . 0A  B 1 7 ? 11.072  -5.240  5.985   1.00 20.36 ? 15  0A  A N7    1 
HETATM 304 C C8    . 0A  B 1 7 ? 12.363  -4.954  5.905   1.00 20.24 ? 15  0A  A C8    1 
HETATM 305 N N9    . 0A  B 1 7 ? 12.772  -5.214  4.664   1.00 19.79 ? 15  0A  A N9    1 
HETATM 306 C "C1'" . 0A  B 1 7 ? 14.085  -5.084  4.035   1.00 19.05 ? 15  0A  A "C1'" 1 
HETATM 307 C "C2'" . 0A  B 1 7 ? 14.794  -6.415  3.994   1.00 18.43 ? 15  0A  A "C2'" 1 
HETATM 308 O "O2'" . 0A  B 1 7 ? 15.695  -6.505  2.899   1.00 17.83 ? 15  0A  A "O2'" 1 
HETATM 309 C "C3'" . 0A  B 1 7 ? 15.602  -6.338  5.205   1.00 18.54 ? 15  0A  A "C3'" 1 
HETATM 310 O "O3'" . 0A  B 1 7 ? 16.715  -7.147  4.987   1.00 18.74 ? 15  0A  A "O3'" 1 
HETATM 311 C "C4'" . 0A  B 1 7 ? 16.066  -4.926  5.180   1.00 18.88 ? 15  0A  A "C4'" 1 
HETATM 312 O "O4'" . 0A  B 1 7 ? 14.859  -4.225  4.901   1.00 19.03 ? 15  0A  A "O4'" 1 
HETATM 313 C "C5'" . 0A  B 1 7 ? 16.752  -4.555  6.509   1.00 19.07 ? 15  0A  A "C5'" 1 
HETATM 314 O "O5'" . 0A  B 1 7 ? 15.761  -4.513  7.485   1.00 19.30 ? 15  0A  A "O5'" 1 
HETATM 315 O OP1   . 0A  B 1 7 ? 14.965  -3.948  9.771   1.00 19.94 ? 15  0A  A OP1   1 
HETATM 316 O OP2   . 0A  B 1 7 ? 17.457  -4.217  9.260   1.00 19.42 ? 15  0A  A OP2   1 
HETATM 317 P P     . 0C  B 1 8 ? 16.241  -8.735  5.200   1.00 23.79 ? 16  0C  A P     1 
HETATM 318 O OP1   . 0C  B 1 8 ? 15.325  -8.609  6.549   1.00 24.23 ? 16  0C  A OP1   1 
HETATM 319 O OP2   . 0C  B 1 8 ? 17.561  -9.462  5.317   1.00 24.17 ? 16  0C  A OP2   1 
HETATM 320 O "O5'" . 0C  B 1 8 ? 15.361  -9.831  4.490   1.00 26.28 ? 16  0C  A "O5'" 1 
HETATM 321 C "C5'" . 0C  B 1 8 ? 15.887  -9.935  3.167   1.00 29.47 ? 16  0C  A "C5'" 1 
HETATM 322 C "C4'" . 0C  B 1 8 ? 14.691  -10.274 2.284   1.00 31.67 ? 16  0C  A "C4'" 1 
HETATM 323 O "O4'" . 0C  B 1 8 ? 13.662  -9.226  2.188   1.00 32.91 ? 16  0C  A "O4'" 1 
HETATM 324 C "C3'" . 0C  B 1 8 ? 13.924  -11.469 2.852   1.00 32.79 ? 16  0C  A "C3'" 1 
HETATM 325 O "O3'" . 0C  B 1 8 ? 14.629  -12.726 2.634   1.00 32.69 ? 16  0C  A "O3'" 1 
HETATM 326 C "C2'" . 0C  B 1 8 ? 12.680  -11.342 2.015   1.00 33.42 ? 16  0C  A "C2'" 1 
HETATM 327 O "O2'" . 0C  B 1 8 ? 12.980  -11.575 0.645   1.00 33.03 ? 16  0C  A "O2'" 1 
HETATM 328 C "C1'" . 0C  B 1 8 ? 12.362  -9.882  2.146   1.00 34.55 ? 16  0C  A "C1'" 1 
HETATM 329 N N1    . 0C  B 1 8 ? 11.491  -9.613  3.330   1.00 37.98 ? 16  0C  A N1    1 
HETATM 330 C C2    . 0C  B 1 8 ? 10.178  -9.856  3.250   1.00 40.46 ? 16  0C  A C2    1 
HETATM 331 O O2    . 0C  B 1 8 ? 9.714   -10.313 2.211   1.00 43.15 ? 16  0C  A O2    1 
HETATM 332 N N3    . 0C  B 1 8 ? 9.320   -9.599  4.338   1.00 41.09 ? 16  0C  A N3    1 
HETATM 333 C C4    . 0C  B 1 8 ? 9.785   -9.087  5.519   1.00 40.94 ? 16  0C  A C4    1 
HETATM 334 N N4    . 0C  B 1 8 ? 8.927   -8.864  6.512   1.00 40.93 ? 16  0C  A N4    1 
HETATM 335 C C5    . 0C  B 1 8 ? 11.145  -8.819  5.617   1.00 41.63 ? 16  0C  A C5    1 
HETATM 336 C C6    . 0C  B 1 8 ? 11.990  -9.077  4.531   1.00 40.49 ? 16  0C  A C6    1 
HETATM 337 O "O5'" . 0G  C 1 1 ? 11.218  -13.178 7.684   0.60 18.42 ? 17  0G  E "O5'" 1 
HETATM 338 C "C5'" . 0G  C 1 1 ? 12.348  -13.247 6.800   0.60 18.67 ? 17  0G  E "C5'" 1 
HETATM 339 C "C4'" . 0G  C 1 1 ? 11.806  -13.467 5.384   0.60 18.95 ? 17  0G  E "C4'" 1 
HETATM 340 O "O4'" . 0G  C 1 1 ? 10.864  -12.439 4.970   0.60 18.74 ? 17  0G  E "O4'" 1 
HETATM 341 C "C3'" . 0G  C 1 1 ? 11.052  -14.823 5.237   0.60 19.20 ? 17  0G  E "C3'" 1 
HETATM 342 O "O3'" . 0G  C 1 1 ? 11.939  -15.899 4.809   0.60 20.35 ? 17  0G  E "O3'" 1 
HETATM 343 C "C2'" . 0G  C 1 1 ? 10.131  -14.555 4.112   0.60 18.73 ? 17  0G  E "C2'" 1 
HETATM 344 O "O2'" . 0G  C 1 1 ? 10.817  -14.784 2.846   0.60 18.22 ? 17  0G  E "O2'" 1 
HETATM 345 C "C1'" . 0G  C 1 1 ? 9.783   -13.084 4.281   0.60 18.70 ? 17  0G  E "C1'" 1 
HETATM 346 N N9    . 0G  C 1 1 ? 8.610   -12.881 5.125   0.60 18.79 ? 17  0G  E N9    1 
HETATM 347 C C8    . 0G  C 1 1 ? 8.510   -12.251 6.293   0.60 18.84 ? 17  0G  E C8    1 
HETATM 348 N N7    . 0G  C 1 1 ? 7.237   -12.307 6.680   0.60 19.19 ? 17  0G  E N7    1 
HETATM 349 C C6    . 0G  C 1 1 ? 5.248   -13.298 5.650   0.60 19.47 ? 17  0G  E C6    1 
HETATM 350 O O6    . 0G  C 1 1 ? 4.456   -12.969 6.527   0.60 19.90 ? 17  0G  E O6    1 
HETATM 351 C C5    . 0G  C 1 1 ? 6.547   -12.973 5.749   0.60 19.44 ? 17  0G  E C5    1 
HETATM 352 N N1    . 0G  C 1 1 ? 4.776   -14.005 4.541   0.60 19.19 ? 17  0G  E N1    1 
HETATM 353 C C2    . 0G  C 1 1 ? 5.704   -14.355 3.566   0.60 19.32 ? 17  0G  E C2    1 
HETATM 354 N N2    . 0G  C 1 1 ? 5.338   -15.032 2.488   0.60 19.53 ? 17  0G  E N2    1 
HETATM 355 N N3    . 0G  C 1 1 ? 6.990   -13.999 3.709   0.60 19.30 ? 17  0G  E N3    1 
HETATM 356 C C4    . 0G  C 1 1 ? 7.405   -13.317 4.786   0.60 19.19 ? 17  0G  E C4    1 
HETATM 357 N N1    . XEC C 1 2 ? 6.899   -18.184 3.144   0.60 23.14 ? 18  XEC E N1    1 
HETATM 358 C C2    . XEC C 1 2 ? 5.567   -18.416 3.241   0.60 23.11 ? 18  XEC E C2    1 
HETATM 359 N N3    . XEC C 1 2 ? 4.841   -17.976 4.387   0.60 22.88 ? 18  XEC E N3    1 
HETATM 360 C C4    . XEC C 1 2 ? 5.481   -17.283 5.425   0.60 22.21 ? 18  XEC E C4    1 
HETATM 361 C C5    . XEC C 1 2 ? 6.843   -17.044 5.313   0.60 22.57 ? 18  XEC E C5    1 
HETATM 362 C C6    . XEC C 1 2 ? 7.544   -17.485 4.188   0.60 22.65 ? 18  XEC E C6    1 
HETATM 363 O O2    . XEC C 1 2 ? 4.968   -19.019 2.347   0.60 22.67 ? 18  XEC E O2    1 
HETATM 364 O O4    . XEC C 1 2 ? 4.856   -16.896 6.409   0.60 21.10 ? 18  XEC E O4    1 
HETATM 365 C "C1'" . XEC C 1 2 ? 7.661   -18.605 1.915   0.60 23.55 ? 18  XEC E "C1'" 1 
HETATM 366 C "C2'" . XEC C 1 2 ? 7.942   -20.071 1.816   0.60 23.68 ? 18  XEC E "C2'" 1 
HETATM 367 O "O2'" . XEC C 1 2 ? 7.905   -20.453 0.443   0.60 22.28 ? 18  XEC E "O2'" 1 
HETATM 368 C "C3'" . XEC C 1 2 ? 9.349   -20.183 2.382   0.60 24.58 ? 18  XEC E "C3'" 1 
HETATM 369 C "C4'" . XEC C 1 2 ? 10.074  -18.890 1.948   0.60 24.47 ? 18  XEC E "C4'" 1 
HETATM 370 O "O3'" . XEC C 1 2 ? 10.025  -21.368 1.836   0.60 25.49 ? 18  XEC E "O3'" 1 
HETATM 371 O "O4'" . XEC C 1 2 ? 8.963   -17.919 1.813   0.60 24.44 ? 18  XEC E "O4'" 1 
HETATM 372 C "C5'" . XEC C 1 2 ? 11.279  -18.543 2.906   0.60 23.88 ? 18  XEC E "C5'" 1 
HETATM 373 O "O5'" . XEC C 1 2 ? 10.775  -18.081 4.209   0.60 22.99 ? 18  XEC E "O5'" 1 
HETATM 374 P P     . XEC C 1 2 ? 11.742  -17.384 5.369   0.60 21.47 ? 18  XEC E P     1 
HETATM 375 O OP1   . XEC C 1 2 ? 11.064  -17.272 6.697   0.60 19.78 ? 18  XEC E OP1   1 
HETATM 376 O OP2   . XEC C 1 2 ? 13.046  -18.089 5.238   0.60 20.67 ? 18  XEC E OP2   1 
HETATM 377 P P     . 0G  C 1 3 ? 10.436  -22.589 2.808   0.60 26.21 ? 19  0G  E P     1 
HETATM 378 O OP1   . 0G  C 1 3 ? 10.476  -22.076 4.198   0.60 26.24 ? 19  0G  E OP1   1 
HETATM 379 O OP2   . 0G  C 1 3 ? 11.612  -23.259 2.210   0.60 25.46 ? 19  0G  E OP2   1 
HETATM 380 O "O5'" . 0G  C 1 3 ? 9.127   -23.525 2.794   0.60 26.98 ? 19  0G  E "O5'" 1 
HETATM 381 C "C5'" . 0G  C 1 3 ? 8.579   -24.074 1.583   0.60 27.77 ? 19  0G  E "C5'" 1 
HETATM 382 C "C4'" . 0G  C 1 3 ? 7.075   -24.160 1.810   0.60 27.74 ? 19  0G  E "C4'" 1 
HETATM 383 O "O4'" . 0G  C 1 3 ? 6.476   -22.841 1.999   0.60 27.70 ? 19  0G  E "O4'" 1 
HETATM 384 C "C3'" . 0G  C 1 3 ? 6.736   -24.917 3.105   0.60 27.52 ? 19  0G  E "C3'" 1 
HETATM 385 O "O3'" . 0G  C 1 3 ? 6.892   -26.388 2.984   0.60 26.92 ? 19  0G  E "O3'" 1 
HETATM 386 C "C2'" . 0G  C 1 3 ? 5.298   -24.493 3.295   0.60 27.50 ? 19  0G  E "C2'" 1 
HETATM 387 O "O2'" . 0G  C 1 3 ? 4.412   -25.133 2.362   0.60 27.05 ? 19  0G  E "O2'" 1 
HETATM 388 C "C1'" . 0G  C 1 3 ? 5.432   -22.989 3.015   0.60 27.49 ? 19  0G  E "C1'" 1 
HETATM 389 N N9    . 0G  C 1 3 ? 5.760   -22.235 4.283   0.60 27.61 ? 19  0G  E N9    1 
HETATM 390 C C8    . 0G  C 1 3 ? 6.903   -21.760 4.802   0.60 27.31 ? 19  0G  E C8    1 
HETATM 391 N N7    . 0G  C 1 3 ? 6.606   -21.174 5.958   0.60 27.46 ? 19  0G  E N7    1 
HETATM 392 C C6    . 0G  C 1 3 ? 4.444   -20.898 7.156   0.60 27.46 ? 19  0G  E C6    1 
HETATM 393 O O6    . 0G  C 1 3 ? 4.840   -20.279 8.149   0.60 27.76 ? 19  0G  E O6    1 
HETATM 394 C C5    . 0G  C 1 3 ? 5.278   -21.295 6.167   0.60 27.74 ? 19  0G  E C5    1 
HETATM 395 N N1    . 0G  C 1 3 ? 3.072   -21.180 7.076   0.60 26.34 ? 19  0G  E N1    1 
HETATM 396 C C2    . 0G  C 1 3 ? 2.587   -21.869 5.988   0.60 25.94 ? 19  0G  E C2    1 
HETATM 397 N N2    . 0G  C 1 3 ? 1.303   -22.150 5.889   0.60 25.60 ? 19  0G  E N2    1 
HETATM 398 N N3    . 0G  C 1 3 ? 3.445   -22.241 5.038   0.60 26.84 ? 19  0G  E N3    1 
HETATM 399 C C4    . 0G  C 1 3 ? 4.764   -21.955 5.122   0.60 27.48 ? 19  0G  E C4    1 
HETATM 400 P P     . 0U  C 1 4 ? 7.409   -27.260 4.252   0.50 26.47 ? 20  0U  E P     1 
HETATM 401 O OP1   . 0U  C 1 4 ? 8.451   -26.484 4.958   0.50 26.21 ? 20  0U  E OP1   1 
HETATM 402 O OP2   . 0U  C 1 4 ? 7.748   -28.612 3.762   0.50 26.81 ? 20  0U  E OP2   1 
HETATM 403 O "O5'" . 0U  C 1 4 ? 6.091   -27.355 5.180   0.50 25.31 ? 20  0U  E "O5'" 1 
HETATM 404 C "C5'" . 0U  C 1 4 ? 5.155   -28.376 4.856   0.50 24.65 ? 20  0U  E "C5'" 1 
HETATM 405 C "C4'" . 0U  C 1 4 ? 3.888   -28.022 5.595   0.50 24.29 ? 20  0U  E "C4'" 1 
HETATM 406 O "O4'" . 0U  C 1 4 ? 3.580   -26.590 5.595   0.50 24.17 ? 20  0U  E "O4'" 1 
HETATM 407 C "C3'" . 0U  C 1 4 ? 3.999   -28.357 7.080   0.50 23.74 ? 20  0U  E "C3'" 1 
HETATM 408 O "O3'" . 0U  C 1 4 ? 4.061   -29.805 7.319   0.50 23.20 ? 20  0U  E "O3'" 1 
HETATM 409 C "C2'" . 0U  C 1 4 ? 2.681   -27.722 7.493   0.50 23.43 ? 20  0U  E "C2'" 1 
HETATM 410 O "O2'" . 0U  C 1 4 ? 1.576   -28.472 7.014   0.50 22.87 ? 20  0U  E "O2'" 1 
HETATM 411 C "C1'" . 0U  C 1 4 ? 2.767   -26.368 6.773   0.50 23.51 ? 20  0U  E "C1'" 1 
HETATM 412 N N1    . 0U  C 1 4 ? 3.507   -25.509 7.679   0.50 23.27 ? 20  0U  E N1    1 
HETATM 413 C C2    . 0U  C 1 4 ? 2.847   -24.774 8.569   0.50 23.28 ? 20  0U  E C2    1 
HETATM 414 O O2    . 0U  C 1 4 ? 1.620   -24.789 8.574   0.50 23.41 ? 20  0U  E O2    1 
HETATM 415 N N3    . 0U  C 1 4 ? 3.547   -23.986 9.471   0.50 23.46 ? 20  0U  E N3    1 
HETATM 416 C C4    . 0U  C 1 4 ? 4.945   -23.979 9.444   0.50 23.66 ? 20  0U  E C4    1 
HETATM 417 O O4    . 0U  C 1 4 ? 5.576   -23.278 10.236  0.50 23.89 ? 20  0U  E O4    1 
HETATM 418 C C5    . 0U  C 1 4 ? 5.623   -24.764 8.523   0.50 23.40 ? 20  0U  E C5    1 
HETATM 419 C C6    . 0U  C 1 4 ? 4.897   -25.538 7.640   0.50 23.12 ? 20  0U  E C6    1 
HETATM 420 P P     . 0A  C 1 5 ? 4.790   -30.397 8.631   0.50 22.47 ? 21  0A  E P     1 
HETATM 421 O "O5'" . 0A  C 1 5 ? 3.915   -29.761 9.849   0.50 21.40 ? 21  0A  E "O5'" 1 
HETATM 422 O OP1   . 0A  C 1 5 ? 6.180   -29.884 8.667   0.50 21.84 ? 21  0A  E OP1   1 
HETATM 423 O OP2   . 0A  C 1 5 ? 4.602   -31.869 8.632   0.50 22.03 ? 21  0A  E OP2   1 
HETATM 424 O "O5'" . 0G  D 1 1 ? -3.675  12.884  0.258   1.00 20.73 ? 1   0G  D "O5'" 1 
HETATM 425 C "C5'" . 0G  D 1 1 ? -4.427  13.563  1.275   1.00 20.91 ? 1   0G  D "C5'" 1 
HETATM 426 C "C4'" . 0G  D 1 1 ? -4.975  12.455  2.159   1.00 20.72 ? 1   0G  D "C4'" 1 
HETATM 427 O "O4'" . 0G  D 1 1 ? -4.091  11.319  2.172   1.00 20.88 ? 1   0G  D "O4'" 1 
HETATM 428 C "C3'" . 0G  D 1 1 ? -6.235  11.923  1.538   1.00 20.71 ? 1   0G  D "C3'" 1 
HETATM 429 O "O3'" . 0G  D 1 1 ? -7.364  12.688  1.951   1.00 20.51 ? 1   0G  D "O3'" 1 
HETATM 430 C "C2'" . 0G  D 1 1 ? -6.360  10.574  2.113   1.00 20.58 ? 1   0G  D "C2'" 1 
HETATM 431 O "O2'" . 0G  D 1 1 ? -6.840  10.713  3.447   1.00 19.84 ? 1   0G  D "O2'" 1 
HETATM 432 C "C1'" . 0G  D 1 1 ? -4.900  10.120  2.051   1.00 20.90 ? 1   0G  D "C1'" 1 
HETATM 433 N N9    . 0G  D 1 1 ? -4.488  9.356   0.810   1.00 20.92 ? 1   0G  D N9    1 
HETATM 434 C C8    . 0G  D 1 1 ? -3.475  9.599   -0.013  1.00 21.12 ? 1   0G  D C8    1 
HETATM 435 N N7    . 0G  D 1 1 ? -3.426  8.643   -0.937  1.00 21.12 ? 1   0G  D N7    1 
HETATM 436 C C6    . 0G  D 1 1 ? -4.833  6.691   -1.310  1.00 20.71 ? 1   0G  D C6    1 
HETATM 437 O O6    . 0G  D 1 1 ? -4.302  6.239   -2.318  1.00 20.25 ? 1   0G  D O6    1 
HETATM 438 C C5    . 0G  D 1 1 ? -4.415  7.796   -0.691  1.00 20.97 ? 1   0G  D C5    1 
HETATM 439 N N1    . 0G  D 1 1 ? -5.918  6.020   -0.805  1.00 20.70 ? 1   0G  D N1    1 
HETATM 440 C C2    . 0G  D 1 1 ? -6.564  6.466   0.303   1.00 21.19 ? 1   0G  D C2    1 
HETATM 441 N N2    . 0G  D 1 1 ? -7.607  5.776   0.757   1.00 21.45 ? 1   0G  D N2    1 
HETATM 442 N N3    . 0G  D 1 1 ? -6.118  7.578   0.899   1.00 21.53 ? 1   0G  D N3    1 
HETATM 443 C C4    . 0G  D 1 1 ? -5.059  8.235   0.398   1.00 21.15 ? 1   0G  D C4    1 
HETATM 444 N N1    . XEC D 1 2 ? -9.046  8.585   -0.796  1.00 17.18 ? 2   XEC D N1    1 
HETATM 445 C C2    . XEC D 1 2 ? -9.129  7.617   -1.703  1.00 16.89 ? 2   XEC D C2    1 
HETATM 446 N N3    . XEC D 1 2 ? -8.212  7.537   -2.722  1.00 16.69 ? 2   XEC D N3    1 
HETATM 447 C C4    . XEC D 1 2 ? -7.191  8.433   -2.837  1.00 16.60 ? 2   XEC D C4    1 
HETATM 448 C C5    . XEC D 1 2 ? -7.074  9.429   -1.905  1.00 16.99 ? 2   XEC D C5    1 
HETATM 449 C C6    . XEC D 1 2 ? -8.007  9.502   -0.893  1.00 17.12 ? 2   XEC D C6    1 
HETATM 450 O O2    . XEC D 1 2 ? -10.021 6.778   -1.661  1.00 17.53 ? 2   XEC D O2    1 
HETATM 451 O O4    . XEC D 1 2 ? -6.394  8.341   -3.758  1.00 16.36 ? 2   XEC D O4    1 
HETATM 452 C "C1'" . XEC D 1 2 ? -10.012 8.669   0.346   1.00 17.86 ? 2   XEC D "C1'" 1 
HETATM 453 C "C2'" . XEC D 1 2 ? -11.415 8.883   -0.110  1.00 17.94 ? 2   XEC D "C2'" 1 
HETATM 454 O "O2'" . XEC D 1 2 ? -12.312 8.270   0.832   1.00 18.04 ? 2   XEC D "O2'" 1 
HETATM 455 C CM2   . XEC D 1 2 ? -13.170 7.274   0.237   1.00 18.14 ? 2   XEC D CM2   1 
HETATM 456 C "C3'" . XEC D 1 2 ? -11.453 10.383  -0.057  1.00 18.29 ? 2   XEC D "C3'" 1 
HETATM 457 C "C4'" . XEC D 1 2 ? -10.856 10.651  1.312   1.00 17.99 ? 2   XEC D "C4'" 1 
HETATM 458 O "O3'" . XEC D 1 2 ? -12.830 10.844  -0.160  1.00 18.59 ? 2   XEC D "O3'" 1 
HETATM 459 O "O4'" . XEC D 1 2 ? -9.711  9.801   1.293   1.00 18.24 ? 2   XEC D "O4'" 1 
HETATM 460 C "C5'" . XEC D 1 2 ? -10.455 12.084  1.474   1.00 17.82 ? 2   XEC D "C5'" 1 
HETATM 461 O "O5'" . XEC D 1 2 ? -9.396  12.245  0.544   1.00 18.41 ? 2   XEC D "O5'" 1 
HETATM 462 P P     . XEC D 1 2 ? -8.284  13.396  0.855   1.00 20.06 ? 2   XEC D P     1 
HETATM 463 O OP1   . XEC D 1 2 ? -7.411  13.731  -0.338  1.00 19.03 ? 2   XEC D OP1   1 
HETATM 464 O OP2   . XEC D 1 2 ? -9.005  14.485  1.546   1.00 19.78 ? 2   XEC D OP2   1 
HETATM 465 P P     . 0G  D 1 3 ? -13.330 11.663  -1.462  1.00 18.41 ? 3   0G  D P     1 
HETATM 466 O OP1   . 0G  D 1 3 ? -12.194 12.516  -1.954  1.00 17.57 ? 3   0G  D OP1   1 
HETATM 467 O OP2   . 0G  D 1 3 ? -14.598 12.306  -1.084  1.00 18.69 ? 3   0G  D OP2   1 
HETATM 468 O "O5'" . 0G  D 1 3 ? -13.734 10.490  -2.492  1.00 16.93 ? 3   0G  D "O5'" 1 
HETATM 469 C "C5'" . 0G  D 1 3 ? -14.839 9.716   -2.017  1.00 16.45 ? 3   0G  D "C5'" 1 
HETATM 470 C "C4'" . 0G  D 1 3 ? -15.015 8.486   -2.887  1.00 16.08 ? 3   0G  D "C4'" 1 
HETATM 471 O "O4'" . 0G  D 1 3 ? -13.926 7.509   -2.769  1.00 16.07 ? 3   0G  D "O4'" 1 
HETATM 472 C "C3'" . 0G  D 1 3 ? -15.041 8.849   -4.364  1.00 15.56 ? 3   0G  D "C3'" 1 
HETATM 473 O "O3'" . 0G  D 1 3 ? -16.323 9.481   -4.780  1.00 15.19 ? 3   0G  D "O3'" 1 
HETATM 474 C "C2'" . 0G  D 1 3 ? -14.786 7.482   -4.973  1.00 15.15 ? 3   0G  D "C2'" 1 
HETATM 475 O "O2'" . 0G  D 1 3 ? -15.899 6.624   -4.763  1.00 14.62 ? 3   0G  D "O2'" 1 
HETATM 476 C "C1'" . 0G  D 1 3 ? -13.598 7.025   -4.127  1.00 15.24 ? 3   0G  D "C1'" 1 
HETATM 477 N N9    . 0G  D 1 3 ? -12.264 7.613   -4.532  1.00 14.55 ? 3   0G  D N9    1 
HETATM 478 C C8    . 0G  D 1 3 ? -11.721 8.619   -3.871  1.00 14.40 ? 3   0G  D C8    1 
HETATM 479 N N7    . 0G  D 1 3 ? -10.576 8.916   -4.441  1.00 14.64 ? 3   0G  D N7    1 
HETATM 480 C C6    . 0G  D 1 3 ? -9.360  8.006   -6.354  1.00 14.69 ? 3   0G  D C6    1 
HETATM 481 O O6    . 0G  D 1 3 ? -8.355  8.737   -6.351  1.00 14.52 ? 3   0G  D O6    1 
HETATM 482 C C5    . 0G  D 1 3 ? -10.381 8.102   -5.470  1.00 14.53 ? 3   0G  D C5    1 
HETATM 483 N N1    . 0G  D 1 3 ? -9.442  7.037   -7.315  1.00 14.34 ? 3   0G  D N1    1 
HETATM 484 C C2    . 0G  D 1 3 ? -10.556 6.219   -7.351  1.00 13.96 ? 3   0G  D C2    1 
HETATM 485 N N2    . 0G  D 1 3 ? -10.648 5.293   -8.263  1.00 13.96 ? 3   0G  D N2    1 
HETATM 486 N N3    . 0G  D 1 3 ? -11.531 6.356   -6.458  1.00 13.93 ? 3   0G  D N3    1 
HETATM 487 C C4    . 0G  D 1 3 ? -11.441 7.291   -5.518  1.00 14.19 ? 3   0G  D C4    1 
HETATM 488 P P     . 0U  D 1 4 ? -16.301 10.767  -5.752  1.00 15.01 ? 4   0U  D P     1 
HETATM 489 O OP1   . 0U  D 1 4 ? -15.028 11.486  -5.551  1.00 15.00 ? 4   0U  D OP1   1 
HETATM 490 O OP2   . 0U  D 1 4 ? -17.517 11.509  -5.510  1.00 15.27 ? 4   0U  D OP2   1 
HETATM 491 O "O5'" . 0U  D 1 4 ? -16.227 10.100  -7.245  1.00 14.70 ? 4   0U  D "O5'" 1 
HETATM 492 C "C5'" . 0U  D 1 4 ? -16.892 8.851   -7.476  1.00 14.61 ? 4   0U  D "C5'" 1 
HETATM 493 C "C4'" . 0U  D 1 4 ? -16.387 8.185   -8.756  1.00 14.62 ? 4   0U  D "C4'" 1 
HETATM 494 O "O4'" . 0U  D 1 4 ? -15.247 7.312   -8.547  1.00 14.17 ? 4   0U  D "O4'" 1 
HETATM 495 C "C3'" . 0U  D 1 4 ? -15.931 9.164   -9.859  1.00 14.70 ? 4   0U  D "C3'" 1 
HETATM 496 O "O3'" . 0U  D 1 4 ? -17.101 9.680   -10.614 1.00 15.38 ? 4   0U  D "O3'" 1 
HETATM 497 C "C2'" . 0U  D 1 4 ? -15.064 8.223   -10.683 1.00 14.04 ? 4   0U  D "C2'" 1 
HETATM 498 O "O2'" . 0U  D 1 4 ? -15.858 7.227   -11.315 1.00 13.77 ? 4   0U  D "O2'" 1 
HETATM 499 C "C1'" . 0U  D 1 4 ? -14.276 7.565   -9.604  1.00 13.60 ? 4   0U  D "C1'" 1 
HETATM 500 N N1    . 0U  D 1 4 ? -13.122 8.409   -9.156  1.00 12.94 ? 4   0U  D N1    1 
HETATM 501 C C2    . 0U  D 1 4 ? -11.997 8.366   -9.863  1.00 12.68 ? 4   0U  D C2    1 
HETATM 502 O O2    . 0U  D 1 4 ? -11.948 7.665   -10.863 1.00 12.75 ? 4   0U  D O2    1 
HETATM 503 N N3    . 0U  D 1 4 ? -10.876 9.107   -9.514  1.00 12.55 ? 4   0U  D N3    1 
HETATM 504 C C4    . 0U  D 1 4 ? -10.882 9.917   -8.413  1.00 12.46 ? 4   0U  D C4    1 
HETATM 505 O O4    . 0U  D 1 4 ? -9.872  10.565  -8.131  1.00 12.33 ? 4   0U  D O4    1 
HETATM 506 C C5    . 0U  D 1 4 ? -12.043 9.964   -7.658  1.00 12.59 ? 4   0U  D C5    1 
HETATM 507 C C6    . 0U  D 1 4 ? -13.161 9.220   -8.022  1.00 12.64 ? 4   0U  D C6    1 
HETATM 508 P P     . 0A  D 1 5 ? -16.963 10.998  -11.545 1.00 16.00 ? 5   0A  D P     1 
HETATM 509 N N1    . 0A  D 1 5 ? -8.278  11.644  -12.637 1.00 14.91 ? 5   0A  D N1    1 
HETATM 510 C C2    . 0A  D 1 5 ? -8.587  10.905  -13.779 1.00 14.73 ? 5   0A  D C2    1 
HETATM 511 N N3    . 0A  D 1 5 ? -9.877  10.488  -13.990 1.00 14.36 ? 5   0A  D N3    1 
HETATM 512 C C4    . 0A  D 1 5 ? -10.785 10.800  -13.083 1.00 14.58 ? 5   0A  D C4    1 
HETATM 513 C C5    . 0A  D 1 5 ? -10.485 11.499  -11.996 1.00 14.64 ? 5   0A  D C5    1 
HETATM 514 C C6    . 0A  D 1 5 ? -9.256  11.906  -11.786 1.00 14.90 ? 5   0A  D C6    1 
HETATM 515 N N6    . 0A  D 1 5 ? -9.041  12.594  -10.688 1.00 15.31 ? 5   0A  D N6    1 
HETATM 516 N N7    . 0A  D 1 5 ? -11.586 11.666  -11.279 1.00 14.70 ? 5   0A  D N7    1 
HETATM 517 C C8    . 0A  D 1 5 ? -12.578 11.062  -11.935 1.00 14.87 ? 5   0A  D C8    1 
HETATM 518 N N9    . 0A  D 1 5 ? -12.073 10.527  -13.052 1.00 14.83 ? 5   0A  D N9    1 
HETATM 519 C "C1'" . 0A  D 1 5 ? -12.685 9.751   -14.136 1.00 14.56 ? 5   0A  D "C1'" 1 
HETATM 520 C "C2'" . 0A  D 1 5 ? -13.016 10.671  -15.270 1.00 14.45 ? 5   0A  D "C2'" 1 
HETATM 521 O "O2'" . 0A  D 1 5 ? -12.983 9.971   -16.476 1.00 13.87 ? 5   0A  D "O2'" 1 
HETATM 522 C "C3'" . 0A  D 1 5 ? -14.398 11.051  -14.923 1.00 14.87 ? 5   0A  D "C3'" 1 
HETATM 523 O "O3'" . 0A  D 1 5 ? -15.166 11.520  -16.101 1.00 15.59 ? 5   0A  D "O3'" 1 
HETATM 524 C "C4'" . 0A  D 1 5 ? -14.895 9.712   -14.461 1.00 14.84 ? 5   0A  D "C4'" 1 
HETATM 525 O "O4'" . 0A  D 1 5 ? -13.899 9.248   -13.603 1.00 14.54 ? 5   0A  D "O4'" 1 
HETATM 526 C "C5'" . 0A  D 1 5 ? -16.162 9.856   -13.666 1.00 15.04 ? 5   0A  D "C5'" 1 
HETATM 527 O "O5'" . 0A  D 1 5 ? -15.784 10.587  -12.548 1.00 15.38 ? 5   0A  D "O5'" 1 
HETATM 528 O OP1   . 0A  D 1 5 ? -16.484 12.122  -10.708 1.00 16.05 ? 5   0A  D OP1   1 
HETATM 529 O OP2   . 0A  D 1 5 ? -18.234 11.157  -12.284 1.00 16.27 ? 5   0A  D OP2   1 
HETATM 530 P P     . 0C  D 1 6 ? -15.276 13.129  -16.348 1.00 16.09 ? 6   0C  D P     1 
HETATM 531 O OP1   . 0C  D 1 6 ? -15.373 13.856  -15.068 1.00 15.81 ? 6   0C  D OP1   1 
HETATM 532 O OP2   . 0C  D 1 6 ? -16.296 13.322  -17.422 1.00 15.34 ? 6   0C  D OP2   1 
HETATM 533 O "O5'" . 0C  D 1 6 ? -13.801 13.442  -16.895 1.00 16.15 ? 6   0C  D "O5'" 1 
HETATM 534 C "C5'" . 0C  D 1 6 ? -13.554 13.221  -18.279 1.00 16.60 ? 6   0C  D "C5'" 1 
HETATM 535 C "C4'" . 0C  D 1 6 ? -12.049 13.254  -18.413 1.00 16.92 ? 6   0C  D "C4'" 1 
HETATM 536 O "O4'" . 0C  D 1 6 ? -11.366 12.628  -17.318 1.00 16.86 ? 6   0C  D "O4'" 1 
HETATM 537 C "C3'" . 0C  D 1 6 ? -11.519 14.673  -18.354 1.00 17.23 ? 6   0C  D "C3'" 1 
HETATM 538 O "O3'" . 0C  D 1 6 ? -11.854 15.410  -19.600 1.00 18.22 ? 6   0C  D "O3'" 1 
HETATM 539 C "C2'" . 0C  D 1 6 ? -10.046 14.372  -18.202 1.00 16.63 ? 6   0C  D "C2'" 1 
HETATM 540 O "O2'" . 0C  D 1 6 ? -9.533  14.121  -19.503 1.00 16.64 ? 6   0C  D "O2'" 1 
HETATM 541 C "C1'" . 0C  D 1 6 ? -10.063 13.231  -17.239 1.00 16.33 ? 6   0C  D "C1'" 1 
HETATM 542 N N1    . 0C  D 1 6 ? -10.036 13.709  -15.869 1.00 15.91 ? 6   0C  D N1    1 
HETATM 543 C C2    . 0C  D 1 6 ? -8.902  14.195  -15.389 1.00 15.68 ? 6   0C  D C2    1 
HETATM 544 O O2    . 0C  D 1 6 ? -7.908  14.228  -16.113 1.00 15.69 ? 6   0C  D O2    1 
HETATM 545 N N3    . 0C  D 1 6 ? -8.863  14.653  -14.077 1.00 15.39 ? 6   0C  D N3    1 
HETATM 546 C C4    . 0C  D 1 6 ? -9.954  14.618  -13.278 1.00 15.26 ? 6   0C  D C4    1 
HETATM 547 N N4    . 0C  D 1 6 ? -9.849  15.059  -12.047 1.00 15.44 ? 6   0C  D N4    1 
HETATM 548 C C5    . 0C  D 1 6 ? -11.134 14.120  -13.767 1.00 15.50 ? 6   0C  D C5    1 
HETATM 549 C C6    . 0C  D 1 6 ? -11.181 13.669  -15.068 1.00 15.60 ? 6   0C  D C6    1 
HETATM 550 P P     . 0A  D 1 7 ? -11.922 16.985  -19.694 1.00 19.05 ? 7   0A  D P     1 
HETATM 551 N N1    . 0A  D 1 7 ? -6.424  18.747  -13.213 1.00 24.19 ? 7   0A  D N1    1 
HETATM 552 C C2    . 0A  D 1 7 ? -5.501  18.820  -14.273 1.00 24.53 ? 7   0A  D C2    1 
HETATM 553 N N3    . 0A  D 1 7 ? -5.917  18.496  -15.562 1.00 24.22 ? 7   0A  D N3    1 
HETATM 554 C C4    . 0A  D 1 7 ? -7.199  18.130  -15.722 1.00 24.09 ? 7   0A  D C4    1 
HETATM 555 C C5    . 0A  D 1 7 ? -8.069  18.071  -14.703 1.00 23.89 ? 7   0A  D C5    1 
HETATM 556 C C6    . 0A  D 1 7 ? -7.673  18.373  -13.466 1.00 23.26 ? 7   0A  D C6    1 
HETATM 557 N N6    . 0A  D 1 7 ? -8.552  18.299  -12.488 1.00 22.67 ? 7   0A  D N6    1 
HETATM 558 N N7    . 0A  D 1 7 ? -9.245  17.677  -15.202 1.00 24.20 ? 7   0A  D N7    1 
HETATM 559 C C8    . 0A  D 1 7 ? -9.104  17.499  -16.513 1.00 23.87 ? 7   0A  D C8    1 
HETATM 560 N N9    . 0A  D 1 7 ? -7.835  17.782  -16.818 1.00 23.73 ? 7   0A  D N9    1 
HETATM 561 C "C1'" . 0A  D 1 7 ? -7.074  17.752  -18.048 1.00 23.55 ? 7   0A  D "C1'" 1 
HETATM 562 C "C2'" . 0A  D 1 7 ? -6.925  19.102  -18.672 1.00 23.91 ? 7   0A  D "C2'" 1 
HETATM 563 O "O2'" . 0A  D 1 7 ? -5.753  19.134  -19.476 1.00 23.43 ? 7   0A  D "O2'" 1 
HETATM 564 C "C3'" . 0A  D 1 7 ? -8.171  19.104  -19.507 1.00 24.75 ? 7   0A  D "C3'" 1 
HETATM 565 O "O3'" . 0A  D 1 7 ? -8.131  20.047  -20.620 1.00 27.13 ? 7   0A  D "O3'" 1 
HETATM 566 C "C4'" . 0A  D 1 7 ? -8.183  17.693  -20.036 1.00 23.03 ? 7   0A  D "C4'" 1 
HETATM 567 O "O4'" . 0A  D 1 7 ? -7.934  16.954  -18.871 1.00 23.34 ? 7   0A  D "O4'" 1 
HETATM 568 C "C5'" . 0A  D 1 7 ? -9.566  17.346  -20.563 1.00 21.49 ? 7   0A  D "C5'" 1 
HETATM 569 O "O5'" . 0A  D 1 7 ? -10.409 17.399  -19.451 1.00 19.68 ? 7   0A  D "O5'" 1 
HETATM 570 O OP1   . 0A  D 1 7 ? -12.752 17.410  -18.527 1.00 18.77 ? 7   0A  D OP1   1 
HETATM 571 O OP2   . 0A  D 1 7 ? -12.305 17.416  -21.054 1.00 18.47 ? 7   0A  D OP2   1 
HETATM 572 P P     . 0C  D 1 8 ? -8.584  21.582  -20.412 1.00 28.51 ? 8   0C  D P     1 
HETATM 573 O OP1   . 0C  D 1 8 ? -9.869  21.610  -19.649 1.00 26.33 ? 8   0C  D OP1   1 
HETATM 574 O OP2   . 0C  D 1 8 ? -8.498  22.236  -21.752 1.00 28.26 ? 8   0C  D OP2   1 
HETATM 575 O "O5'" . 0C  D 1 8 ? -7.473  22.118  -19.355 1.00 27.63 ? 8   0C  D "O5'" 1 
HETATM 576 C "C5'" . 0C  D 1 8 ? -6.242  22.712  -19.784 1.00 28.18 ? 8   0C  D "C5'" 1 
HETATM 577 C "C4'" . 0C  D 1 8 ? -5.530  23.061  -18.498 1.00 28.14 ? 8   0C  D "C4'" 1 
HETATM 578 O "O4'" . 0C  D 1 8 ? -5.526  21.950  -17.572 1.00 28.33 ? 8   0C  D "O4'" 1 
HETATM 579 C "C3'" . 0C  D 1 8 ? -6.300  24.114  -17.716 1.00 28.17 ? 8   0C  D "C3'" 1 
HETATM 580 O "O3'" . 0C  D 1 8 ? -6.215  25.428  -18.309 1.00 28.23 ? 8   0C  D "O3'" 1 
HETATM 581 C "C2'" . 0C  D 1 8 ? -5.591  23.984  -16.380 1.00 27.97 ? 8   0C  D "C2'" 1 
HETATM 582 O "O2'" . 0C  D 1 8 ? -4.226  24.413  -16.422 1.00 29.85 ? 8   0C  D "O2'" 1 
HETATM 583 C "C1'" . 0C  D 1 8 ? -5.587  22.495  -16.224 1.00 27.18 ? 8   0C  D "C1'" 1 
HETATM 584 N N1    . 0C  D 1 8 ? -6.802  22.139  -15.474 1.00 26.15 ? 8   0C  D N1    1 
HETATM 585 C C2    . 0C  D 1 8 ? -6.717  22.149  -14.149 1.00 25.96 ? 8   0C  D C2    1 
HETATM 586 O O2    . 0C  D 1 8 ? -5.662  22.427  -13.581 1.00 26.68 ? 8   0C  D O2    1 
HETATM 587 N N3    . 0C  D 1 8 ? -7.825  21.830  -13.395 1.00 25.30 ? 8   0C  D N3    1 
HETATM 588 C C4    . 0C  D 1 8 ? -9.037  21.518  -13.949 1.00 24.62 ? 8   0C  D C4    1 
HETATM 589 N N4    . 0C  D 1 8 ? -10.033 21.242  -13.136 1.00 24.24 ? 8   0C  D N4    1 
HETATM 590 C C5    . 0C  D 1 8 ? -9.162  21.512  -15.321 1.00 24.88 ? 8   0C  D C5    1 
HETATM 591 C C6    . 0C  D 1 8 ? -8.038  21.822  -16.086 1.00 25.64 ? 8   0C  D C6    1 
HETATM 592 O "O5'" . 0G  E 1 1 ? -0.645  -9.206  3.465   1.00 33.97 ? 9   0G  B "O5'" 1 
HETATM 593 C "C5'" . 0G  E 1 1 ? -0.981  -10.594 3.272   1.00 33.21 ? 9   0G  B "C5'" 1 
HETATM 594 C "C4'" . 0G  E 1 1 ? -0.346  -11.036 1.953   1.00 33.20 ? 9   0G  B "C4'" 1 
HETATM 595 O "O4'" . 0G  E 1 1 ? 0.480   -12.216 2.181   1.00 34.78 ? 9   0G  B "O4'" 1 
HETATM 596 C "C3'" . 0G  E 1 1 ? 0.603   -9.992  1.331   1.00 32.52 ? 9   0G  B "C3'" 1 
HETATM 597 O "O3'" . 0G  E 1 1 ? 0.016   -9.387  0.171   1.00 31.36 ? 9   0G  B "O3'" 1 
HETATM 598 C "C2'" . 0G  E 1 1 ? 1.825   -10.802 0.950   1.00 33.73 ? 9   0G  B "C2'" 1 
HETATM 599 O "O2'" . 0G  E 1 1 ? 1.704   -11.425 -0.346  1.00 32.98 ? 9   0G  B "O2'" 1 
HETATM 600 C "C1'" . 0G  E 1 1 ? 1.891   -11.817 2.095   1.00 34.81 ? 9   0G  B "C1'" 1 
HETATM 601 N N9    . 0G  E 1 1 ? 2.608   -11.143 3.300   1.00 36.40 ? 9   0G  B N9    1 
HETATM 602 C C8    . 0G  E 1 1 ? 2.279   -10.559 4.459   1.00 36.77 ? 9   0G  B C8    1 
HETATM 603 N N7    . 0G  E 1 1 ? 3.384   -10.125 5.072   1.00 36.27 ? 9   0G  B N7    1 
HETATM 604 C C6    . 0G  E 1 1 ? 5.715   -10.189 4.412   1.00 35.39 ? 9   0G  B C6    1 
HETATM 605 O O6    . 0G  E 1 1 ? 6.182   -9.629  5.407   1.00 33.61 ? 9   0G  B O6    1 
HETATM 606 C C5    . 0G  E 1 1 ? 4.408   -10.415 4.288   1.00 36.24 ? 9   0G  B C5    1 
HETATM 607 N N1    . 0G  E 1 1 ? 6.543   -10.623 3.365   1.00 36.13 ? 9   0G  B N1    1 
HETATM 608 C C2    . 0G  E 1 1 ? 5.999   -11.263 2.246   1.00 37.81 ? 9   0G  B C2    1 
HETATM 609 N N2    . 0G  E 1 1 ? 6.753   -11.696 1.236   1.00 38.84 ? 9   0G  B N2    1 
HETATM 610 N N3    . 0G  E 1 1 ? 4.688   -11.462 2.199   1.00 37.81 ? 9   0G  B N3    1 
HETATM 611 C C4    . 0G  E 1 1 ? 3.918   -11.039 3.204   1.00 36.99 ? 9   0G  B C4    1 
HETATM 612 N N1    . XEC E 1 2 ? 5.669   -8.453  0.385   1.00 22.63 ? 10  XEC B N1    1 
HETATM 613 C C2    . XEC E 1 2 ? 6.838   -8.187  1.007   1.00 21.81 ? 10  XEC B C2    1 
HETATM 614 N N3    . XEC E 1 2 ? 6.818   -7.477  2.204   1.00 22.14 ? 10  XEC B N3    1 
HETATM 615 C C4    . XEC E 1 2 ? 5.608   -7.030  2.757   1.00 21.94 ? 10  XEC B C4    1 
HETATM 616 C C5    . XEC E 1 2 ? 4.420   -7.315  2.116   1.00 22.16 ? 10  XEC B C5    1 
HETATM 617 C C6    . XEC E 1 2 ? 4.456   -8.026  0.937   1.00 22.05 ? 10  XEC B C6    1 
HETATM 618 O O2    . XEC E 1 2 ? 7.933   -8.537  0.569   1.00 20.56 ? 10  XEC B O2    1 
HETATM 619 O O4    . XEC E 1 2 ? 5.587   -6.386  3.799   1.00 21.36 ? 10  XEC B O4    1 
HETATM 620 C "C1'" . XEC E 1 2 ? 5.622   -9.220  -0.885  1.00 23.98 ? 10  XEC B "C1'" 1 
HETATM 621 C "C2'" . XEC E 1 2 ? 5.932   -8.339  -2.050  1.00 23.95 ? 10  XEC B "C2'" 1 
HETATM 622 O "O2'" . XEC E 1 2 ? 6.353   -9.168  -3.134  1.00 22.66 ? 10  XEC B "O2'" 1 
HETATM 623 C CM2   . XEC E 1 2 ? 7.698   -9.616  -2.985  1.00 22.61 ? 10  XEC B CM2   1 
HETATM 624 C "C3'" . XEC E 1 2 ? 4.558   -7.749  -2.307  1.00 25.26 ? 10  XEC B "C3'" 1 
HETATM 625 C "C4'" . XEC E 1 2 ? 3.697   -9.041  -2.230  1.00 25.99 ? 10  XEC B "C4'" 1 
HETATM 626 O "O3'" . XEC E 1 2 ? 4.492   -7.093  -3.664  1.00 25.56 ? 10  XEC B "O3'" 1 
HETATM 627 O "O4'" . XEC E 1 2 ? 4.291   -9.787  -1.174  1.00 25.18 ? 10  XEC B "O4'" 1 
HETATM 628 C "C5'" . XEC E 1 2 ? 2.184   -8.804  -2.051  1.00 27.18 ? 10  XEC B "C5'" 1 
HETATM 629 O "O5'" . XEC E 1 2 ? 1.966   -8.115  -0.803  1.00 29.10 ? 10  XEC B "O5'" 1 
HETATM 630 P P     . XEC E 1 2 ? 0.425   -7.903  -0.243  1.00 31.42 ? 10  XEC B P     1 
HETATM 631 O OP1   . XEC E 1 2 ? 0.369   -7.062  0.990   1.00 30.62 ? 10  XEC B OP1   1 
HETATM 632 O OP2   . XEC E 1 2 ? -0.425  -7.512  -1.388  1.00 31.44 ? 10  XEC B OP2   1 
HETATM 633 P P     . 0G  E 1 3 ? 4.291   -5.491  -3.801  1.00 24.36 ? 11  0G  B P     1 
HETATM 634 O OP1   . 0G  E 1 3 ? 3.604   -5.002  -2.589  1.00 24.57 ? 11  0G  B OP1   1 
HETATM 635 O OP2   . 0G  E 1 3 ? 3.687   -5.228  -5.117  1.00 25.15 ? 11  0G  B OP2   1 
HETATM 636 O "O5'" . 0G  E 1 3 ? 5.804   -4.947  -3.804  1.00 23.51 ? 11  0G  B "O5'" 1 
HETATM 637 C "C5'" . 0G  E 1 3 ? 6.698   -5.466  -4.805  1.00 22.23 ? 11  0G  B "C5'" 1 
HETATM 638 C "C4'" . 0G  E 1 3 ? 8.131   -5.248  -4.332  1.00 21.03 ? 11  0G  B "C4'" 1 
HETATM 639 O "O4'" . 0G  E 1 3 ? 8.514   -5.992  -3.166  1.00 20.61 ? 11  0G  B "O4'" 1 
HETATM 640 C "C3'" . 0G  E 1 3 ? 8.332   -3.814  -3.930  1.00 20.29 ? 11  0G  B "C3'" 1 
HETATM 641 O "O3'" . 0G  E 1 3 ? 8.523   -2.971  -5.105  1.00 19.66 ? 11  0G  B "O3'" 1 
HETATM 642 C "C2'" . 0G  E 1 3 ? 9.572   -3.914  -3.143  1.00 20.21 ? 11  0G  B "C2'" 1 
HETATM 643 O "O2'" . 0G  E 1 3 ? 10.685  -4.234  -3.977  1.00 20.09 ? 11  0G  B "O2'" 1 
HETATM 644 C "C1'" . 0G  E 1 3 ? 9.260   -5.089  -2.317  1.00 20.47 ? 11  0G  B "C1'" 1 
HETATM 645 N N9    . 0G  E 1 3 ? 8.444   -4.787  -1.106  1.00 20.89 ? 11  0G  B N9    1 
HETATM 646 C C8    . 0G  E 1 3 ? 7.162   -5.076  -0.887  1.00 21.24 ? 11  0G  B C8    1 
HETATM 647 N N7    . 0G  E 1 3 ? 6.850   -4.675  0.340   1.00 21.33 ? 11  0G  B N7    1 
HETATM 648 C C6    . 0G  E 1 3 ? 8.160   -3.627  2.099   1.00 20.37 ? 11  0G  B C6    1 
HETATM 649 O O6    . 0G  E 1 3 ? 7.294   -3.534  2.967   1.00 20.01 ? 11  0G  B O6    1 
HETATM 650 C C5    . 0G  E 1 3 ? 7.938   -4.149  0.894   1.00 20.70 ? 11  0G  B C5    1 
HETATM 651 N N1    . 0G  E 1 3 ? 9.409   -3.171  2.392   1.00 20.48 ? 11  0G  B N1    1 
HETATM 652 C C2    . 0G  E 1 3 ? 10.419  -3.244  1.448   1.00 20.84 ? 11  0G  B C2    1 
HETATM 653 N N2    . 0G  E 1 3 ? 11.635  -2.794  1.713   1.00 21.35 ? 11  0G  B N2    1 
HETATM 654 N N3    . 0G  E 1 3 ? 10.151  -3.785  0.264   1.00 20.76 ? 11  0G  B N3    1 
HETATM 655 C C4    . 0G  E 1 3 ? 8.923   -4.227  -0.007  1.00 20.67 ? 11  0G  B C4    1 
HETATM 656 P P     . 0U  E 1 4 ? 7.730   -1.585  -5.214  1.00 19.16 ? 12  0U  B P     1 
HETATM 657 O OP1   . 0U  E 1 4 ? 6.559   -1.669  -4.312  1.00 19.16 ? 12  0U  B OP1   1 
HETATM 658 O OP2   . 0U  E 1 4 ? 7.520   -1.305  -6.645  1.00 18.91 ? 12  0U  B OP2   1 
HETATM 659 O "O5'" . 0U  E 1 4 ? 8.743   -0.530  -4.491  1.00 18.25 ? 12  0U  B "O5'" 1 
HETATM 660 C "C5'" . 0U  E 1 4 ? 10.123  -0.471  -4.883  1.00 17.47 ? 12  0U  B "C5'" 1 
HETATM 661 C "C4'" . 0U  E 1 4 ? 10.976  0.102   -3.751  1.00 16.93 ? 12  0U  B "C4'" 1 
HETATM 662 O "O4'" . 0U  E 1 4 ? 11.062  -0.728  -2.600  1.00 16.68 ? 12  0U  B "O4'" 1 
HETATM 663 C "C3'" . 0U  E 1 4 ? 10.430  1.396   -3.196  1.00 16.52 ? 12  0U  B "C3'" 1 
HETATM 664 O "O3'" . 0U  E 1 4 ? 10.686  2.478   -4.113  1.00 16.49 ? 12  0U  B "O3'" 1 
HETATM 665 C "C2'" . 0U  E 1 4 ? 11.243  1.540   -1.956  1.00 16.16 ? 12  0U  B "C2'" 1 
HETATM 666 O "O2'" . 0U  E 1 4 ? 12.581  1.865   -2.297  1.00 16.06 ? 12  0U  B "O2'" 1 
HETATM 667 C "C1'" . 0U  E 1 4 ? 11.186  0.130   -1.439  1.00 16.27 ? 12  0U  B "C1'" 1 
HETATM 668 N N1    . 0U  E 1 4 ? 10.001  -0.084  -0.591  1.00 15.95 ? 12  0U  B N1    1 
HETATM 669 C C2    . 0U  E 1 4 ? 10.019  0.314   0.680   1.00 16.12 ? 12  0U  B C2    1 
HETATM 670 O O2    . 0U  E 1 4 ? 11.001  0.873   1.168   1.00 16.91 ? 12  0U  B O2    1 
HETATM 671 N N3    . 0U  E 1 4 ? 8.906   0.121   1.470   1.00 16.04 ? 12  0U  B N3    1 
HETATM 672 C C4    . 0U  E 1 4 ? 7.779   -0.489  0.964   1.00 15.80 ? 12  0U  B C4    1 
HETATM 673 O O4    . 0U  E 1 4 ? 6.806   -0.665  1.687   1.00 15.90 ? 12  0U  B O4    1 
HETATM 674 C C5    . 0U  E 1 4 ? 7.763   -0.916  -0.340  1.00 15.72 ? 12  0U  B C5    1 
HETATM 675 C C6    . 0U  E 1 4 ? 8.873   -0.709  -1.118  1.00 15.76 ? 12  0U  B C6    1 
HETATM 676 P P     . 0A  E 1 5 ? 9.779   3.803   -4.057  1.00 16.54 ? 13  0A  B P     1 
HETATM 677 N N1    . 0A  E 1 5 ? 6.794   3.531   4.184   1.00 15.09 ? 13  0A  B N1    1 
HETATM 678 C C2    . 0A  E 1 5 ? 7.902   4.341   4.407   1.00 15.17 ? 13  0A  B C2    1 
HETATM 679 N N3    . 0A  E 1 5 ? 8.761   4.603   3.363   1.00 15.12 ? 13  0A  B N3    1 
HETATM 680 C C4    . 0A  E 1 5 ? 8.505   4.060   2.184   1.00 15.21 ? 13  0A  B C4    1 
HETATM 681 C C5    . 0A  E 1 5 ? 7.443   3.281   1.995   1.00 15.03 ? 13  0A  B C5    1 
HETATM 682 C C6    . 0A  E 1 5 ? 6.604   3.027   2.982   1.00 14.66 ? 13  0A  B C6    1 
HETATM 683 N N6    . 0A  E 1 5 ? 5.567   2.261   2.736   1.00 14.31 ? 13  0A  B N6    1 
HETATM 684 N N7    . 0A  E 1 5 ? 7.452   2.895   0.726   1.00 15.52 ? 13  0A  B N7    1 
HETATM 685 C C8    . 0A  E 1 5 ? 8.518   3.448   0.143   1.00 15.72 ? 13  0A  B C8    1 
HETATM 686 N N9    . 0A  E 1 5 ? 9.170   4.174   1.050   1.00 15.75 ? 13  0A  B N9    1 
HETATM 687 C "C1'" . 0A  E 1 5 ? 10.449  4.980   0.933   1.00 16.09 ? 13  0A  B "C1'" 1 
HETATM 688 C "C2'" . 0A  E 1 5 ? 10.216  6.479   0.880   1.00 15.98 ? 13  0A  B "C2'" 1 
HETATM 689 O "O2'" . 0A  E 1 5 ? 11.366  7.146   1.340   1.00 15.65 ? 13  0A  B "O2'" 1 
HETATM 690 C "C3'" . 0A  E 1 5 ? 10.076  6.681   -0.579  1.00 16.21 ? 13  0A  B "C3'" 1 
HETATM 691 O "O3'" . 0A  E 1 5 ? 10.270  8.069   -0.990  1.00 16.79 ? 13  0A  B "O3'" 1 
HETATM 692 C "C4'" . 0A  E 1 5 ? 11.180  5.858   -1.098  1.00 16.31 ? 13  0A  B "C4'" 1 
HETATM 693 O "O4'" . 0A  E 1 5 ? 11.155  4.653   -0.287  1.00 16.39 ? 13  0A  B "O4'" 1 
HETATM 694 C "C5'" . 0A  E 1 5 ? 10.888  5.563   -2.567  1.00 16.63 ? 13  0A  B "C5'" 1 
HETATM 695 O "O5'" . 0A  E 1 5 ? 10.124  4.389   -2.614  1.00 16.61 ? 13  0A  B "O5'" 1 
HETATM 696 O OP1   . 0A  E 1 5 ? 8.352   3.408   -3.990  1.00 16.15 ? 13  0A  B OP1   1 
HETATM 697 O OP2   . 0A  E 1 5 ? 10.239  4.699   -5.147  1.00 16.63 ? 13  0A  B OP2   1 
HETATM 698 P P     . 0C  E 1 6 ? 9.002   8.944   -1.502  1.00 17.88 ? 14  0C  B P     1 
HETATM 699 O OP1   . 0C  E 1 6 ? 7.992   7.996   -2.043  1.00 17.63 ? 14  0C  B OP1   1 
HETATM 700 O OP2   . 0C  E 1 6 ? 9.501   9.997   -2.403  1.00 18.00 ? 14  0C  B OP2   1 
HETATM 701 O "O5'" . 0C  E 1 6 ? 8.448   9.640   -0.100  1.00 16.94 ? 14  0C  B "O5'" 1 
HETATM 702 C "C5'" . 0C  E 1 6 ? 9.338   10.255  0.830   1.00 16.43 ? 14  0C  B "C5'" 1 
HETATM 703 C "C4'" . 0C  E 1 6 ? 8.728   10.097  2.212   1.00 16.46 ? 14  0C  B "C4'" 1 
HETATM 704 O "O4'" . 0C  E 1 6 ? 8.678   8.697   2.644   1.00 16.43 ? 14  0C  B "O4'" 1 
HETATM 705 C "C3'" . 0C  E 1 6 ? 7.275   10.610  2.345   1.00 16.38 ? 14  0C  B "C3'" 1 
HETATM 706 O "O3'" . 0C  E 1 6 ? 7.168   12.082  2.493   1.00 16.36 ? 14  0C  B "O3'" 1 
HETATM 707 C "C2'" . 0C  E 1 6 ? 6.946   10.023  3.656   1.00 16.46 ? 14  0C  B "C2'" 1 
HETATM 708 O "O2'" . 0C  E 1 6 ? 7.477   10.890  4.653   1.00 15.86 ? 14  0C  B "O2'" 1 
HETATM 709 C "C1'" . 0C  E 1 6 ? 7.626   8.636   3.631   1.00 16.75 ? 14  0C  B "C1'" 1 
HETATM 710 N N1    . 0C  E 1 6 ? 6.651   7.639   3.138   1.00 17.32 ? 14  0C  B N1    1 
HETATM 711 C C2    . 0C  E 1 6 ? 5.786   7.005   3.951   1.00 17.48 ? 14  0C  B C2    1 
HETATM 712 O O2    . 0C  E 1 6 ? 5.778   7.220   5.161   1.00 17.01 ? 14  0C  B O2    1 
HETATM 713 N N3    . 0C  E 1 6 ? 4.870   6.073   3.411   1.00 17.92 ? 14  0C  B N3    1 
HETATM 714 C C4    . 0C  E 1 6 ? 4.816   5.792   2.053   1.00 18.53 ? 14  0C  B C4    1 
HETATM 715 N N4    . 0C  E 1 6 ? 3.933   4.904   1.565   1.00 19.04 ? 14  0C  B N4    1 
HETATM 716 C C5    . 0C  E 1 6 ? 5.707   6.458   1.216   1.00 18.43 ? 14  0C  B C5    1 
HETATM 717 C C6    . 0C  E 1 6 ? 6.610   7.370   1.756   1.00 17.95 ? 14  0C  B C6    1 
HETATM 718 P P     . 0A  E 1 7 ? 5.867   12.878  1.922   1.00 16.60 ? 15  0A  B P     1 
HETATM 719 N N1    . 0A  E 1 7 ? 0.131   6.870   4.713   1.00 20.67 ? 15  0A  B N1    1 
HETATM 720 C C2    . 0A  E 1 7 ? 0.135   7.593   5.915   1.00 20.96 ? 15  0A  B C2    1 
HETATM 721 N N3    . 0A  E 1 7 ? 1.007   8.675   6.058   1.00 20.67 ? 15  0A  B N3    1 
HETATM 722 C C4    . 0A  E 1 7 ? 1.820   8.983   5.039   1.00 20.23 ? 15  0A  B C4    1 
HETATM 723 C C5    . 0A  E 1 7 ? 1.810   8.273   3.903   1.00 20.51 ? 15  0A  B C5    1 
HETATM 724 C C6    . 0A  E 1 7 ? 0.978   7.235   3.757   1.00 20.48 ? 15  0A  B C6    1 
HETATM 725 N N6    . 0A  E 1 7 ? 0.996   6.572   2.614   1.00 20.54 ? 15  0A  B N6    1 
HETATM 726 N N7    . 0A  E 1 7 ? 2.713   8.814   3.082   1.00 20.62 ? 15  0A  B N7    1 
HETATM 727 C C8    . 0A  E 1 7 ? 3.275   9.840   3.711   1.00 20.11 ? 15  0A  B C8    1 
HETATM 728 N N9    . 0A  E 1 7 ? 2.721   9.950   4.925   1.00 19.57 ? 15  0A  B N9    1 
HETATM 729 C "C1'" . 0A  E 1 7 ? 3.033   10.951  5.998   1.00 18.49 ? 15  0A  B "C1'" 1 
HETATM 730 C "C2'" . 0A  E 1 7 ? 2.123   12.156  5.953   1.00 17.88 ? 15  0A  B "C2'" 1 
HETATM 731 O "O2'" . 0A  E 1 7 ? 1.982   12.775  7.217   1.00 17.16 ? 15  0A  B "O2'" 1 
HETATM 732 C "C3'" . 0A  E 1 7 ? 2.914   13.034  5.032   1.00 18.09 ? 15  0A  B "C3'" 1 
HETATM 733 O "O3'" . 0A  E 1 7 ? 2.520   14.441  5.128   1.00 18.80 ? 15  0A  B "O3'" 1 
HETATM 734 C "C4'" . 0A  E 1 7 ? 4.315   12.830  5.523   1.00 17.52 ? 15  0A  B "C4'" 1 
HETATM 735 O "O4'" . 0A  E 1 7 ? 4.362   11.432  5.692   1.00 17.99 ? 15  0A  B "O4'" 1 
HETATM 736 C "C5'" . 0A  E 1 7 ? 5.390   13.218  4.494   1.00 17.18 ? 15  0A  B "C5'" 1 
HETATM 737 O "O5'" . 0A  E 1 7 ? 4.901   12.956  3.207   1.00 16.77 ? 15  0A  B "O5'" 1 
HETATM 738 O OP1   . 0A  E 1 7 ? 5.197   12.022  0.910   1.00 16.62 ? 15  0A  B OP1   1 
HETATM 739 O OP2   . 0A  E 1 7 ? 6.299   14.225  1.507   1.00 16.25 ? 15  0A  B OP2   1 
HETATM 740 P P     . 0C  E 1 8 ? 1.096   14.916  4.536   1.00 18.24 ? 16  0C  B P     1 
HETATM 741 O OP1   . 0C  E 1 8 ? 0.918   14.255  3.208   1.00 17.65 ? 16  0C  B OP1   1 
HETATM 742 O OP2   . 0C  E 1 8 ? 1.060   16.429  4.581   1.00 17.20 ? 16  0C  B OP2   1 
HETATM 743 O "O5'" . 0C  E 1 8 ? 0.076   14.192  5.601   1.00 16.96 ? 16  0C  B "O5'" 1 
HETATM 744 C "C5'" . 0C  E 1 8 ? -1.328  14.335  5.507   1.00 16.65 ? 16  0C  B "C5'" 1 
HETATM 745 C "C4'" . 0C  E 1 8 ? -1.894  13.136  6.228   1.00 16.27 ? 16  0C  B "C4'" 1 
HETATM 746 O "O4'" . 0C  E 1 8 ? -1.078  11.914  6.169   1.00 16.15 ? 16  0C  B "O4'" 1 
HETATM 747 C "C3'" . 0C  E 1 8 ? -3.157  12.785  5.505   1.00 16.01 ? 16  0C  B "C3'" 1 
HETATM 748 O "O3'" . 0C  E 1 8 ? -4.206  13.530  6.047   1.00 15.99 ? 16  0C  B "O3'" 1 
HETATM 749 C "C2'" . 0C  E 1 8 ? -3.353  11.340  5.822   1.00 15.69 ? 16  0C  B "C2'" 1 
HETATM 750 O "O2'" . 0C  E 1 8 ? -3.916  11.213  7.105   1.00 15.81 ? 16  0C  B "O2'" 1 
HETATM 751 C "C1'" . 0C  E 1 8 ? -1.937  10.793  5.807   1.00 15.30 ? 16  0C  B "C1'" 1 
HETATM 752 N N1    . 0C  E 1 8 ? -1.586  10.304  4.462   1.00 14.59 ? 16  0C  B N1    1 
HETATM 753 C C2    . 0C  E 1 8 ? -2.220  9.235   3.974   1.00 14.35 ? 16  0C  B C2    1 
HETATM 754 O O2    . 0C  E 1 8 ? -3.084  8.635   4.606   1.00 14.20 ? 16  0C  B O2    1 
HETATM 755 N N3    . 0C  E 1 8 ? -1.897  8.777   2.721   1.00 14.30 ? 16  0C  B N3    1 
HETATM 756 C C4    . 0C  E 1 8 ? -0.936  9.376   1.939   1.00 14.00 ? 16  0C  B C4    1 
HETATM 757 N N4    . 0C  E 1 8 ? -0.701  8.857   0.746   1.00 13.65 ? 16  0C  B N4    1 
HETATM 758 C C5    . 0C  E 1 8 ? -0.272  10.488  2.418   1.00 14.01 ? 16  0C  B C5    1 
HETATM 759 C C6    . 0C  E 1 8 ? -0.598  10.950  3.683   1.00 14.26 ? 16  0C  B C6    1 
HETATM 760 O OP3   . 0G  F 1 3 ? 5.070   -14.835 19.634  0.40 24.11 ? 17  0G  F OP3   1 
HETATM 761 P P     . 0U  F 1 4 ? 5.830   -16.012 18.848  0.40 24.12 ? 18  0U  F P     1 
HETATM 762 O OP1   . 0U  F 1 4 ? 6.159   -17.081 19.830  0.40 23.94 ? 18  0U  F OP1   1 
HETATM 763 O OP2   . 0U  F 1 4 ? 6.918   -15.388 18.048  0.40 23.83 ? 18  0U  F OP2   1 
HETATM 764 O "O5'" . 0U  F 1 4 ? 4.684   -16.577 17.866  0.40 22.87 ? 18  0U  F "O5'" 1 
HETATM 765 C "C5'" . 0U  F 1 4 ? 3.315   -16.260 18.123  0.40 21.70 ? 18  0U  F "C5'" 1 
HETATM 766 C "C4'" . 0U  F 1 4 ? 2.713   -17.584 18.528  0.40 20.81 ? 18  0U  F "C4'" 1 
HETATM 767 O "O4'" . 0U  F 1 4 ? 3.767   -18.559 18.739  0.40 20.65 ? 18  0U  F "O4'" 1 
HETATM 768 C "C3'" . 0U  F 1 4 ? 1.884   -18.135 17.386  0.40 20.17 ? 18  0U  F "C3'" 1 
HETATM 769 O "O3'" . 0U  F 1 4 ? 0.516   -17.662 17.446  0.40 19.18 ? 18  0U  F "O3'" 1 
HETATM 770 C "C2'" . 0U  F 1 4 ? 1.932   -19.592 17.725  0.40 20.31 ? 18  0U  F "C2'" 1 
HETATM 771 O "O2'" . 0U  F 1 4 ? 1.161   -19.835 18.888  0.40 20.05 ? 18  0U  F "O2'" 1 
HETATM 772 C "C1'" . 0U  F 1 4 ? 3.386   -19.772 18.051  0.40 20.70 ? 18  0U  F "C1'" 1 
HETATM 773 N N1    . 0U  F 1 4 ? 4.139   -19.933 16.792  0.40 21.18 ? 18  0U  F N1    1 
HETATM 774 C C2    . 0U  F 1 4 ? 3.658   -20.768 15.847  0.40 21.41 ? 18  0U  F C2    1 
HETATM 775 O O2    . 0U  F 1 4 ? 2.605   -21.386 16.049  0.40 21.19 ? 18  0U  F O2    1 
HETATM 776 N N3    . 0U  F 1 4 ? 4.356   -20.936 14.631  0.40 21.45 ? 18  0U  F N3    1 
HETATM 777 C C4    . 0U  F 1 4 ? 5.553   -20.225 14.406  0.40 21.45 ? 18  0U  F C4    1 
HETATM 778 O O4    . 0U  F 1 4 ? 6.172   -20.360 13.348  0.40 20.94 ? 18  0U  F O4    1 
HETATM 779 C C5    . 0U  F 1 4 ? 6.032   -19.362 15.394  0.40 21.45 ? 18  0U  F C5    1 
HETATM 780 C C6    . 0U  F 1 4 ? 5.328   -19.211 16.586  0.40 21.28 ? 18  0U  F C6    1 
HETATM 781 P P     . 0A  F 1 5 ? 0.012   -16.415 16.616  0.40 17.82 ? 19  0A  F P     1 
HETATM 782 N N1    . 0A  F 1 5 ? 2.033   -22.248 11.639  0.40 15.43 ? 19  0A  F N1    1 
HETATM 783 C C2    . 0A  F 1 5 ? 0.781   -22.730 11.998  0.40 15.54 ? 19  0A  F C2    1 
HETATM 784 N N3    . 0A  F 1 5 ? 0.050   -22.045 12.969  0.40 15.69 ? 19  0A  F N3    1 
HETATM 785 C C4    . 0A  F 1 5 ? 0.560   -20.938 13.535  0.40 15.81 ? 19  0A  F C4    1 
HETATM 786 C C5    . 0A  F 1 5 ? 1.769   -20.506 13.164  0.40 15.67 ? 19  0A  F C5    1 
HETATM 787 C C6    . 0A  F 1 5 ? 2.480   -21.150 12.242  0.40 15.45 ? 19  0A  F C6    1 
HETATM 788 N N6    . 0A  F 1 5 ? 3.667   -20.645 11.949  0.40 15.41 ? 19  0A  F N6    1 
HETATM 789 N N7    . 0A  F 1 5 ? 2.033   -19.411 13.870  0.40 15.78 ? 19  0A  F N7    1 
HETATM 790 C C8    . 0A  F 1 5 ? 0.997   -19.163 14.670  0.40 15.83 ? 19  0A  F C8    1 
HETATM 791 N N9    . 0A  F 1 5 ? 0.081   -20.103 14.469  0.40 15.82 ? 19  0A  F N9    1 
HETATM 792 C "C1'" . 0A  F 1 5 ? -1.219  -20.135 15.199  0.40 15.83 ? 19  0A  F "C1'" 1 
HETATM 793 C "C2'" . 0A  F 1 5 ? -2.348  -19.483 14.407  0.40 15.87 ? 19  0A  F "C2'" 1 
HETATM 794 O "O2'" . 0A  F 1 5 ? -3.584  -20.125 14.729  0.40 15.51 ? 19  0A  F "O2'" 1 
HETATM 795 C "C3'" . 0A  F 1 5 ? -2.377  -18.096 14.985  0.40 16.08 ? 19  0A  F "C3'" 1 
HETATM 796 O "O3'" . 0A  F 1 5 ? -3.591  -17.366 14.578  0.40 16.00 ? 19  0A  F "O3'" 1 
HETATM 797 C "C4'" . 0A  F 1 5 ? -2.362  -18.547 16.435  0.40 16.26 ? 19  0A  F "C4'" 1 
HETATM 798 O "O4'" . 0A  F 1 5 ? -1.143  -19.335 16.408  0.40 16.09 ? 19  0A  F "O4'" 1 
HETATM 799 C "C5'" . 0A  F 1 5 ? -2.313  -17.395 17.462  0.40 16.49 ? 19  0A  F "C5'" 1 
HETATM 800 O "O5'" . 0A  F 1 5 ? -1.552  -16.362 16.875  0.40 17.22 ? 19  0A  F "O5'" 1 
HETATM 801 O OP1   . 0A  F 1 5 ? 0.103   -16.841 15.317  0.40 17.60 ? 19  0A  F OP1   1 
HETATM 802 O OP2   . 0A  F 1 5 ? 0.673   -15.261 16.914  0.40 17.51 ? 19  0A  F OP2   1 
HETATM 803 P P     . 0C  F 1 6 ? -3.576  -16.456 13.248  0.50 15.51 ? 20  0C  F P     1 
HETATM 804 O OP1   . 0C  F 1 6 ? -2.168  -16.066 12.989  0.50 15.09 ? 20  0C  F OP1   1 
HETATM 805 O OP2   . 0C  F 1 6 ? -4.620  -15.400 13.401  0.50 15.13 ? 20  0C  F OP2   1 
HETATM 806 O "O5'" . 0C  F 1 6 ? -4.023  -17.532 12.088  0.50 15.70 ? 20  0C  F "O5'" 1 
HETATM 807 C "C5'" . 0C  F 1 6 ? -4.803  -18.699 12.458  0.50 15.65 ? 20  0C  F "C5'" 1 
HETATM 808 C "C4'" . 0C  F 1 6 ? -4.663  -19.744 11.335  0.50 15.53 ? 20  0C  F "C4'" 1 
HETATM 809 O "O4'" . 0C  F 1 6 ? -3.468  -20.549 11.497  0.50 15.53 ? 20  0C  F "O4'" 1 
HETATM 810 C "C3'" . 0C  F 1 6 ? -4.465  -19.123 9.944   0.50 15.53 ? 20  0C  F "C3'" 1 
HETATM 811 O "O3'" . 0C  F 1 6 ? -5.722  -18.442 9.499   0.50 14.99 ? 20  0C  F "O3'" 1 
HETATM 812 C "C2'" . 0C  F 1 6 ? -3.944  -20.351 9.141   0.50 15.70 ? 20  0C  F "C2'" 1 
HETATM 813 O "O2'" . 0C  F 1 6 ? -4.903  -21.428 8.991   0.50 15.78 ? 20  0C  F "O2'" 1 
HETATM 814 C "C1'" . 0C  F 1 6 ? -2.979  -20.942 10.165  0.50 15.70 ? 20  0C  F "C1'" 1 
HETATM 815 N N1    . 0C  F 1 6 ? -1.591  -20.413 10.039  0.50 15.92 ? 20  0C  F N1    1 
HETATM 816 C C2    . 0C  F 1 6 ? -0.617  -21.235 9.627   0.50 15.84 ? 20  0C  F C2    1 
HETATM 817 O O2    . 0C  F 1 6 ? -0.902  -22.403 9.354   0.50 15.75 ? 20  0C  F O2    1 
HETATM 818 N N3    . 0C  F 1 6 ? 0.706   -20.763 9.511   0.50 15.65 ? 20  0C  F N3    1 
HETATM 819 C C4    . 0C  F 1 6 ? 1.026   -19.437 9.817   0.50 15.53 ? 20  0C  F C4    1 
HETATM 820 N N4    . 0C  F 1 6 ? 2.270   -18.991 9.706   0.50 15.35 ? 20  0C  F N4    1 
HETATM 821 C C5    . 0C  F 1 6 ? 0.022   -18.588 10.245  0.50 15.74 ? 20  0C  F C5    1 
HETATM 822 C C6    . 0C  F 1 6 ? -1.285  -19.068 10.364  0.50 15.94 ? 20  0C  F C6    1 
HETATM 823 P P     . 0A  F 1 7 ? -6.336  -18.662 8.029   0.40 14.09 ? 21  0A  F P     1 
HETATM 824 N N1    . 0A  F 1 7 ? 2.404   -19.122 4.840   0.40 12.36 ? 21  0A  F N1    1 
HETATM 825 C C2    . 0A  F 1 7 ? 1.810   -19.892 3.835   0.40 12.26 ? 21  0A  F C2    1 
HETATM 826 N N3    . 0A  F 1 7 ? 0.424   -20.045 3.859   0.40 12.25 ? 21  0A  F N3    1 
HETATM 827 C C4    . 0A  F 1 7 ? -0.302  -19.453 4.831   0.40 12.26 ? 21  0A  F C4    1 
HETATM 828 C C5    . 0A  F 1 7 ? 0.289   -18.719 5.782   0.40 12.28 ? 21  0A  F C5    1 
HETATM 829 C C6    . 0A  F 1 7 ? 1.622   -18.560 5.779   0.40 12.36 ? 21  0A  F C6    1 
HETATM 830 N N6    . 0A  F 1 7 ? 2.145   -17.817 6.752   0.40 12.34 ? 21  0A  F N6    1 
HETATM 831 N N7    . 0A  F 1 7 ? -0.668  -18.272 6.596   0.40 12.11 ? 21  0A  F N7    1 
HETATM 832 C C8    . 0A  F 1 7 ? -1.838  -18.720 6.152   0.40 12.10 ? 21  0A  F C8    1 
HETATM 833 N N9    . 0A  F 1 7 ? -1.617  -19.450 5.062   0.40 12.13 ? 21  0A  F N9    1 
HETATM 834 C "C1'" . 0A  F 1 7 ? -2.580  -20.189 4.167   0.40 12.03 ? 21  0A  F "C1'" 1 
HETATM 835 C "C2'" . 0A  F 1 7 ? -3.240  -19.282 3.199   0.40 11.82 ? 21  0A  F "C2'" 1 
HETATM 836 O "O2'" . 0A  F 1 7 ? -3.962  -20.110 2.293   0.40 11.64 ? 21  0A  F "O2'" 1 
HETATM 837 C "C3'" . 0A  F 1 7 ? -4.161  -18.525 4.141   0.40 11.81 ? 21  0A  F "C3'" 1 
HETATM 838 O "O3'" . 0A  F 1 7 ? -5.360  -18.107 3.510   0.40 11.30 ? 21  0A  F "O3'" 1 
HETATM 839 C "C4'" . 0A  F 1 7 ? -4.552  -19.592 5.153   0.40 12.26 ? 21  0A  F "C4'" 1 
HETATM 840 O "O4'" . 0A  F 1 7 ? -3.748  -20.732 4.822   0.40 12.18 ? 21  0A  F "O4'" 1 
HETATM 841 C "C5'" . 0A  F 1 7 ? -4.369  -18.984 6.515   0.40 12.79 ? 21  0A  F "C5'" 1 
HETATM 842 O "O5'" . 0A  F 1 7 ? -5.359  -19.674 7.262   0.40 13.52 ? 21  0A  F "O5'" 1 
HETATM 843 O OP1   . 0A  F 1 7 ? -6.224  -17.381 7.296   0.40 13.98 ? 21  0A  F OP1   1 
HETATM 844 O OP2   . 0A  F 1 7 ? -7.663  -19.307 8.189   0.40 13.90 ? 21  0A  F OP2   1 
HETATM 845 P P     . 0C  F 1 8 ? -5.397  -16.791 2.612   0.40 10.66 ? 22  0C  F P     1 
HETATM 846 O OP1   . 0C  F 1 8 ? -5.651  -15.645 3.511   0.40 10.62 ? 22  0C  F OP1   1 
HETATM 847 O OP2   . 0C  F 1 8 ? -6.342  -17.045 1.510   0.40 10.71 ? 22  0C  F OP2   1 
HETATM 848 O "O5'" . 0C  F 1 8 ? -3.872  -16.708 2.006   0.40 10.33 ? 22  0C  F "O5'" 1 
HETATM 849 C "C5'" . 0C  F 1 8 ? -3.546  -15.949 0.830   0.40 9.92  ? 22  0C  F "C5'" 1 
HETATM 850 C "C4'" . 0C  F 1 8 ? -2.248  -16.554 0.318   0.40 9.72  ? 22  0C  F "C4'" 1 
HETATM 851 O "O4'" . 0C  F 1 8 ? -1.532  -17.268 1.367   0.40 9.59  ? 22  0C  F "O4'" 1 
HETATM 852 C "C3'" . 0C  F 1 8 ? -1.279  -15.468 -0.126  0.40 9.60  ? 22  0C  F "C3'" 1 
HETATM 853 O "O3'" . 0C  F 1 8 ? -1.511  -15.107 -1.482  0.40 9.56  ? 22  0C  F "O3'" 1 
HETATM 854 C "C2'" . 0C  F 1 8 ? 0.062   -16.161 0.008   0.40 9.50  ? 22  0C  F "C2'" 1 
HETATM 855 O "O2'" . 0C  F 1 8 ? 0.276   -17.096 -1.056  0.40 9.45  ? 22  0C  F "O2'" 1 
HETATM 856 C "C1'" . 0C  F 1 8 ? -0.108  -16.911 1.305   0.40 9.41  ? 22  0C  F "C1'" 1 
HETATM 857 N N1    . 0C  F 1 8 ? 0.269   -16.060 2.462   0.40 9.17  ? 22  0C  F N1    1 
HETATM 858 C C2    . 0C  F 1 8 ? 1.554   -15.789 2.695   0.40 8.97  ? 22  0C  F C2    1 
HETATM 859 O O2    . 0C  F 1 8 ? 2.387   -16.265 1.930   0.40 8.83  ? 22  0C  F O2    1 
HETATM 860 N N3    . 0C  F 1 8 ? 1.932   -14.984 3.786   0.40 8.91  ? 22  0C  F N3    1 
HETATM 861 C C4    . 0C  F 1 8 ? 0.949   -14.466 4.641   0.40 8.89  ? 22  0C  F C4    1 
HETATM 862 N N4    . 0C  F 1 8 ? 1.254   -13.704 5.682   0.40 8.78  ? 22  0C  F N4    1 
HETATM 863 C C5    . 0C  F 1 8 ? -0.379  -14.751 4.391   0.40 8.99  ? 22  0C  F C5    1 
HETATM 864 C C6    . 0C  F 1 8 ? -0.723  -15.545 3.305   0.40 9.09  ? 22  0C  F C6    1 
HETATM 865 S S     . SO4 G 2 . ? 6.821   -4.933  8.631   0.60 22.64 ? 101 SO4 A S     1 
HETATM 866 O O1    . SO4 G 2 . ? 6.441   -5.094  10.017  0.60 22.58 ? 101 SO4 A O1    1 
HETATM 867 O O2    . SO4 G 2 . ? 7.896   -5.843  8.324   0.60 22.19 ? 101 SO4 A O2    1 
HETATM 868 O O3    . SO4 G 2 . ? 7.256   -3.579  8.397   0.60 22.17 ? 101 SO4 A O3    1 
HETATM 869 O O4    . SO4 G 2 . ? 5.687   -5.214  7.790   0.60 22.16 ? 101 SO4 A O4    1 
HETATM 870 S S     . SO4 H 2 . ? 9.596   15.675  -2.877  0.20 39.00 ? 101 SO4 B S     1 
HETATM 871 O O1    . SO4 H 2 . ? 10.942  15.515  -3.355  0.20 38.62 ? 101 SO4 B O1    1 
HETATM 872 O O2    . SO4 H 2 . ? 8.831   14.501  -3.197  0.20 38.62 ? 101 SO4 B O2    1 
HETATM 873 O O3    . SO4 H 2 . ? 8.994   16.827  -3.494  0.20 38.24 ? 101 SO4 B O3    1 
HETATM 874 O O4    . SO4 H 2 . ? 9.615   15.856  -1.448  0.20 38.62 ? 101 SO4 B O4    1 
HETATM 875 S S     . SO4 I 2 . ? -8.261  -29.205 28.486  0.50 16.89 ? 101 SO4 F S     1 
HETATM 876 O O1    . SO4 I 2 . ? -7.778  -30.055 29.536  0.50 17.15 ? 101 SO4 F O1    1 
HETATM 877 O O2    . SO4 I 2 . ? -8.855  -30.019 27.462  0.50 16.78 ? 101 SO4 F O2    1 
HETATM 878 O O3    . SO4 I 2 . ? -7.163  -28.457 27.936  0.50 16.65 ? 101 SO4 F O3    1 
HETATM 879 O O4    . SO4 I 2 . ? -9.245  -28.296 29.014  0.50 16.82 ? 101 SO4 F O4    1 
HETATM 880 S S     . SO4 J 2 . ? 11.705  -16.238 18.408  0.50 33.58 ? 102 SO4 F S     1 
HETATM 881 O O1    . SO4 J 2 . ? 12.382  -15.257 19.219  0.50 33.96 ? 102 SO4 F O1    1 
HETATM 882 O O2    . SO4 J 2 . ? 12.120  -17.559 18.822  0.50 32.80 ? 102 SO4 F O2    1 
HETATM 883 O O3    . SO4 J 2 . ? 12.051  -16.050 17.024  0.50 32.65 ? 102 SO4 F O3    1 
HETATM 884 O O4    . SO4 J 2 . ? 10.282  -16.079 18.574  0.50 31.80 ? 102 SO4 F O4    1 
HETATM 885 S S     . SO4 K 2 . ? 15.208  -18.329 15.497  0.50 33.51 ? 103 SO4 F S     1 
HETATM 886 O O1    . SO4 K 2 . ? 14.496  -18.046 16.723  0.50 32.21 ? 103 SO4 F O1    1 
HETATM 887 O O2    . SO4 K 2 . ? 16.232  -19.317 15.740  0.50 32.63 ? 103 SO4 F O2    1 
HETATM 888 O O3    . SO4 K 2 . ? 15.816  -17.126 15.003  0.50 33.23 ? 103 SO4 F O3    1 
HETATM 889 O O4    . SO4 K 2 . ? 14.288  -18.823 14.507  0.50 33.03 ? 103 SO4 F O4    1 
HETATM 890 O O     . HOH L 3 . ? -3.087  7.378   -7.627  1.00 0.50  ? 101 HOH C O     1 
HETATM 891 O O     . HOH L 3 . ? -3.071  14.259  -17.946 1.00 0.50  ? 102 HOH C O     1 
HETATM 892 O O     . HOH L 3 . ? -11.232 2.801   -15.233 0.33 0.50  ? 103 HOH C O     1 
HETATM 893 O O     . HOH M 3 . ? -2.388  -0.213  -3.277  1.00 15.43 ? 201 HOH A O     1 
HETATM 894 O O     . HOH M 3 . ? 0.422   1.987   -0.120  1.00 0.60  ? 202 HOH A O     1 
HETATM 895 O O     . HOH M 3 . ? 4.847   8.382   10.237  1.00 0.50  ? 203 HOH A O     1 
HETATM 896 O O     . HOH M 3 . ? 16.593  2.298   4.273   0.33 0.50  ? 204 HOH A O     1 
HETATM 897 O O     . HOH M 3 . ? 21.467  -7.023  9.255   0.33 0.50  ? 205 HOH A O     1 
HETATM 898 O O     . HOH M 3 . ? -11.586 7.556   12.691  0.33 26.14 ? 206 HOH A O     1 
HETATM 899 O O     . HOH N 3 . ? 1.257   -28.636 11.618  1.00 17.31 ? 101 HOH E O     1 
HETATM 900 O O     . HOH O 3 . ? -18.235 16.191  -22.390 0.33 6.31  ? 101 HOH D O     1 
HETATM 901 O O     . HOH P 3 . ? 6.113   11.845  -2.058  1.00 0.50  ? 201 HOH B O     1 
HETATM 902 O O     . HOH Q 3 . ? -2.756  -14.488 18.744  1.00 11.25 ? 201 HOH F O     1 
HETATM 903 O O     . HOH Q 3 . ? 0.262   -19.176 -3.486  0.33 3.94  ? 202 HOH F O     1 
HETATM 904 O O     . HOH Q 3 . ? -5.827  -12.763 11.648  1.00 18.86 ? 203 HOH F O     1 
HETATM 905 O O     . HOH Q 3 . ? 8.102   -21.038 17.115  1.00 17.63 ? 204 HOH F O     1 
HETATM 906 O O     . HOH Q 3 . ? 0.710   -12.344 19.995  1.00 3.29  ? 205 HOH F O     1 
HETATM 907 O O     . HOH Q 3 . ? -4.010  -6.930  20.433  0.33 32.26 ? 206 HOH F O     1 
HETATM 908 O O     . HOH Q 3 . ? 6.447   -30.736 24.251  1.00 12.21 ? 207 HOH F O     1 
# 
